data_8VQY
#
_entry.id   8VQY
#
_cell.length_a   1.00
_cell.length_b   1.00
_cell.length_c   1.00
_cell.angle_alpha   90.00
_cell.angle_beta   90.00
_cell.angle_gamma   90.00
#
_symmetry.space_group_name_H-M   'P 1'
#
loop_
_entity.id
_entity.type
_entity.pdbx_description
1 polymer 'Gamma-aminobutyric acid receptor subunit beta-2'
2 polymer 'Gamma-aminobutyric acid receptor subunit alpha-1'
3 polymer 'Gamma-aminobutyric acid receptor subunit gamma-2'
4 polymer 'Kappa FAB light chain'
5 polymer 'IGG2B FAB heavy chain'
6 branched 2-acetamido-2-deoxy-beta-D-glucopyranose-(1-4)-2-acetamido-2-deoxy-beta-D-glucopyranose
7 branched alpha-D-mannopyranose-(1-3)-[alpha-D-mannopyranose-(1-6)]beta-D-mannopyranose-(1-4)-2-acetamido-2-deoxy-beta-D-glucopyranose-(1-4)-2-acetamido-2-deoxy-beta-D-glucopyranose
8 branched alpha-D-mannopyranose-(1-2)-alpha-D-mannopyranose-(1-2)-alpha-D-mannopyranose-(1-3)-[alpha-D-mannopyranose-(1-2)-alpha-D-mannopyranose-(1-6)-[alpha-D-mannopyranose-(1-3)]alpha-D-mannopyranose-(1-6)]beta-D-mannopyranose-(1-4)-2-acetamido-2-deoxy-beta-D-glucopyranose-(1-4)-2-acetamido-2-deoxy-beta-D-glucopyranose
9 non-polymer 'GAMMA-AMINO-BUTANOIC ACID'
10 non-polymer 2-methyl-3-(2-methylphenyl)quinazolin-4(3H)-one
11 non-polymer PHOSPHATIDYLETHANOLAMINE
12 non-polymer O-[(R)-[(2S)-2-(hexadecanoyloxy)-3-(octadecanoyloxy)propoxy](hydroxy)phosphoryl]-D-serine
#
loop_
_entity_poly.entity_id
_entity_poly.type
_entity_poly.pdbx_seq_one_letter_code
_entity_poly.pdbx_strand_id
1 'polypeptide(L)'
;QSVNDPSNMSLVKETVDRLLKGYDIRLRPDFGGPPVAVGMNIDIASIDMVSEVNMDYTLTMYFQQAWRDKRLSYNVIPLN
LTLDNRVADQLWVPDTYFLNDKKSFVHGVTVKNRMIRLHPDGTVLYGLRITTTAACMMDLRRYPLDEQNCTLEIESYGYT
TDDIEFYWRGDDNAVTGVTKIELPQFSIVDYKLITKKVVFSTGSYPRLSLSFKLKRNIGYFILQTYMPSILITILSWVSF
WINYDASAARVALGITTVLTMTTINTHLRETLPKIPYVKAIDMYLMGCFVFVFMALLEYALVNYIFFSQPARAAAIDRWS
RIFFPVVFSFFNIVYWLYYVNVDGSGATNFSLLKQAGDVEENPG
;
A,C
2 'polypeptide(L)'
;QPSLQDELKDNTTVFTRILDRLLDGYDNRLRPGLGERVTEVKTDIFVTSFGPVSDHDMEYTIDVFFRQSWKDERLKFKGP
MTVLRLNNLMASKIWTPDTFFHNGKKSVAHNMTMPNKLLRITEDGTLLYTMRLTVRAECPMHLEDFPMDAHACPLKFGSY
AYTRAEVVYEWTREPARSVVVAEDGSRLNQYDLLGQTVDSGIVQSSTGEYVVMTTHFHLKRKIGYFVIQTYLPCIMTVIL
SQVSFWLNRESVPARTVFGVTTVLTMTTLSISARNSLPKVAYATAMDWFIAVCYAFVFSALIEFATVNYFTKSQPARAAK
IDRLSRIAFPLLFGIFNLVYWATYLNREPQLKAPTPHQ
;
B,D
3 'polypeptide(L)'
;WSHPQFEKGGGSGGGSGGSSAWSHPQFEKLEVLFQGPQKSDDDYEDYASNKTWVLTPKVPEGDVTVILNNLLEGYDNKLR
PDIGVKPTLIHTDMYVNSIGPVNAINMEYTIDIFFAQTWYDRRLKFNSTIKVLRLNSNMVGKIWIPDTFFRNSKKADAHW
ITTPNRMLRIWNDGRVLYTLRLTIDAECQLQLHNFPMDEHSCPLEFSSYGYPREEIVYQWKRSSVEVGDTRSWRLYQFSF
VGLRNTTEVVKTTSGDYVVMSVYFDLSRRMGYFTIQTYIPCTLIVVLSWVSFWINKDAVPARTSLGITTVLTMTTLSTIA
RKSLPKVSYVTAMDLFVSVCFIFVFSALVEYGTLHYFVSSQPARAAKMDSYARIFFPTAFCLFNLVYWVSYLYLSRGSGA
TNFSLLKQAGDVEENPG
;
E
4 'polypeptide(L)'
;NIVMTQSPKSMSMSVGERVTLSCKASEYVGTYVSWYQQKPEQSPKLLIYGASNRYTGVPDRFTGSGSATDFTLTIGSVQA
EDLADYHCGQSYSYPTFGAGTKLELKRADAAPTVSIFPPSSEQLTSGGASVVCFLNNFYPKDINVKWKIDGSERQNGVLN
SWTDQDSKDSTYSMSSTLTLTKDEYERHNSYTCEATHKTSTSPIVKSFNRNEC
;
I,L
5 'polypeptide(L)'
;EVQLQQSGAELVKPGASVKLSCTASGFNIKDTYMYWVKQRPEQGLEWIGRIDPANGDTKYDPKFQGKATITTDTFSNTAY
LQLSSLTSEDTAVYYCARKGLRWAMDYWGQGTSVTVSTAKTTPPSVYPLAPGCGDTTGSSVTLGCLVKGYFPESVTVTWN
SGSLSSSVHTFPALLQSGLYTMSSSVTVPSSTWPSQTVTCSVAHPASSTTVDKKLEPSGPISTINPCPPCKECHKCPAPN
LEGGPSVFIFPPNIKDVLMISLTPKVTCVVVDVSEDDPDVQISWFVNNVEVHTAQTQTHREDYNSTIRVVSTLPIQHQDW
MSGKEFKCKVNNKDLPSPIERTISKIKGLVRAPQVYILPPPAEQLSRKDVSLTCLVVGFNPGDISVEWTSNGHTEENYKD
TAPVLDSDGSYFIYSKLNMKTSKWEKTDSFSCNVRHEGLKNYYLKKTISRSPGK
;
J,K
#
loop_
_chem_comp.id
_chem_comp.type
_chem_comp.name
_chem_comp.formula
A1ADG non-polymer 2-methyl-3-(2-methylphenyl)quinazolin-4(3H)-one 'C16 H14 N2 O'
ABU non-polymer 'GAMMA-AMINO-BUTANOIC ACID' 'C4 H9 N O2'
BMA D-saccharide, beta linking beta-D-mannopyranose 'C6 H12 O6'
MAN D-saccharide, alpha linking alpha-D-mannopyranose 'C6 H12 O6'
NAG D-saccharide, beta linking 2-acetamido-2-deoxy-beta-D-glucopyranose 'C8 H15 N O6'
PTY non-polymer PHOSPHATIDYLETHANOLAMINE 'C40 H80 N O8 P'
Q3G non-polymer O-[(R)-[(2S)-2-(hexadecanoyloxy)-3-(octadecanoyloxy)propoxy](hydroxy)phosphoryl]-D-serine 'C40 H78 N O10 P'
#
# COMPACT_ATOMS: atom_id res chain seq x y z
N SER A 7 29.92 33.89 -33.22
CA SER A 7 28.74 33.97 -32.35
C SER A 7 29.03 33.31 -31.01
N ASN A 8 28.48 33.88 -29.94
CA ASN A 8 28.76 33.35 -28.61
C ASN A 8 28.14 31.98 -28.41
N MET A 9 27.04 31.70 -29.11
CA MET A 9 26.46 30.36 -29.04
C MET A 9 27.43 29.31 -29.57
N SER A 10 28.09 29.59 -30.69
CA SER A 10 29.05 28.64 -31.23
C SER A 10 30.23 28.46 -30.29
N LEU A 11 30.70 29.54 -29.68
CA LEU A 11 31.80 29.45 -28.74
C LEU A 11 31.42 28.57 -27.56
N VAL A 12 30.24 28.79 -26.98
CA VAL A 12 29.81 27.98 -25.85
C VAL A 12 29.67 26.52 -26.27
N LYS A 13 29.10 26.28 -27.45
CA LYS A 13 28.90 24.91 -27.89
C LYS A 13 30.22 24.18 -28.06
N GLU A 14 31.19 24.82 -28.72
CA GLU A 14 32.48 24.18 -28.90
C GLU A 14 33.19 23.98 -27.57
N THR A 15 33.06 24.95 -26.65
CA THR A 15 33.69 24.80 -25.34
C THR A 15 33.13 23.58 -24.61
N VAL A 16 31.79 23.44 -24.61
CA VAL A 16 31.18 22.33 -23.89
C VAL A 16 31.55 21.01 -24.57
N ASP A 17 31.57 20.98 -25.90
CA ASP A 17 31.95 19.76 -26.60
C ASP A 17 33.38 19.36 -26.26
N ARG A 18 34.29 20.33 -26.23
CA ARG A 18 35.67 20.02 -25.86
C ARG A 18 35.75 19.52 -24.42
N LEU A 19 35.00 20.14 -23.51
CA LEU A 19 35.05 19.72 -22.11
C LEU A 19 34.55 18.29 -21.95
N LEU A 20 33.51 17.91 -22.68
CA LEU A 20 32.93 16.59 -22.54
C LEU A 20 33.61 15.53 -23.39
N LYS A 21 34.56 15.91 -24.25
CA LYS A 21 35.25 14.95 -25.09
C LYS A 21 36.38 14.30 -24.31
N GLY A 22 36.45 12.97 -24.36
CA GLY A 22 37.46 12.24 -23.63
C GLY A 22 37.35 12.33 -22.13
N TYR A 23 36.16 12.66 -21.61
CA TYR A 23 35.94 12.73 -20.18
C TYR A 23 35.61 11.32 -19.67
N ASP A 24 36.39 10.85 -18.69
CA ASP A 24 36.21 9.51 -18.13
C ASP A 24 35.41 9.63 -16.84
N ILE A 25 34.12 9.29 -16.91
CA ILE A 25 33.27 9.38 -15.74
C ILE A 25 33.67 8.39 -14.65
N ARG A 26 34.47 7.38 -14.99
CA ARG A 26 34.81 6.34 -14.02
C ARG A 26 35.92 6.76 -13.06
N LEU A 27 36.55 7.90 -13.28
CA LEU A 27 37.66 8.36 -12.44
C LEU A 27 37.27 9.68 -11.78
N ARG A 28 37.49 9.77 -10.48
CA ARG A 28 37.25 11.02 -9.77
C ARG A 28 38.30 12.05 -10.16
N PRO A 29 38.01 13.33 -9.96
CA PRO A 29 39.03 14.35 -10.16
C PRO A 29 40.25 14.09 -9.29
N ASP A 30 41.43 14.28 -9.86
CA ASP A 30 42.69 13.96 -9.19
C ASP A 30 42.68 12.51 -8.72
N PHE A 31 42.50 11.60 -9.67
CA PHE A 31 42.24 10.21 -9.32
C PHE A 31 43.38 9.64 -8.49
N GLY A 32 44.62 9.85 -8.92
CA GLY A 32 45.77 9.37 -8.18
C GLY A 32 46.34 10.33 -7.17
N GLY A 33 45.93 11.59 -7.19
CA GLY A 33 46.51 12.59 -6.33
C GLY A 33 45.77 12.74 -5.02
N PRO A 34 45.81 13.94 -4.44
CA PRO A 34 45.19 14.14 -3.12
C PRO A 34 43.69 14.05 -3.20
N PRO A 35 43.01 13.94 -2.06
CA PRO A 35 41.55 13.86 -2.07
C PRO A 35 40.92 15.13 -2.63
N VAL A 36 39.79 14.95 -3.30
CA VAL A 36 38.97 16.07 -3.75
C VAL A 36 38.08 16.51 -2.61
N ALA A 37 38.05 17.81 -2.34
CA ALA A 37 37.30 18.36 -1.22
C ALA A 37 35.92 18.80 -1.70
N VAL A 38 34.87 18.24 -1.11
CA VAL A 38 33.49 18.53 -1.46
C VAL A 38 32.87 19.37 -0.35
N GLY A 39 32.35 20.53 -0.72
CA GLY A 39 31.63 21.39 0.22
C GLY A 39 30.13 21.18 0.11
N MET A 40 29.47 21.18 1.26
CA MET A 40 28.06 20.86 1.35
C MET A 40 27.25 22.06 1.80
N ASN A 41 26.11 22.28 1.15
CA ASN A 41 25.13 23.27 1.55
C ASN A 41 23.78 22.61 1.62
N ILE A 42 22.97 23.00 2.60
CA ILE A 42 21.62 22.48 2.75
C ILE A 42 20.67 23.63 3.05
N ASP A 43 19.61 23.74 2.27
CA ASP A 43 18.51 24.67 2.54
C ASP A 43 17.29 23.83 2.84
N ILE A 44 16.88 23.80 4.11
CA ILE A 44 15.79 22.93 4.55
C ILE A 44 14.47 23.62 4.22
N ALA A 45 13.72 23.04 3.29
CA ALA A 45 12.42 23.62 2.93
C ALA A 45 11.38 23.38 4.01
N SER A 46 11.33 22.16 4.56
CA SER A 46 10.33 21.85 5.57
C SER A 46 10.70 20.56 6.27
N ILE A 47 10.17 20.39 7.48
CA ILE A 47 10.17 19.12 8.19
C ILE A 47 8.70 18.73 8.38
N ASP A 48 8.33 17.56 7.85
CA ASP A 48 6.94 17.32 7.49
C ASP A 48 6.16 16.53 8.53
N MET A 49 6.66 15.37 8.96
CA MET A 49 5.88 14.49 9.84
C MET A 49 6.83 13.81 10.81
N VAL A 50 6.95 14.38 12.01
CA VAL A 50 7.71 13.76 13.09
C VAL A 50 6.80 12.73 13.75
N SER A 51 7.03 11.45 13.45
CA SER A 51 6.17 10.37 13.89
C SER A 51 6.87 9.59 15.00
N GLU A 52 6.20 9.47 16.15
CA GLU A 52 6.70 8.62 17.22
C GLU A 52 6.44 7.15 16.94
N VAL A 53 5.38 6.85 16.17
CA VAL A 53 5.05 5.45 15.90
C VAL A 53 6.14 4.80 15.06
N ASN A 54 6.54 5.46 13.98
CA ASN A 54 7.56 4.93 13.09
C ASN A 54 8.97 5.32 13.52
N MET A 55 9.11 6.15 14.54
CA MET A 55 10.42 6.61 15.00
C MET A 55 11.24 7.16 13.85
N ASP A 56 10.70 8.19 13.20
CA ASP A 56 11.34 8.80 12.05
C ASP A 56 10.72 10.16 11.79
N TYR A 57 11.16 10.80 10.72
CA TYR A 57 10.64 12.10 10.32
C TYR A 57 10.98 12.32 8.86
N THR A 58 10.27 13.24 8.23
CA THR A 58 10.46 13.56 6.83
C THR A 58 10.84 15.02 6.70
N LEU A 59 11.89 15.30 5.94
CA LEU A 59 12.30 16.67 5.62
C LEU A 59 12.56 16.78 4.13
N THR A 60 12.30 17.98 3.60
CA THR A 60 12.61 18.31 2.22
C THR A 60 13.68 19.40 2.24
N MET A 61 14.72 19.21 1.44
CA MET A 61 15.86 20.13 1.46
C MET A 61 16.40 20.30 0.05
N TYR A 62 17.00 21.47 -0.19
CA TYR A 62 17.83 21.69 -1.37
C TYR A 62 19.25 21.30 -1.01
N PHE A 63 19.66 20.11 -1.42
CA PHE A 63 20.99 19.59 -1.09
C PHE A 63 21.96 19.97 -2.20
N GLN A 64 22.98 20.75 -1.85
CA GLN A 64 23.93 21.27 -2.82
C GLN A 64 25.35 20.85 -2.46
N GLN A 65 26.12 20.47 -3.48
CA GLN A 65 27.51 20.07 -3.31
C GLN A 65 28.39 20.86 -4.28
N ALA A 66 29.61 21.17 -3.85
CA ALA A 66 30.55 21.93 -4.66
C ALA A 66 31.93 21.31 -4.57
N TRP A 67 32.59 21.16 -5.70
CA TRP A 67 33.95 20.63 -5.72
C TRP A 67 34.68 21.16 -6.94
N ARG A 68 36.00 21.01 -6.94
CA ARG A 68 36.85 21.42 -8.04
C ARG A 68 37.12 20.22 -8.94
N ASP A 69 36.93 20.41 -10.25
CA ASP A 69 37.25 19.41 -11.26
C ASP A 69 38.06 20.09 -12.35
N LYS A 70 39.38 19.95 -12.29
CA LYS A 70 40.25 20.64 -13.24
C LYS A 70 39.95 20.25 -14.68
N ARG A 71 39.39 19.05 -14.91
CA ARG A 71 39.06 18.67 -16.28
C ARG A 71 38.00 19.60 -16.87
N LEU A 72 37.07 20.05 -16.05
CA LEU A 72 35.98 20.92 -16.52
C LEU A 72 36.32 22.40 -16.32
N SER A 73 37.48 22.81 -16.79
CA SER A 73 37.92 24.20 -16.71
C SER A 73 37.99 24.79 -18.11
N TYR A 74 37.63 26.07 -18.21
CA TYR A 74 37.62 26.76 -19.49
C TYR A 74 37.98 28.22 -19.25
N ASN A 75 38.58 28.84 -20.26
CA ASN A 75 39.01 30.22 -20.13
C ASN A 75 38.67 31.06 -21.36
N VAL A 76 37.86 30.56 -22.28
CA VAL A 76 37.53 31.32 -23.48
C VAL A 76 36.33 32.23 -23.30
N ILE A 77 35.46 31.94 -22.34
CA ILE A 77 34.29 32.77 -22.08
C ILE A 77 34.26 33.13 -20.59
N PRO A 78 33.74 34.30 -20.22
CA PRO A 78 33.80 34.74 -18.82
C PRO A 78 32.58 34.43 -17.97
N LEU A 79 31.66 33.57 -18.41
CA LEU A 79 30.38 33.39 -17.74
C LEU A 79 30.25 31.98 -17.21
N ASN A 80 29.46 31.83 -16.15
CA ASN A 80 29.21 30.54 -15.54
C ASN A 80 28.17 29.79 -16.36
N LEU A 81 28.52 28.59 -16.82
CA LEU A 81 27.66 27.82 -17.73
C LEU A 81 26.73 26.95 -16.89
N THR A 82 25.48 27.35 -16.79
CA THR A 82 24.43 26.47 -16.31
C THR A 82 23.98 25.59 -17.46
N LEU A 83 24.04 24.27 -17.27
CA LEU A 83 23.70 23.31 -18.30
C LEU A 83 22.42 22.57 -17.96
N ASP A 84 21.77 22.05 -18.99
CA ASP A 84 20.62 21.18 -18.78
C ASP A 84 21.02 20.01 -17.90
N ASN A 85 20.18 19.70 -16.92
CA ASN A 85 20.56 18.75 -15.88
C ASN A 85 20.73 17.34 -16.40
N ARG A 86 20.56 17.08 -17.70
CA ARG A 86 20.84 15.77 -18.24
C ARG A 86 22.34 15.50 -18.34
N VAL A 87 23.16 16.55 -18.41
CA VAL A 87 24.60 16.37 -18.46
C VAL A 87 25.18 15.87 -17.14
N ALA A 88 24.39 15.93 -16.07
CA ALA A 88 24.85 15.36 -14.81
C ALA A 88 25.11 13.86 -14.94
N ASP A 89 24.44 13.20 -15.87
CA ASP A 89 24.70 11.78 -16.10
C ASP A 89 26.00 11.53 -16.84
N GLN A 90 26.65 12.57 -17.37
CA GLN A 90 27.91 12.42 -18.07
C GLN A 90 29.11 12.89 -17.26
N LEU A 91 28.90 13.56 -16.14
CA LEU A 91 29.98 14.04 -15.30
C LEU A 91 30.11 13.19 -14.05
N TRP A 92 31.31 13.19 -13.48
CA TRP A 92 31.53 12.58 -12.18
C TRP A 92 30.87 13.43 -11.09
N VAL A 93 30.12 12.79 -10.21
CA VAL A 93 29.59 13.45 -9.02
C VAL A 93 29.88 12.58 -7.81
N PRO A 94 30.02 13.15 -6.62
CA PRO A 94 30.32 12.32 -5.44
C PRO A 94 29.17 11.37 -5.14
N ASP A 95 29.51 10.22 -4.56
CA ASP A 95 28.53 9.21 -4.21
C ASP A 95 27.99 9.41 -2.79
N THR A 96 27.53 10.60 -2.50
CA THR A 96 27.02 10.91 -1.16
C THR A 96 25.73 10.15 -0.91
N TYR A 97 25.62 9.58 0.29
CA TYR A 97 24.40 8.91 0.72
C TYR A 97 24.13 9.27 2.17
N PHE A 98 22.87 9.14 2.57
CA PHE A 98 22.47 9.37 3.95
C PHE A 98 22.30 8.02 4.64
N LEU A 99 23.09 7.78 5.67
CA LEU A 99 23.14 6.45 6.27
C LEU A 99 21.81 6.08 6.92
N ASN A 100 21.20 7.02 7.65
CA ASN A 100 20.04 6.73 8.47
C ASN A 100 18.72 6.95 7.74
N ASP A 101 18.73 7.24 6.44
CA ASP A 101 17.49 7.48 5.73
C ASP A 101 16.79 6.18 5.39
N LYS A 102 15.48 6.14 5.59
CA LYS A 102 14.70 4.95 5.32
C LYS A 102 14.14 4.91 3.91
N LYS A 103 13.77 6.06 3.35
CA LYS A 103 13.23 6.10 1.99
C LYS A 103 13.29 7.53 1.48
N SER A 104 13.88 7.72 0.30
CA SER A 104 14.15 9.05 -0.23
C SER A 104 13.92 9.06 -1.73
N PHE A 105 13.71 10.25 -2.26
CA PHE A 105 13.60 10.42 -3.71
C PHE A 105 13.93 11.86 -4.07
N VAL A 106 14.32 12.05 -5.33
CA VAL A 106 14.47 13.37 -5.93
C VAL A 106 13.20 13.70 -6.69
N HIS A 107 12.64 14.87 -6.45
CA HIS A 107 11.43 15.28 -7.14
C HIS A 107 11.70 15.37 -8.64
N GLY A 108 10.70 14.99 -9.43
CA GLY A 108 10.89 14.83 -10.86
C GLY A 108 9.89 15.56 -11.73
N VAL A 109 9.24 16.59 -11.20
CA VAL A 109 8.28 17.39 -11.93
C VAL A 109 8.77 18.84 -11.93
N THR A 110 8.73 19.51 -13.08
CA THR A 110 8.31 18.95 -14.36
C THR A 110 9.44 18.17 -15.00
N VAL A 111 10.66 18.41 -14.50
CA VAL A 111 11.83 17.62 -14.86
C VAL A 111 12.54 17.23 -13.56
N LYS A 112 13.52 16.35 -13.69
CA LYS A 112 14.33 15.97 -12.54
C LYS A 112 14.89 17.24 -11.89
N ASN A 113 14.57 17.45 -10.62
CA ASN A 113 14.95 18.68 -9.93
C ASN A 113 16.39 18.56 -9.45
N ARG A 114 17.30 18.78 -10.38
CA ARG A 114 18.72 18.87 -10.05
C ARG A 114 19.36 19.94 -10.93
N MET A 115 20.45 20.51 -10.43
CA MET A 115 21.14 21.58 -11.11
C MET A 115 22.61 21.22 -11.25
N ILE A 116 23.22 21.66 -12.35
CA ILE A 116 24.64 21.47 -12.60
C ILE A 116 25.17 22.77 -13.21
N ARG A 117 26.10 23.42 -12.51
CA ARG A 117 26.63 24.71 -12.94
C ARG A 117 28.15 24.65 -12.95
N LEU A 118 28.75 24.96 -14.10
CA LEU A 118 30.19 25.00 -14.25
C LEU A 118 30.71 26.42 -14.09
N HIS A 119 31.93 26.54 -13.60
CA HIS A 119 32.60 27.82 -13.43
C HIS A 119 33.95 27.78 -14.12
N PRO A 120 34.44 28.93 -14.59
CA PRO A 120 35.63 28.91 -15.45
C PRO A 120 36.84 28.24 -14.84
N ASP A 121 36.98 28.28 -13.51
CA ASP A 121 38.14 27.69 -12.86
C ASP A 121 37.97 26.20 -12.58
N GLY A 122 36.84 25.61 -12.96
CA GLY A 122 36.61 24.19 -12.78
C GLY A 122 35.66 23.85 -11.66
N THR A 123 35.17 24.83 -10.92
CA THR A 123 34.28 24.55 -9.79
C THR A 123 32.92 24.10 -10.31
N VAL A 124 32.52 22.90 -9.93
CA VAL A 124 31.20 22.36 -10.29
C VAL A 124 30.25 22.62 -9.13
N LEU A 125 29.00 22.90 -9.45
CA LEU A 125 27.96 23.17 -8.46
C LEU A 125 26.79 22.26 -8.77
N TYR A 126 26.49 21.33 -7.87
CA TYR A 126 25.58 20.23 -8.14
C TYR A 126 24.54 20.19 -7.03
N GLY A 127 23.30 20.57 -7.36
CA GLY A 127 22.23 20.67 -6.39
C GLY A 127 21.14 19.64 -6.64
N LEU A 128 20.46 19.24 -5.58
CA LEU A 128 19.38 18.27 -5.64
C LEU A 128 18.29 18.65 -4.65
N ARG A 129 17.04 18.57 -5.09
CA ARG A 129 15.89 18.72 -4.20
C ARG A 129 15.47 17.33 -3.72
N ILE A 130 15.68 17.05 -2.44
CA ILE A 130 15.56 15.70 -1.90
C ILE A 130 14.54 15.71 -0.77
N THR A 131 13.74 14.64 -0.69
CA THR A 131 12.90 14.34 0.45
C THR A 131 13.36 13.02 1.06
N THR A 132 13.79 13.07 2.32
CA THR A 132 14.27 11.88 3.02
C THR A 132 13.38 11.61 4.23
N THR A 133 12.98 10.35 4.38
CA THR A 133 12.41 9.87 5.63
C THR A 133 13.55 9.29 6.47
N ALA A 134 13.97 10.01 7.49
CA ALA A 134 15.13 9.63 8.30
C ALA A 134 14.69 9.01 9.62
N ALA A 135 15.29 7.88 9.96
CA ALA A 135 15.04 7.24 11.24
C ALA A 135 15.54 8.10 12.40
N CYS A 136 14.77 8.14 13.48
CA CYS A 136 15.16 8.89 14.67
C CYS A 136 14.56 8.18 15.88
N MET A 137 15.39 7.44 16.60
CA MET A 137 14.93 6.75 17.80
C MET A 137 14.68 7.73 18.92
N MET A 138 13.44 7.78 19.41
CA MET A 138 13.01 8.76 20.39
C MET A 138 12.90 8.11 21.76
N ASP A 139 13.53 8.72 22.75
CA ASP A 139 13.37 8.31 24.14
C ASP A 139 12.09 8.95 24.68
N LEU A 140 11.06 8.13 24.92
CA LEU A 140 9.76 8.62 25.36
C LEU A 140 9.54 8.47 26.85
N ARG A 141 10.62 8.31 27.64
CA ARG A 141 10.46 8.12 29.07
C ARG A 141 9.83 9.35 29.72
N ARG A 142 10.20 10.55 29.25
CA ARG A 142 9.65 11.79 29.78
C ARG A 142 8.53 12.33 28.91
N TYR A 143 8.00 11.51 28.01
CA TYR A 143 6.93 11.94 27.14
C TYR A 143 5.70 12.28 27.98
N PRO A 144 4.94 13.34 27.63
CA PRO A 144 5.13 14.27 26.51
C PRO A 144 6.02 15.45 26.86
N LEU A 145 6.57 15.46 28.06
CA LEU A 145 7.51 16.51 28.47
C LEU A 145 8.94 16.13 28.10
N ASP A 146 9.13 15.77 26.84
CA ASP A 146 10.38 15.22 26.36
C ASP A 146 11.01 16.12 25.31
N GLU A 147 12.32 15.97 25.14
CA GLU A 147 13.05 16.63 24.08
C GLU A 147 13.68 15.55 23.22
N GLN A 148 13.56 15.70 21.91
CA GLN A 148 14.07 14.72 20.96
C GLN A 148 15.23 15.33 20.18
N ASN A 149 16.27 14.53 19.99
CA ASN A 149 17.44 14.92 19.20
C ASN A 149 17.55 13.96 18.02
N CYS A 150 17.11 14.41 16.85
CA CYS A 150 17.25 13.65 15.62
C CYS A 150 18.42 14.19 14.84
N THR A 151 18.64 13.66 13.64
CA THR A 151 19.82 14.03 12.89
C THR A 151 19.79 13.36 11.53
N LEU A 152 20.54 13.94 10.58
CA LEU A 152 20.76 13.37 9.26
C LEU A 152 22.26 13.12 9.10
N GLU A 153 22.62 11.88 8.79
CA GLU A 153 24.01 11.49 8.62
C GLU A 153 24.37 11.48 7.14
N ILE A 154 25.39 12.25 6.77
CA ILE A 154 25.81 12.39 5.38
C ILE A 154 27.20 11.79 5.26
N GLU A 155 27.37 10.86 4.31
CA GLU A 155 28.59 10.09 4.23
C GLU A 155 28.88 9.75 2.77
N SER A 156 30.16 9.50 2.48
CA SER A 156 30.58 8.96 1.21
C SER A 156 30.60 7.43 1.30
N TYR A 157 30.12 6.78 0.25
CA TYR A 157 30.02 5.32 0.26
C TYR A 157 31.29 4.64 -0.23
N GLY A 158 31.73 4.95 -1.44
CA GLY A 158 32.85 4.25 -2.04
C GLY A 158 34.21 4.84 -1.72
N TYR A 159 34.27 6.16 -1.62
CA TYR A 159 35.54 6.86 -1.52
C TYR A 159 35.93 7.01 -0.05
N THR A 160 37.06 6.44 0.32
CA THR A 160 37.56 6.57 1.69
C THR A 160 38.06 7.98 1.95
N THR A 161 38.54 8.21 3.16
CA THR A 161 38.87 9.56 3.60
C THR A 161 40.10 10.11 2.89
N ASP A 162 40.95 9.26 2.33
CA ASP A 162 42.07 9.71 1.51
C ASP A 162 41.68 9.93 0.06
N ASP A 163 40.44 9.65 -0.31
CA ASP A 163 39.94 9.95 -1.65
C ASP A 163 39.06 11.20 -1.70
N ILE A 164 38.40 11.54 -0.60
CA ILE A 164 37.41 12.60 -0.60
C ILE A 164 37.34 13.21 0.79
N GLU A 165 37.06 14.51 0.84
CA GLU A 165 36.87 15.24 2.09
C GLU A 165 35.55 15.97 2.07
N PHE A 166 34.82 15.89 3.18
CA PHE A 166 33.56 16.59 3.33
C PHE A 166 33.73 17.75 4.30
N TYR A 167 33.12 18.88 3.98
CA TYR A 167 33.11 20.02 4.87
C TYR A 167 31.89 20.88 4.58
N TRP A 168 31.49 21.65 5.58
CA TRP A 168 30.39 22.59 5.42
C TRP A 168 30.91 23.89 4.83
N ARG A 169 30.21 24.39 3.80
CA ARG A 169 30.58 25.66 3.16
C ARG A 169 30.05 26.81 4.00
N GLY A 170 30.96 27.46 4.73
CA GLY A 170 30.57 28.49 5.68
C GLY A 170 30.84 28.05 7.09
N ASP A 171 30.60 26.76 7.36
CA ASP A 171 30.88 26.12 8.65
C ASP A 171 29.89 26.56 9.72
N ASP A 172 29.12 27.62 9.46
CA ASP A 172 27.95 27.93 10.28
C ASP A 172 26.74 28.38 9.48
N ASN A 173 26.92 28.92 8.28
CA ASN A 173 25.82 29.28 7.40
C ASN A 173 25.55 28.23 6.33
N ALA A 174 26.16 27.05 6.46
CA ALA A 174 25.94 26.01 5.47
C ALA A 174 24.49 25.55 5.46
N VAL A 175 23.81 25.62 6.60
CA VAL A 175 22.43 25.19 6.72
C VAL A 175 21.57 26.41 7.01
N THR A 176 20.56 26.63 6.17
CA THR A 176 19.66 27.76 6.32
C THR A 176 18.23 27.26 6.34
N GLY A 177 17.32 28.15 6.73
CA GLY A 177 15.90 27.83 6.72
C GLY A 177 15.39 27.14 7.97
N VAL A 178 16.24 26.95 8.98
CA VAL A 178 15.81 26.24 10.18
C VAL A 178 14.82 27.08 10.97
N THR A 179 15.11 28.36 11.14
CA THR A 179 14.25 29.23 11.95
C THR A 179 12.87 29.42 11.33
N LYS A 180 12.74 29.23 10.02
CA LYS A 180 11.44 29.39 9.37
C LYS A 180 10.55 28.17 9.51
N ILE A 181 11.06 27.05 10.00
CA ILE A 181 10.28 25.82 10.10
C ILE A 181 9.32 25.94 11.28
N GLU A 182 8.05 25.73 11.01
CA GLU A 182 7.04 25.59 12.07
C GLU A 182 6.51 24.17 12.07
N LEU A 183 6.54 23.54 13.23
CA LEU A 183 5.98 22.21 13.41
C LEU A 183 4.76 22.28 14.32
N PRO A 184 3.69 21.56 14.00
CA PRO A 184 2.49 21.66 14.83
C PRO A 184 2.71 21.26 16.27
N GLN A 185 3.61 20.30 16.53
CA GLN A 185 3.78 19.74 17.86
C GLN A 185 5.15 20.02 18.48
N PHE A 186 6.12 20.47 17.70
CA PHE A 186 7.49 20.63 18.18
C PHE A 186 7.99 22.03 17.87
N SER A 187 8.96 22.47 18.68
CA SER A 187 9.71 23.70 18.43
C SER A 187 11.18 23.34 18.28
N ILE A 188 11.83 23.88 17.26
CA ILE A 188 13.25 23.63 17.04
C ILE A 188 14.03 24.48 18.04
N VAL A 189 14.63 23.83 19.03
CA VAL A 189 15.42 24.56 20.02
C VAL A 189 16.70 25.09 19.40
N ASP A 190 17.44 24.24 18.69
CA ASP A 190 18.63 24.66 17.97
C ASP A 190 19.11 23.49 17.12
N TYR A 191 20.24 23.70 16.45
CA TYR A 191 20.82 22.70 15.56
C TYR A 191 22.32 22.86 15.53
N LYS A 192 23.02 21.76 15.26
CA LYS A 192 24.47 21.75 15.21
C LYS A 192 24.95 21.11 13.91
N LEU A 193 26.15 21.49 13.49
CA LEU A 193 26.82 20.90 12.34
C LEU A 193 28.11 20.25 12.82
N ILE A 194 28.27 18.96 12.54
CA ILE A 194 29.39 18.18 13.03
C ILE A 194 30.16 17.62 11.85
N THR A 195 31.49 17.65 11.94
CA THR A 195 32.37 16.98 11.00
C THR A 195 33.17 15.93 11.74
N LYS A 196 33.20 14.71 11.20
CA LYS A 196 33.91 13.62 11.85
C LYS A 196 34.30 12.60 10.80
N LYS A 197 35.03 11.57 11.23
CA LYS A 197 35.37 10.43 10.40
C LYS A 197 34.95 9.16 11.11
N VAL A 198 34.39 8.22 10.35
CA VAL A 198 33.93 6.96 10.89
C VAL A 198 34.72 5.83 10.25
N VAL A 199 35.08 4.83 11.05
CA VAL A 199 35.88 3.70 10.61
C VAL A 199 34.96 2.51 10.38
N PHE A 200 35.11 1.86 9.24
CA PHE A 200 34.46 0.59 8.95
C PHE A 200 35.52 -0.44 8.60
N SER A 201 35.08 -1.69 8.41
CA SER A 201 36.01 -2.75 8.04
C SER A 201 36.72 -2.46 6.73
N THR A 202 36.12 -1.66 5.85
CA THR A 202 36.68 -1.39 4.53
C THR A 202 37.45 -0.08 4.47
N GLY A 203 37.58 0.63 5.57
CA GLY A 203 38.33 1.86 5.60
C GLY A 203 37.63 2.88 6.47
N SER A 204 38.14 4.10 6.45
CA SER A 204 37.58 5.22 7.19
C SER A 204 37.02 6.24 6.21
N TYR A 205 35.81 6.72 6.49
CA TYR A 205 35.06 7.53 5.54
C TYR A 205 34.67 8.85 6.18
N PRO A 206 34.63 9.92 5.40
CA PRO A 206 34.17 11.21 5.94
C PRO A 206 32.69 11.18 6.28
N ARG A 207 32.32 11.96 7.28
CA ARG A 207 30.93 12.03 7.72
C ARG A 207 30.61 13.44 8.16
N LEU A 208 29.42 13.91 7.77
CA LEU A 208 28.85 15.15 8.26
C LEU A 208 27.53 14.82 8.95
N SER A 209 27.32 15.38 10.13
CA SER A 209 26.09 15.19 10.88
C SER A 209 25.41 16.54 11.07
N LEU A 210 24.14 16.61 10.66
CA LEU A 210 23.26 17.71 10.99
C LEU A 210 22.20 17.19 11.95
N SER A 211 22.05 17.88 13.09
CA SER A 211 21.17 17.40 14.14
C SER A 211 20.33 18.55 14.68
N PHE A 212 19.06 18.23 14.99
CA PHE A 212 18.11 19.20 15.52
C PHE A 212 17.69 18.77 16.91
N LYS A 213 17.49 19.73 17.79
CA LYS A 213 16.90 19.49 19.10
C LYS A 213 15.45 19.97 19.06
N LEU A 214 14.53 19.04 19.24
CA LEU A 214 13.10 19.33 19.16
C LEU A 214 12.48 19.21 20.54
N LYS A 215 11.77 20.26 20.96
CA LYS A 215 11.05 20.27 22.22
C LYS A 215 9.56 20.20 21.92
N ARG A 216 8.85 19.35 22.66
CA ARG A 216 7.43 19.12 22.41
C ARG A 216 6.60 20.19 23.10
N ASN A 217 5.58 20.67 22.40
CA ASN A 217 4.65 21.63 22.99
C ASN A 217 3.71 20.90 23.93
N ILE A 218 3.35 21.56 25.03
CA ILE A 218 2.66 20.88 26.12
C ILE A 218 1.17 21.19 26.10
N GLY A 219 0.80 22.37 25.60
CA GLY A 219 -0.56 22.83 25.76
C GLY A 219 -1.59 21.87 25.19
N TYR A 220 -1.32 21.35 23.99
CA TYR A 220 -2.25 20.42 23.37
C TYR A 220 -2.51 19.22 24.28
N PHE A 221 -1.44 18.63 24.81
CA PHE A 221 -1.61 17.48 25.69
C PHE A 221 -2.33 17.88 26.97
N ILE A 222 -2.00 19.05 27.53
CA ILE A 222 -2.73 19.53 28.69
C ILE A 222 -4.22 19.43 28.40
N LEU A 223 -4.66 20.18 27.38
CA LEU A 223 -6.08 20.26 27.07
C LEU A 223 -6.68 18.87 26.84
N GLN A 224 -6.04 18.05 26.03
CA GLN A 224 -6.71 16.83 25.60
C GLN A 224 -6.76 15.78 26.70
N THR A 225 -5.67 15.59 27.45
CA THR A 225 -5.60 14.44 28.36
C THR A 225 -5.41 14.78 29.83
N TYR A 226 -4.85 15.93 30.20
CA TYR A 226 -4.60 16.16 31.62
C TYR A 226 -5.85 16.66 32.34
N MET A 227 -6.41 17.78 31.90
CA MET A 227 -7.60 18.32 32.55
C MET A 227 -8.60 17.20 32.82
N PRO A 228 -9.04 16.40 31.83
CA PRO A 228 -10.06 15.40 32.15
C PRO A 228 -9.74 14.56 33.36
N SER A 229 -8.47 14.24 33.58
CA SER A 229 -8.11 13.41 34.73
C SER A 229 -8.35 14.13 36.04
N ILE A 230 -7.93 15.39 36.14
CA ILE A 230 -8.20 16.16 37.34
C ILE A 230 -9.70 16.31 37.57
N LEU A 231 -10.44 16.55 36.48
CA LEU A 231 -11.87 16.75 36.64
C LEU A 231 -12.57 15.48 37.12
N ILE A 232 -12.15 14.32 36.60
CA ILE A 232 -12.71 13.06 37.05
C ILE A 232 -12.32 12.79 38.49
N THR A 233 -11.09 13.14 38.87
CA THR A 233 -10.69 12.96 40.27
C THR A 233 -11.54 13.82 41.20
N ILE A 234 -11.83 15.05 40.79
CA ILE A 234 -12.67 15.92 41.61
C ILE A 234 -14.08 15.37 41.69
N LEU A 235 -14.61 14.89 40.57
CA LEU A 235 -15.95 14.31 40.59
C LEU A 235 -16.00 13.06 41.46
N SER A 236 -14.89 12.32 41.54
CA SER A 236 -14.84 11.21 42.49
C SER A 236 -14.83 11.72 43.92
N TRP A 237 -14.10 12.80 44.18
CA TRP A 237 -14.11 13.38 45.52
C TRP A 237 -15.52 13.77 45.92
N VAL A 238 -16.31 14.27 44.96
CA VAL A 238 -17.66 14.72 45.26
C VAL A 238 -18.43 13.68 46.06
N SER A 239 -18.05 12.40 45.94
CA SER A 239 -18.75 11.35 46.65
C SER A 239 -18.70 11.53 48.16
N PHE A 240 -17.69 12.25 48.67
CA PHE A 240 -17.58 12.43 50.11
C PHE A 240 -18.66 13.34 50.66
N TRP A 241 -19.16 14.26 49.84
CA TRP A 241 -20.22 15.17 50.28
C TRP A 241 -21.60 14.52 50.22
N ILE A 242 -21.70 13.32 49.68
CA ILE A 242 -22.95 12.58 49.68
C ILE A 242 -23.04 11.77 50.96
N ASN A 243 -24.24 11.70 51.54
CA ASN A 243 -24.42 10.96 52.77
C ASN A 243 -24.20 9.47 52.53
N TYR A 244 -23.64 8.80 53.54
CA TYR A 244 -23.39 7.37 53.43
C TYR A 244 -24.65 6.57 53.18
N ASP A 245 -25.83 7.14 53.47
CA ASP A 245 -27.07 6.40 53.25
C ASP A 245 -27.28 6.10 51.77
N ALA A 246 -26.86 7.01 50.88
CA ALA A 246 -27.10 6.86 49.45
C ALA A 246 -25.98 6.00 48.87
N SER A 247 -26.10 4.70 49.08
CA SER A 247 -25.08 3.76 48.60
C SER A 247 -25.03 3.74 47.08
N ALA A 248 -26.19 3.68 46.44
CA ALA A 248 -26.22 3.58 44.99
C ALA A 248 -25.55 4.79 44.34
N ALA A 249 -25.82 5.99 44.85
CA ALA A 249 -25.24 7.19 44.25
C ALA A 249 -23.72 7.16 44.35
N ARG A 250 -23.19 6.90 45.54
CA ARG A 250 -21.73 6.92 45.71
C ARG A 250 -21.07 5.82 44.89
N VAL A 251 -21.66 4.63 44.87
CA VAL A 251 -21.05 3.54 44.12
C VAL A 251 -21.09 3.84 42.63
N ALA A 252 -22.19 4.41 42.14
CA ALA A 252 -22.25 4.81 40.74
C ALA A 252 -21.18 5.83 40.42
N LEU A 253 -21.03 6.83 41.29
CA LEU A 253 -20.00 7.84 41.07
C LEU A 253 -18.62 7.19 40.96
N GLY A 254 -18.26 6.36 41.94
CA GLY A 254 -16.93 5.77 41.93
C GLY A 254 -16.71 4.89 40.72
N ILE A 255 -17.67 4.02 40.42
CA ILE A 255 -17.51 3.11 39.30
C ILE A 255 -17.40 3.88 37.99
N THR A 256 -18.23 4.91 37.82
CA THR A 256 -18.19 5.68 36.59
C THR A 256 -16.87 6.42 36.46
N THR A 257 -16.33 6.93 37.57
CA THR A 257 -15.03 7.58 37.51
C THR A 257 -13.94 6.60 37.12
N VAL A 258 -13.98 5.39 37.67
CA VAL A 258 -13.02 4.37 37.28
C VAL A 258 -13.14 4.06 35.79
N LEU A 259 -14.38 3.95 35.31
CA LEU A 259 -14.59 3.66 33.90
C LEU A 259 -14.06 4.79 33.02
N THR A 260 -14.26 6.04 33.45
CA THR A 260 -13.79 7.17 32.68
C THR A 260 -12.26 7.20 32.63
N MET A 261 -11.60 6.88 33.75
CA MET A 261 -10.16 6.74 33.71
C MET A 261 -9.73 5.64 32.76
N THR A 262 -10.43 4.51 32.81
CA THR A 262 -10.12 3.40 31.91
C THR A 262 -10.21 3.83 30.45
N THR A 263 -11.29 4.52 30.10
CA THR A 263 -11.48 4.90 28.69
C THR A 263 -10.50 5.99 28.27
N ILE A 264 -10.13 6.88 29.19
CA ILE A 264 -9.13 7.89 28.85
C ILE A 264 -7.80 7.20 28.55
N ASN A 265 -7.40 6.27 29.41
CA ASN A 265 -6.16 5.53 29.16
C ASN A 265 -6.24 4.76 27.84
N THR A 266 -7.39 4.13 27.58
CA THR A 266 -7.56 3.40 26.33
C THR A 266 -7.37 4.31 25.12
N HIS A 267 -8.09 5.43 25.10
CA HIS A 267 -7.97 6.35 23.97
C HIS A 267 -6.56 6.89 23.82
N LEU A 268 -5.85 7.11 24.93
CA LEU A 268 -4.50 7.64 24.85
C LEU A 268 -3.53 6.61 24.29
N ARG A 269 -3.60 5.37 24.79
CA ARG A 269 -2.61 4.37 24.42
C ARG A 269 -2.63 4.03 22.93
N GLU A 270 -3.72 4.33 22.23
CA GLU A 270 -3.81 3.98 20.82
C GLU A 270 -2.76 4.73 20.01
N THR A 271 -2.53 6.00 20.30
CA THR A 271 -1.69 6.82 19.44
C THR A 271 -0.22 6.40 19.52
N LEU A 272 0.26 6.10 20.71
CA LEU A 272 1.68 5.81 20.90
C LEU A 272 2.03 4.42 20.41
N PRO A 273 3.32 4.15 20.21
CA PRO A 273 3.77 2.78 19.95
C PRO A 273 3.85 1.97 21.24
N LYS A 274 4.21 0.70 21.09
CA LYS A 274 4.26 -0.23 22.22
C LYS A 274 5.69 -0.24 22.73
N ILE A 275 5.92 0.52 23.81
CA ILE A 275 7.26 0.64 24.40
C ILE A 275 7.29 -0.11 25.72
N PRO A 276 8.43 -0.67 26.13
CA PRO A 276 8.43 -1.49 27.36
C PRO A 276 8.34 -0.68 28.63
N TYR A 277 8.74 0.58 28.63
CA TYR A 277 8.83 1.38 29.85
C TYR A 277 7.60 2.24 30.03
N VAL A 278 7.52 2.87 31.20
CA VAL A 278 6.38 3.69 31.60
C VAL A 278 6.72 5.15 31.33
N LYS A 279 5.80 5.87 30.70
CA LYS A 279 5.98 7.28 30.40
C LYS A 279 5.39 8.15 31.51
N ALA A 280 5.82 9.40 31.53
CA ALA A 280 5.33 10.33 32.54
C ALA A 280 3.81 10.41 32.52
N ILE A 281 3.21 10.45 31.33
CA ILE A 281 1.75 10.47 31.24
C ILE A 281 1.18 9.19 31.80
N ASP A 282 1.84 8.06 31.55
CA ASP A 282 1.36 6.80 32.10
C ASP A 282 1.42 6.82 33.63
N MET A 283 2.48 7.38 34.20
CA MET A 283 2.58 7.47 35.65
C MET A 283 1.51 8.38 36.22
N TYR A 284 1.23 9.49 35.55
CA TYR A 284 0.16 10.39 36.01
C TYR A 284 -1.19 9.68 35.98
N LEU A 285 -1.48 8.96 34.89
CA LEU A 285 -2.74 8.25 34.80
C LEU A 285 -2.82 7.16 35.86
N MET A 286 -1.70 6.49 36.13
CA MET A 286 -1.67 5.50 37.20
C MET A 286 -1.99 6.15 38.54
N GLY A 287 -1.41 7.32 38.81
CA GLY A 287 -1.68 7.99 40.07
C GLY A 287 -3.15 8.38 40.22
N CYS A 288 -3.72 8.95 39.15
CA CYS A 288 -5.13 9.31 39.22
C CYS A 288 -6.02 8.08 39.38
N PHE A 289 -5.71 7.00 38.67
CA PHE A 289 -6.43 5.75 38.86
C PHE A 289 -6.36 5.31 40.31
N VAL A 290 -5.16 5.30 40.88
CA VAL A 290 -4.99 4.84 42.26
C VAL A 290 -5.79 5.70 43.21
N PHE A 291 -5.84 7.01 42.97
CA PHE A 291 -6.61 7.88 43.84
C PHE A 291 -8.11 7.56 43.76
N VAL A 292 -8.61 7.34 42.55
CA VAL A 292 -10.03 6.99 42.41
C VAL A 292 -10.31 5.65 43.08
N PHE A 293 -9.44 4.68 42.87
CA PHE A 293 -9.58 3.38 43.50
C PHE A 293 -9.59 3.49 45.02
N MET A 294 -8.71 4.33 45.57
CA MET A 294 -8.65 4.49 47.02
C MET A 294 -9.88 5.20 47.55
N ALA A 295 -10.45 6.14 46.79
CA ALA A 295 -11.71 6.74 47.21
C ALA A 295 -12.83 5.69 47.24
N LEU A 296 -12.90 4.85 46.21
CA LEU A 296 -13.91 3.80 46.19
C LEU A 296 -13.73 2.83 47.35
N LEU A 297 -12.48 2.43 47.62
CA LEU A 297 -12.24 1.55 48.76
C LEU A 297 -12.52 2.24 50.09
N GLU A 298 -12.33 3.56 50.16
CA GLU A 298 -12.72 4.28 51.36
C GLU A 298 -14.21 4.20 51.59
N TYR A 299 -15.00 4.36 50.52
CA TYR A 299 -16.44 4.18 50.67
C TYR A 299 -16.78 2.76 51.07
N ALA A 300 -16.10 1.78 50.47
CA ALA A 300 -16.35 0.39 50.82
C ALA A 300 -16.12 0.15 52.31
N LEU A 301 -15.01 0.67 52.83
CA LEU A 301 -14.72 0.53 54.25
C LEU A 301 -15.79 1.23 55.09
N VAL A 302 -16.16 2.45 54.69
CA VAL A 302 -17.18 3.19 55.43
C VAL A 302 -18.47 2.39 55.51
N ASN A 303 -18.88 1.79 54.39
CA ASN A 303 -20.11 1.01 54.38
C ASN A 303 -19.97 -0.24 55.23
N TYR A 304 -18.81 -0.89 55.20
CA TYR A 304 -18.64 -2.11 55.96
C TYR A 304 -18.81 -1.87 57.45
N ILE A 305 -18.24 -0.78 57.97
CA ILE A 305 -18.16 -0.56 59.41
C ILE A 305 -19.28 0.32 59.94
N PHE A 306 -20.13 0.88 59.08
CA PHE A 306 -21.15 1.80 59.55
C PHE A 306 -22.09 1.12 60.54
N PHE A 307 -22.56 -0.09 60.21
CA PHE A 307 -23.55 -0.74 61.06
C PHE A 307 -23.05 -0.90 62.49
N SER A 308 -21.73 -1.03 62.67
CA SER A 308 -21.18 -1.18 64.01
C SER A 308 -20.99 0.19 64.66
N GLN A 309 -20.16 1.05 64.05
CA GLN A 309 -19.86 2.37 64.60
C GLN A 309 -20.40 3.44 63.67
N PRO A 310 -21.52 4.09 64.00
CA PRO A 310 -21.99 5.19 63.14
C PRO A 310 -21.15 6.45 63.23
N ALA A 311 -20.34 6.59 64.29
CA ALA A 311 -19.47 7.75 64.41
C ALA A 311 -18.18 7.59 63.61
N ARG A 312 -17.68 6.36 63.52
CA ARG A 312 -16.44 6.12 62.81
C ARG A 312 -16.60 6.44 61.32
N ALA A 313 -17.75 6.10 60.75
CA ALA A 313 -17.98 6.40 59.34
C ALA A 313 -17.97 7.90 59.07
N ALA A 314 -18.64 8.68 59.93
CA ALA A 314 -18.62 10.13 59.77
C ALA A 314 -17.22 10.68 59.95
N ALA A 315 -16.47 10.15 60.92
CA ALA A 315 -15.09 10.61 61.12
C ALA A 315 -14.24 10.33 59.89
N ILE A 316 -14.38 9.14 59.31
CA ILE A 316 -13.62 8.79 58.12
C ILE A 316 -13.98 9.71 56.97
N ASP A 317 -15.28 9.95 56.77
CA ASP A 317 -15.71 10.81 55.67
C ASP A 317 -15.14 12.22 55.84
N ARG A 318 -15.25 12.78 57.05
CA ARG A 318 -14.74 14.12 57.28
C ARG A 318 -13.23 14.19 57.08
N TRP A 319 -12.50 13.19 57.59
CA TRP A 319 -11.06 13.16 57.37
C TRP A 319 -10.73 13.12 55.88
N SER A 320 -11.39 12.22 55.14
CA SER A 320 -11.12 12.10 53.71
C SER A 320 -11.38 13.41 52.99
N ARG A 321 -12.43 14.13 53.38
CA ARG A 321 -12.81 15.34 52.67
C ARG A 321 -11.66 16.33 52.55
N ILE A 322 -10.73 16.32 53.50
CA ILE A 322 -9.58 17.21 53.45
C ILE A 322 -8.35 16.44 53.01
N PHE A 323 -8.29 15.15 53.36
CA PHE A 323 -7.08 14.38 53.07
C PHE A 323 -6.89 14.17 51.58
N PHE A 324 -7.95 13.77 50.87
CA PHE A 324 -7.80 13.45 49.45
C PHE A 324 -7.34 14.64 48.62
N PRO A 325 -7.99 15.80 48.67
CA PRO A 325 -7.48 16.94 47.90
C PRO A 325 -6.07 17.35 48.26
N VAL A 326 -5.71 17.30 49.55
CA VAL A 326 -4.37 17.71 49.95
C VAL A 326 -3.32 16.80 49.34
N VAL A 327 -3.54 15.48 49.41
CA VAL A 327 -2.55 14.56 48.88
C VAL A 327 -2.53 14.60 47.36
N PHE A 328 -3.68 14.82 46.72
CA PHE A 328 -3.66 14.99 45.27
C PHE A 328 -2.87 16.22 44.86
N SER A 329 -3.03 17.32 45.60
CA SER A 329 -2.24 18.52 45.30
C SER A 329 -0.76 18.26 45.52
N PHE A 330 -0.41 17.55 46.59
CA PHE A 330 1.00 17.22 46.83
C PHE A 330 1.56 16.37 45.70
N PHE A 331 0.80 15.37 45.25
CA PHE A 331 1.25 14.51 44.16
C PHE A 331 1.44 15.32 42.88
N ASN A 332 0.50 16.21 42.58
CA ASN A 332 0.66 17.06 41.39
C ASN A 332 1.90 17.93 41.50
N ILE A 333 2.14 18.50 42.68
CA ILE A 333 3.31 19.36 42.86
C ILE A 333 4.58 18.56 42.61
N VAL A 334 4.67 17.37 43.20
CA VAL A 334 5.88 16.58 43.04
C VAL A 334 6.06 16.14 41.60
N TYR A 335 4.96 15.79 40.93
CA TYR A 335 5.04 15.34 39.54
C TYR A 335 5.54 16.45 38.64
N TRP A 336 4.89 17.62 38.70
CA TRP A 336 5.29 18.73 37.85
C TRP A 336 6.65 19.30 38.24
N LEU A 337 7.10 19.09 39.47
CA LEU A 337 8.47 19.49 39.81
C LEU A 337 9.48 18.50 39.27
N TYR A 338 9.15 17.21 39.25
CA TYR A 338 10.08 16.21 38.77
C TYR A 338 10.24 16.28 37.25
N TYR A 339 9.14 16.48 36.53
CA TYR A 339 9.18 16.41 35.08
C TYR A 339 9.36 17.75 34.38
N VAL A 340 9.11 18.87 35.06
CA VAL A 340 9.29 20.17 34.43
C VAL A 340 10.69 20.68 34.74
N ASP B 10 48.83 13.55 -16.69
CA ASP B 10 48.03 12.65 -17.51
C ASP B 10 47.83 11.31 -16.81
N ASN B 11 47.91 11.31 -15.49
CA ASN B 11 47.63 10.11 -14.73
C ASN B 11 46.23 9.59 -15.02
N THR B 12 45.28 10.49 -15.21
CA THR B 12 43.95 10.09 -15.63
C THR B 12 44.00 9.38 -16.99
N THR B 13 44.88 9.83 -17.88
CA THR B 13 44.95 9.19 -19.20
C THR B 13 45.47 7.76 -19.09
N VAL B 14 46.52 7.55 -18.29
CA VAL B 14 47.05 6.19 -18.14
C VAL B 14 46.04 5.29 -17.44
N PHE B 15 45.31 5.84 -16.46
CA PHE B 15 44.32 5.01 -15.77
C PHE B 15 43.14 4.69 -16.69
N THR B 16 42.74 5.63 -17.53
CA THR B 16 41.72 5.35 -18.53
C THR B 16 42.18 4.28 -19.49
N ARG B 17 43.44 4.34 -19.92
CA ARG B 17 43.95 3.31 -20.81
C ARG B 17 43.96 1.95 -20.13
N ILE B 18 44.32 1.91 -18.85
CA ILE B 18 44.27 0.65 -18.09
C ILE B 18 42.84 0.11 -18.09
N LEU B 19 41.88 0.96 -17.73
CA LEU B 19 40.50 0.49 -17.65
C LEU B 19 39.99 0.01 -19.01
N ASP B 20 40.36 0.71 -20.08
CA ASP B 20 39.90 0.32 -21.41
C ASP B 20 40.51 -1.00 -21.83
N ARG B 21 41.79 -1.21 -21.55
CA ARG B 21 42.40 -2.50 -21.81
C ARG B 21 41.81 -3.58 -20.92
N LEU B 22 41.26 -3.22 -19.77
CA LEU B 22 40.74 -4.19 -18.83
C LEU B 22 39.40 -4.75 -19.27
N LEU B 23 38.56 -3.93 -19.92
CA LEU B 23 37.24 -4.34 -20.36
C LEU B 23 37.21 -4.75 -21.82
N ASP B 24 38.36 -4.82 -22.48
CA ASP B 24 38.40 -5.16 -23.90
C ASP B 24 38.23 -6.66 -24.05
N GLY B 25 37.22 -7.07 -24.83
CA GLY B 25 36.93 -8.48 -24.97
C GLY B 25 36.48 -9.15 -23.70
N TYR B 26 35.66 -8.46 -22.91
CA TYR B 26 35.18 -8.97 -21.62
C TYR B 26 33.69 -9.23 -21.75
N ASP B 27 33.27 -10.47 -21.47
CA ASP B 27 31.88 -10.88 -21.57
C ASP B 27 31.35 -11.03 -20.15
N ASN B 28 30.59 -10.04 -19.69
CA ASN B 28 30.02 -10.08 -18.36
C ASN B 28 28.90 -11.09 -18.23
N ARG B 29 28.52 -11.76 -19.32
CA ARG B 29 27.53 -12.83 -19.25
C ARG B 29 28.11 -14.14 -18.75
N LEU B 30 29.43 -14.28 -18.68
CA LEU B 30 30.08 -15.52 -18.28
C LEU B 30 30.78 -15.32 -16.94
N ARG B 31 30.52 -16.22 -16.00
CA ARG B 31 31.15 -16.14 -14.71
C ARG B 31 32.62 -16.51 -14.81
N PRO B 32 33.44 -16.05 -13.87
CA PRO B 32 34.87 -16.39 -13.89
C PRO B 32 35.08 -17.88 -13.67
N GLY B 33 35.86 -18.49 -14.55
CA GLY B 33 36.05 -19.93 -14.53
C GLY B 33 34.79 -20.66 -14.90
N LEU B 34 34.26 -20.38 -16.09
CA LEU B 34 32.91 -20.86 -16.42
C LEU B 34 32.87 -22.38 -16.54
N GLY B 35 33.83 -22.96 -17.25
CA GLY B 35 33.78 -24.39 -17.52
C GLY B 35 34.88 -25.19 -16.86
N GLU B 36 35.74 -24.55 -16.07
CA GLU B 36 36.94 -25.20 -15.57
C GLU B 36 37.17 -25.00 -14.07
N ARG B 37 36.21 -24.42 -13.36
CA ARG B 37 36.43 -24.08 -11.96
C ARG B 37 35.12 -23.59 -11.37
N VAL B 38 34.98 -23.75 -10.06
CA VAL B 38 33.80 -23.31 -9.32
C VAL B 38 34.11 -21.94 -8.70
N THR B 39 33.24 -20.98 -8.94
CA THR B 39 33.43 -19.64 -8.40
C THR B 39 33.07 -19.61 -6.92
N GLU B 40 33.98 -19.07 -6.11
CA GLU B 40 33.81 -19.02 -4.67
C GLU B 40 33.64 -17.56 -4.27
N VAL B 41 32.48 -17.22 -3.72
CA VAL B 41 32.15 -15.86 -3.33
C VAL B 41 32.24 -15.77 -1.81
N LYS B 42 33.21 -15.02 -1.31
CA LYS B 42 33.30 -14.76 0.11
C LYS B 42 32.32 -13.65 0.49
N THR B 43 31.60 -13.86 1.58
CA THR B 43 30.48 -13.00 1.93
C THR B 43 30.62 -12.50 3.37
N ASP B 44 30.14 -11.28 3.58
CA ASP B 44 30.23 -10.62 4.87
C ASP B 44 29.06 -9.66 4.99
N ILE B 45 28.50 -9.56 6.20
CA ILE B 45 27.34 -8.71 6.45
C ILE B 45 27.65 -7.81 7.64
N PHE B 46 27.42 -6.52 7.49
CA PHE B 46 27.48 -5.56 8.58
C PHE B 46 26.10 -4.95 8.75
N VAL B 47 25.53 -5.11 9.94
CA VAL B 47 24.17 -4.68 10.22
C VAL B 47 24.24 -3.29 10.84
N THR B 48 23.92 -2.26 10.05
CA THR B 48 23.92 -0.90 10.56
C THR B 48 22.71 -0.61 11.43
N SER B 49 21.63 -1.36 11.28
CA SER B 49 20.48 -1.24 12.17
C SER B 49 19.60 -2.47 12.01
N PHE B 50 18.94 -2.84 13.09
CA PHE B 50 18.00 -3.97 13.10
C PHE B 50 16.61 -3.39 13.27
N GLY B 51 15.91 -3.22 12.14
CA GLY B 51 14.65 -2.51 12.13
C GLY B 51 13.63 -3.14 13.05
N PRO B 52 12.43 -2.55 13.10
CA PRO B 52 11.39 -3.06 13.99
C PRO B 52 10.87 -4.40 13.52
N VAL B 53 10.19 -5.10 14.43
CA VAL B 53 9.61 -6.40 14.16
C VAL B 53 8.10 -6.22 14.14
N SER B 54 7.48 -6.61 13.03
CA SER B 54 6.03 -6.50 12.87
C SER B 54 5.42 -7.84 13.25
N ASP B 55 4.83 -7.90 14.44
CA ASP B 55 4.19 -9.13 14.88
C ASP B 55 3.00 -9.47 14.00
N HIS B 56 2.22 -8.45 13.61
CA HIS B 56 1.03 -8.72 12.81
C HIS B 56 1.38 -9.32 11.47
N ASP B 57 2.44 -8.84 10.83
CA ASP B 57 2.85 -9.33 9.52
C ASP B 57 3.86 -10.46 9.59
N MET B 58 4.35 -10.80 10.77
CA MET B 58 5.37 -11.83 10.94
C MET B 58 6.58 -11.55 10.03
N GLU B 59 7.15 -10.36 10.21
CA GLU B 59 8.29 -9.95 9.43
C GLU B 59 9.15 -9.02 10.27
N TYR B 60 10.34 -8.73 9.76
CA TYR B 60 11.25 -7.79 10.42
C TYR B 60 12.10 -7.09 9.37
N THR B 61 12.44 -5.84 9.64
CA THR B 61 13.27 -5.05 8.75
C THR B 61 14.71 -5.05 9.27
N ILE B 62 15.66 -4.96 8.34
CA ILE B 62 17.08 -4.95 8.67
C ILE B 62 17.82 -4.15 7.62
N ASP B 63 18.73 -3.29 8.07
CA ASP B 63 19.62 -2.54 7.19
C ASP B 63 21.02 -3.11 7.32
N VAL B 64 21.67 -3.35 6.19
CA VAL B 64 22.97 -4.02 6.17
C VAL B 64 23.86 -3.42 5.09
N PHE B 65 25.16 -3.61 5.27
CA PHE B 65 26.13 -3.54 4.19
C PHE B 65 26.43 -4.97 3.77
N PHE B 66 26.04 -5.34 2.56
CA PHE B 66 26.25 -6.68 2.05
C PHE B 66 27.54 -6.68 1.23
N ARG B 67 28.56 -7.38 1.73
CA ARG B 67 29.88 -7.37 1.12
C ARG B 67 30.16 -8.72 0.49
N GLN B 68 30.53 -8.70 -0.79
CA GLN B 68 30.83 -9.91 -1.55
C GLN B 68 32.19 -9.75 -2.22
N SER B 69 32.99 -10.80 -2.17
CA SER B 69 34.31 -10.79 -2.79
C SER B 69 34.55 -12.10 -3.52
N TRP B 70 35.08 -11.99 -4.74
CA TRP B 70 35.43 -13.17 -5.53
C TRP B 70 36.69 -12.84 -6.32
N LYS B 71 37.14 -13.81 -7.12
CA LYS B 71 38.34 -13.68 -7.92
C LYS B 71 37.98 -13.80 -9.40
N ASP B 72 38.33 -12.78 -10.18
CA ASP B 72 38.12 -12.76 -11.62
C ASP B 72 39.47 -12.62 -12.30
N GLU B 73 39.94 -13.69 -12.94
CA GLU B 73 41.28 -13.68 -13.52
C GLU B 73 41.39 -12.79 -14.73
N ARG B 74 40.27 -12.45 -15.37
CA ARG B 74 40.31 -11.56 -16.53
C ARG B 74 40.56 -10.11 -16.15
N LEU B 75 40.54 -9.77 -14.87
CA LEU B 75 40.67 -8.40 -14.42
C LEU B 75 42.01 -8.13 -13.76
N LYS B 76 43.01 -8.97 -14.00
CA LYS B 76 44.36 -8.67 -13.54
C LYS B 76 44.89 -7.45 -14.28
N PHE B 77 45.65 -6.61 -13.56
CA PHE B 77 46.24 -5.43 -14.16
C PHE B 77 47.52 -5.08 -13.43
N LYS B 78 48.34 -4.26 -14.07
CA LYS B 78 49.56 -3.73 -13.48
C LYS B 78 49.62 -2.23 -13.71
N GLY B 79 49.83 -1.47 -12.65
CA GLY B 79 49.89 -0.03 -12.74
C GLY B 79 50.50 0.58 -11.50
N PRO B 80 50.40 1.91 -11.37
CA PRO B 80 50.95 2.58 -10.19
C PRO B 80 50.13 2.39 -8.93
N MET B 81 48.98 1.73 -9.00
CA MET B 81 48.19 1.42 -7.82
C MET B 81 48.03 -0.08 -7.65
N THR B 82 47.81 -0.51 -6.41
CA THR B 82 47.50 -1.90 -6.13
C THR B 82 46.00 -2.16 -6.06
N VAL B 83 45.20 -1.13 -5.78
CA VAL B 83 43.75 -1.25 -5.78
C VAL B 83 43.19 -0.12 -6.63
N LEU B 84 42.06 -0.39 -7.27
CA LEU B 84 41.32 0.61 -8.04
C LEU B 84 39.97 0.84 -7.37
N ARG B 85 39.81 2.01 -6.75
CA ARG B 85 38.55 2.41 -6.15
C ARG B 85 37.72 3.08 -7.24
N LEU B 86 36.76 2.35 -7.80
CA LEU B 86 36.06 2.76 -9.00
C LEU B 86 34.63 3.16 -8.70
N ASN B 87 34.11 4.07 -9.51
CA ASN B 87 32.71 4.47 -9.40
C ASN B 87 31.80 3.28 -9.64
N ASN B 88 30.68 3.25 -8.93
CA ASN B 88 29.82 2.07 -8.88
C ASN B 88 29.16 1.74 -10.22
N LEU B 89 29.39 2.50 -11.29
CA LEU B 89 28.87 2.12 -12.59
C LEU B 89 29.81 1.18 -13.33
N MET B 90 30.99 0.91 -12.77
CA MET B 90 31.86 -0.11 -13.33
C MET B 90 31.34 -1.50 -13.01
N ALA B 91 30.61 -1.66 -11.90
CA ALA B 91 30.08 -2.96 -11.55
C ALA B 91 29.07 -3.46 -12.57
N SER B 92 28.36 -2.55 -13.22
CA SER B 92 27.39 -2.96 -14.23
C SER B 92 28.06 -3.46 -15.50
N LYS B 93 29.35 -3.17 -15.68
CA LYS B 93 30.06 -3.60 -16.87
C LYS B 93 30.78 -4.94 -16.70
N ILE B 94 30.77 -5.52 -15.50
CA ILE B 94 31.45 -6.79 -15.24
C ILE B 94 30.45 -7.79 -14.69
N TRP B 95 30.86 -9.04 -14.62
CA TRP B 95 30.08 -10.06 -13.95
C TRP B 95 30.07 -9.83 -12.45
N THR B 96 28.89 -9.93 -11.84
CA THR B 96 28.74 -9.92 -10.40
C THR B 96 27.78 -11.03 -9.99
N PRO B 97 27.92 -11.59 -8.79
CA PRO B 97 27.02 -12.65 -8.38
C PRO B 97 25.60 -12.13 -8.23
N ASP B 98 24.63 -12.99 -8.54
CA ASP B 98 23.22 -12.66 -8.44
C ASP B 98 22.61 -13.21 -7.15
N THR B 99 23.12 -12.72 -6.03
CA THR B 99 22.64 -13.17 -4.74
C THR B 99 21.25 -12.62 -4.46
N PHE B 100 20.44 -13.42 -3.77
CA PHE B 100 19.10 -13.00 -3.37
C PHE B 100 18.79 -13.62 -2.02
N PHE B 101 17.82 -13.03 -1.33
CA PHE B 101 17.39 -13.49 -0.02
C PHE B 101 16.19 -14.40 -0.14
N HIS B 102 16.35 -15.65 0.32
CA HIS B 102 15.30 -16.66 0.11
C HIS B 102 14.01 -16.27 0.80
N ASN B 103 14.09 -15.84 2.06
CA ASN B 103 12.91 -15.44 2.82
C ASN B 103 12.70 -13.94 2.79
N GLY B 104 13.30 -13.24 1.83
CA GLY B 104 13.03 -11.81 1.70
C GLY B 104 11.64 -11.57 1.15
N LYS B 105 10.91 -10.65 1.78
CA LYS B 105 9.58 -10.27 1.29
C LYS B 105 9.67 -9.10 0.32
N LYS B 106 10.38 -8.04 0.71
CA LYS B 106 10.60 -6.90 -0.17
C LYS B 106 11.83 -6.16 0.33
N SER B 107 12.84 -6.04 -0.52
CA SER B 107 14.05 -5.30 -0.17
C SER B 107 14.28 -4.19 -1.19
N VAL B 108 15.11 -3.23 -0.78
CA VAL B 108 15.40 -2.05 -1.60
C VAL B 108 16.90 -1.81 -1.55
N ALA B 109 17.51 -1.65 -2.72
CA ALA B 109 18.91 -1.25 -2.82
C ALA B 109 18.94 0.27 -2.94
N HIS B 110 19.41 0.94 -1.89
CA HIS B 110 19.34 2.39 -1.85
C HIS B 110 20.25 3.01 -2.91
N ASN B 111 19.77 4.09 -3.53
CA ASN B 111 20.53 4.75 -4.58
C ASN B 111 20.42 6.26 -4.47
N MET B 112 20.27 6.77 -3.26
CA MET B 112 20.30 8.20 -2.98
C MET B 112 21.62 8.53 -2.32
N THR B 113 22.36 9.53 -2.84
CA THR B 113 22.02 10.29 -4.03
C THR B 113 22.51 9.58 -5.29
N MET B 114 23.34 8.57 -5.11
CA MET B 114 23.82 7.69 -6.17
C MET B 114 23.70 6.26 -5.71
N PRO B 115 23.74 5.29 -6.63
CA PRO B 115 23.67 3.89 -6.22
C PRO B 115 24.66 3.58 -5.11
N ASN B 116 24.14 3.16 -3.95
CA ASN B 116 24.95 2.99 -2.75
C ASN B 116 25.77 1.70 -2.89
N LYS B 117 26.71 1.75 -3.84
CA LYS B 117 27.48 0.59 -4.24
C LYS B 117 28.96 0.92 -4.18
N LEU B 118 29.78 -0.11 -4.34
CA LEU B 118 31.22 0.01 -4.08
C LEU B 118 31.92 -1.11 -4.83
N LEU B 119 33.02 -0.77 -5.51
CA LEU B 119 33.77 -1.76 -6.28
C LEU B 119 35.26 -1.44 -6.17
N ARG B 120 36.01 -2.35 -5.55
CA ARG B 120 37.46 -2.27 -5.48
C ARG B 120 38.05 -3.45 -6.24
N ILE B 121 38.96 -3.17 -7.15
CA ILE B 121 39.67 -4.20 -7.92
C ILE B 121 41.12 -4.20 -7.47
N THR B 122 41.58 -5.34 -6.98
CA THR B 122 42.99 -5.55 -6.66
C THR B 122 43.74 -6.03 -7.88
N GLU B 123 45.05 -5.78 -7.90
CA GLU B 123 45.85 -6.07 -9.08
C GLU B 123 45.96 -7.55 -9.37
N ASP B 124 45.70 -8.41 -8.38
CA ASP B 124 45.68 -9.85 -8.61
C ASP B 124 44.34 -10.34 -9.15
N GLY B 125 43.37 -9.46 -9.31
CA GLY B 125 42.07 -9.83 -9.84
C GLY B 125 41.01 -10.09 -8.80
N THR B 126 41.28 -9.84 -7.53
CA THR B 126 40.25 -9.96 -6.50
C THR B 126 39.34 -8.74 -6.53
N LEU B 127 38.05 -8.98 -6.36
CA LEU B 127 37.05 -7.92 -6.37
C LEU B 127 36.39 -7.83 -5.00
N LEU B 128 36.07 -6.61 -4.59
CA LEU B 128 35.22 -6.36 -3.42
C LEU B 128 34.02 -5.57 -3.88
N TYR B 129 32.83 -6.09 -3.60
CA TYR B 129 31.58 -5.52 -4.10
C TYR B 129 30.62 -5.39 -2.92
N THR B 130 30.38 -4.16 -2.49
CA THR B 130 29.58 -3.90 -1.30
C THR B 130 28.35 -3.08 -1.66
N MET B 131 27.22 -3.43 -1.06
CA MET B 131 25.97 -2.73 -1.28
C MET B 131 25.34 -2.40 0.06
N ARG B 132 24.64 -1.26 0.11
CA ARG B 132 23.76 -0.93 1.20
C ARG B 132 22.33 -1.21 0.77
N LEU B 133 21.60 -1.98 1.57
CA LEU B 133 20.26 -2.38 1.21
C LEU B 133 19.45 -2.69 2.46
N THR B 134 18.14 -2.47 2.35
CA THR B 134 17.19 -2.76 3.43
C THR B 134 16.36 -3.97 3.03
N VAL B 135 16.26 -4.93 3.94
CA VAL B 135 15.56 -6.19 3.68
C VAL B 135 14.41 -6.31 4.66
N ARG B 136 13.19 -6.45 4.14
CA ARG B 136 12.06 -6.95 4.91
C ARG B 136 12.01 -8.46 4.73
N ALA B 137 12.21 -9.21 5.80
CA ALA B 137 12.30 -10.65 5.74
C ALA B 137 11.18 -11.30 6.55
N GLU B 138 10.77 -12.49 6.12
CA GLU B 138 9.70 -13.22 6.78
C GLU B 138 10.25 -13.98 7.97
N CYS B 139 9.66 -13.75 9.15
CA CYS B 139 10.07 -14.43 10.37
C CYS B 139 8.88 -15.18 10.95
N PRO B 140 8.74 -16.47 10.66
CA PRO B 140 7.62 -17.23 11.25
C PRO B 140 7.71 -17.25 12.76
N MET B 141 6.58 -16.98 13.41
CA MET B 141 6.53 -16.82 14.85
C MET B 141 5.54 -17.80 15.45
N HIS B 142 5.87 -18.32 16.62
CA HIS B 142 4.99 -19.20 17.39
C HIS B 142 4.64 -18.47 18.68
N LEU B 143 3.37 -18.13 18.84
CA LEU B 143 2.94 -17.25 19.92
C LEU B 143 2.18 -18.01 21.02
N GLU B 144 2.56 -19.27 21.25
CA GLU B 144 1.92 -20.01 22.34
C GLU B 144 2.30 -19.45 23.70
N ASP B 145 3.50 -18.88 23.82
CA ASP B 145 3.98 -18.32 25.07
C ASP B 145 3.94 -16.79 25.07
N PHE B 146 3.23 -16.19 24.11
CA PHE B 146 3.12 -14.76 24.08
C PHE B 146 2.45 -14.26 25.36
N PRO B 147 2.92 -13.16 25.95
CA PRO B 147 3.98 -12.25 25.53
C PRO B 147 5.35 -12.59 26.09
N MET B 148 5.54 -13.83 26.54
CA MET B 148 6.79 -14.28 27.14
C MET B 148 7.53 -15.24 26.21
N ASP B 149 7.49 -14.95 24.91
CA ASP B 149 8.03 -15.82 23.88
C ASP B 149 9.35 -15.27 23.35
N ALA B 150 10.14 -16.17 22.77
CA ALA B 150 11.39 -15.83 22.13
C ALA B 150 11.41 -16.44 20.74
N HIS B 151 12.11 -15.79 19.82
CA HIS B 151 12.13 -16.23 18.43
C HIS B 151 13.52 -16.11 17.86
N ALA B 152 13.79 -16.92 16.85
CA ALA B 152 15.03 -16.86 16.07
C ALA B 152 14.63 -16.51 14.65
N CYS B 153 14.73 -15.23 14.31
CA CYS B 153 14.33 -14.78 12.98
C CYS B 153 15.45 -15.05 11.99
N PRO B 154 15.21 -15.79 10.92
CA PRO B 154 16.29 -16.14 9.99
C PRO B 154 16.48 -15.12 8.88
N LEU B 155 17.69 -15.14 8.32
CA LEU B 155 18.01 -14.42 7.09
C LEU B 155 18.79 -15.35 6.19
N LYS B 156 18.16 -15.81 5.12
CA LYS B 156 18.73 -16.79 4.22
C LYS B 156 18.99 -16.15 2.87
N PHE B 157 20.19 -16.33 2.35
CA PHE B 157 20.53 -15.83 1.02
C PHE B 157 21.36 -16.85 0.29
N GLY B 158 21.51 -16.62 -1.01
CA GLY B 158 22.25 -17.54 -1.85
C GLY B 158 22.16 -17.07 -3.29
N SER B 159 22.67 -17.90 -4.19
CA SER B 159 22.66 -17.56 -5.60
C SER B 159 21.35 -17.98 -6.25
N TYR B 160 20.81 -17.09 -7.07
CA TYR B 160 19.77 -17.43 -8.02
C TYR B 160 20.42 -17.91 -9.31
N ALA B 161 19.97 -19.05 -9.82
CA ALA B 161 20.31 -19.61 -11.12
C ALA B 161 21.68 -20.28 -11.19
N TYR B 162 22.52 -20.20 -10.15
CA TYR B 162 23.82 -20.87 -10.16
C TYR B 162 23.80 -21.96 -9.10
N THR B 163 23.96 -23.20 -9.53
CA THR B 163 23.86 -24.34 -8.64
C THR B 163 25.17 -24.53 -7.88
N ARG B 164 25.18 -25.51 -6.98
CA ARG B 164 26.34 -25.73 -6.13
C ARG B 164 27.59 -26.04 -6.95
N ALA B 165 27.41 -26.61 -8.14
CA ALA B 165 28.56 -26.95 -8.98
C ALA B 165 29.19 -25.74 -9.63
N GLU B 166 28.59 -24.57 -9.54
CA GLU B 166 29.08 -23.38 -10.23
C GLU B 166 29.49 -22.26 -9.28
N VAL B 167 28.62 -21.88 -8.35
CA VAL B 167 28.93 -20.81 -7.40
C VAL B 167 28.69 -21.35 -6.00
N VAL B 168 29.67 -21.17 -5.12
CA VAL B 168 29.53 -21.48 -3.70
C VAL B 168 29.82 -20.23 -2.89
N TYR B 169 29.20 -20.14 -1.73
CA TYR B 169 29.33 -18.99 -0.84
C TYR B 169 30.07 -19.40 0.41
N GLU B 170 30.90 -18.49 0.93
CA GLU B 170 31.70 -18.77 2.10
C GLU B 170 31.84 -17.48 2.91
N TRP B 171 31.83 -17.61 4.22
CA TRP B 171 32.07 -16.45 5.07
C TRP B 171 33.51 -15.97 4.93
N THR B 172 33.69 -14.66 4.82
CA THR B 172 35.03 -14.12 4.59
C THR B 172 35.93 -14.34 5.80
N ARG B 173 35.40 -14.19 7.00
CA ARG B 173 36.13 -14.41 8.24
C ARG B 173 35.53 -15.59 8.97
N GLU B 174 36.04 -15.85 10.17
CA GLU B 174 35.49 -16.90 11.00
C GLU B 174 33.96 -16.77 11.04
N PRO B 175 33.22 -17.85 10.79
CA PRO B 175 31.75 -17.72 10.77
C PRO B 175 31.19 -16.95 11.95
N ALA B 176 31.75 -17.15 13.14
CA ALA B 176 31.24 -16.45 14.32
C ALA B 176 31.52 -14.96 14.29
N ARG B 177 32.36 -14.48 13.38
CA ARG B 177 32.70 -13.07 13.31
C ARG B 177 32.31 -12.43 11.98
N SER B 178 31.50 -13.11 11.18
CA SER B 178 31.22 -12.63 9.83
C SER B 178 29.96 -11.78 9.74
N VAL B 179 29.11 -11.83 10.76
CA VAL B 179 27.94 -10.96 10.86
C VAL B 179 28.14 -10.07 12.07
N VAL B 180 28.29 -8.77 11.82
CA VAL B 180 28.62 -7.80 12.85
C VAL B 180 27.47 -6.80 12.94
N VAL B 181 27.00 -6.56 14.16
CA VAL B 181 25.91 -5.64 14.42
C VAL B 181 26.49 -4.38 15.04
N ALA B 182 26.11 -3.22 14.51
CA ALA B 182 26.62 -1.96 15.01
C ALA B 182 26.13 -1.73 16.44
N GLU B 183 26.94 -1.00 17.21
CA GLU B 183 26.64 -0.81 18.62
C GLU B 183 25.33 -0.05 18.80
N ASP B 184 25.21 1.11 18.15
CA ASP B 184 24.04 1.94 18.26
C ASP B 184 22.92 1.54 17.31
N GLY B 185 23.15 0.55 16.46
CA GLY B 185 22.18 0.21 15.44
C GLY B 185 21.12 -0.74 15.95
N SER B 186 20.20 -0.22 16.76
CA SER B 186 19.07 -1.01 17.27
C SER B 186 17.82 -0.14 17.14
N ARG B 187 16.92 -0.54 16.24
CA ARG B 187 15.61 0.08 16.13
C ARG B 187 14.51 -0.80 16.71
N LEU B 188 14.86 -1.68 17.64
CA LEU B 188 13.89 -2.58 18.27
C LEU B 188 13.22 -1.86 19.44
N ASN B 189 11.91 -1.68 19.34
CA ASN B 189 11.14 -1.12 20.43
C ASN B 189 10.69 -2.19 21.43
N GLN B 190 10.08 -3.25 20.92
CA GLN B 190 9.37 -4.21 21.74
C GLN B 190 10.19 -5.46 22.04
N TYR B 191 11.40 -5.57 21.48
CA TYR B 191 12.19 -6.80 21.57
C TYR B 191 13.60 -6.48 22.03
N ASP B 192 14.34 -7.54 22.33
CA ASP B 192 15.73 -7.45 22.75
C ASP B 192 16.54 -8.42 21.91
N LEU B 193 17.64 -7.93 21.33
CA LEU B 193 18.49 -8.74 20.46
C LEU B 193 19.55 -9.43 21.30
N LEU B 194 19.36 -10.73 21.57
CA LEU B 194 20.27 -11.46 22.43
C LEU B 194 21.57 -11.80 21.72
N GLY B 195 21.55 -11.97 20.42
CA GLY B 195 22.72 -12.38 19.68
C GLY B 195 22.33 -12.90 18.32
N GLN B 196 23.35 -13.30 17.56
CA GLN B 196 23.15 -13.79 16.21
C GLN B 196 23.95 -15.07 15.98
N THR B 197 23.44 -15.89 15.07
CA THR B 197 24.03 -17.16 14.72
C THR B 197 24.05 -17.31 13.21
N VAL B 198 25.09 -17.96 12.69
CA VAL B 198 25.22 -18.18 11.25
C VAL B 198 25.39 -19.65 10.99
N ASP B 199 25.05 -20.06 9.76
CA ASP B 199 25.19 -21.43 9.32
C ASP B 199 25.23 -21.47 7.81
N SER B 200 25.67 -22.61 7.28
CA SER B 200 25.73 -22.84 5.85
C SER B 200 25.13 -24.21 5.55
N GLY B 201 24.49 -24.32 4.38
CA GLY B 201 23.84 -25.56 4.04
C GLY B 201 23.52 -25.63 2.56
N ILE B 202 22.67 -26.59 2.22
CA ILE B 202 22.29 -26.85 0.83
C ILE B 202 20.79 -27.09 0.78
N VAL B 203 20.14 -26.54 -0.23
CA VAL B 203 18.71 -26.75 -0.45
C VAL B 203 18.54 -27.30 -1.86
N GLN B 204 17.77 -28.38 -1.98
CA GLN B 204 17.45 -28.98 -3.27
C GLN B 204 16.16 -28.34 -3.77
N SER B 205 16.26 -27.58 -4.86
CA SER B 205 15.10 -26.99 -5.50
C SER B 205 14.67 -27.83 -6.71
N SER B 206 13.68 -27.34 -7.45
CA SER B 206 13.28 -27.98 -8.68
C SER B 206 14.18 -27.65 -9.85
N THR B 207 15.16 -26.76 -9.67
CA THR B 207 16.11 -26.40 -10.71
C THR B 207 17.53 -26.85 -10.41
N GLY B 208 17.77 -27.42 -9.24
CA GLY B 208 19.07 -27.97 -8.94
C GLY B 208 19.38 -27.82 -7.46
N GLU B 209 20.67 -27.95 -7.14
CA GLU B 209 21.17 -27.95 -5.78
C GLU B 209 21.93 -26.65 -5.54
N TYR B 210 21.46 -25.85 -4.59
CA TYR B 210 21.99 -24.51 -4.35
C TYR B 210 22.55 -24.41 -2.95
N VAL B 211 23.69 -23.70 -2.83
CA VAL B 211 24.22 -23.34 -1.52
C VAL B 211 23.36 -22.24 -0.90
N VAL B 212 23.10 -22.36 0.39
CA VAL B 212 22.35 -21.35 1.14
C VAL B 212 23.14 -20.98 2.39
N MET B 213 23.27 -19.67 2.62
CA MET B 213 23.88 -19.13 3.82
C MET B 213 22.78 -18.61 4.73
N THR B 214 22.81 -18.99 6.00
CA THR B 214 21.75 -18.67 6.94
C THR B 214 22.29 -17.89 8.12
N THR B 215 21.54 -16.88 8.54
CA THR B 215 21.78 -16.16 9.79
C THR B 215 20.52 -16.22 10.64
N HIS B 216 20.70 -16.46 11.93
CA HIS B 216 19.59 -16.49 12.89
C HIS B 216 19.79 -15.40 13.93
N PHE B 217 18.81 -14.51 14.05
CA PHE B 217 18.82 -13.45 15.05
C PHE B 217 17.87 -13.83 16.18
N HIS B 218 18.39 -13.96 17.40
CA HIS B 218 17.61 -14.42 18.53
C HIS B 218 17.04 -13.23 19.27
N LEU B 219 15.71 -13.14 19.33
CA LEU B 219 15.01 -12.00 19.90
C LEU B 219 14.17 -12.44 21.08
N LYS B 220 14.25 -11.67 22.18
CA LYS B 220 13.43 -11.89 23.36
C LYS B 220 12.47 -10.71 23.52
N ARG B 221 11.18 -11.01 23.60
CA ARG B 221 10.19 -9.95 23.76
C ARG B 221 10.24 -9.36 25.16
N LYS B 222 10.08 -8.04 25.25
CA LYS B 222 10.00 -7.35 26.52
C LYS B 222 8.55 -7.33 27.01
N ILE B 223 8.35 -7.80 28.24
CA ILE B 223 6.99 -7.95 28.78
C ILE B 223 6.40 -6.68 29.37
N GLY B 224 7.18 -5.62 29.51
CA GLY B 224 6.71 -4.48 30.30
C GLY B 224 5.44 -3.86 29.74
N TYR B 225 5.43 -3.61 28.44
CA TYR B 225 4.26 -2.96 27.84
C TYR B 225 3.00 -3.76 28.15
N PHE B 226 3.07 -5.09 28.00
CA PHE B 226 1.88 -5.89 28.19
C PHE B 226 1.52 -6.00 29.66
N VAL B 227 2.51 -6.02 30.55
CA VAL B 227 2.21 -5.95 31.97
C VAL B 227 1.33 -4.74 32.24
N ILE B 228 1.85 -3.55 31.99
CA ILE B 228 1.10 -2.33 32.30
C ILE B 228 -0.23 -2.28 31.58
N GLN B 229 -0.28 -2.71 30.32
CA GLN B 229 -1.48 -2.46 29.54
C GLN B 229 -2.58 -3.50 29.72
N THR B 230 -2.24 -4.74 30.10
CA THR B 230 -3.25 -5.78 30.25
C THR B 230 -3.27 -6.39 31.65
N TYR B 231 -2.11 -6.75 32.19
CA TYR B 231 -2.11 -7.53 33.42
C TYR B 231 -2.57 -6.69 34.61
N LEU B 232 -2.04 -5.48 34.74
CA LEU B 232 -2.48 -4.62 35.83
C LEU B 232 -3.96 -4.28 35.71
N PRO B 233 -4.49 -3.88 34.57
CA PRO B 233 -5.94 -3.67 34.48
C PRO B 233 -6.75 -4.90 34.86
N CYS B 234 -6.32 -6.09 34.45
CA CYS B 234 -7.09 -7.29 34.79
C CYS B 234 -7.04 -7.57 36.29
N ILE B 235 -5.85 -7.48 36.90
CA ILE B 235 -5.76 -7.68 38.34
C ILE B 235 -6.59 -6.64 39.08
N MET B 236 -6.55 -5.39 38.61
CA MET B 236 -7.33 -4.34 39.25
C MET B 236 -8.82 -4.64 39.16
N THR B 237 -9.28 -5.10 37.99
CA THR B 237 -10.70 -5.42 37.84
C THR B 237 -11.09 -6.60 38.71
N VAL B 238 -10.21 -7.58 38.86
CA VAL B 238 -10.51 -8.71 39.75
C VAL B 238 -10.62 -8.22 41.19
N ILE B 239 -9.68 -7.37 41.60
CA ILE B 239 -9.73 -6.82 42.96
C ILE B 239 -11.02 -6.04 43.16
N LEU B 240 -11.39 -5.22 42.18
CA LEU B 240 -12.60 -4.43 42.31
C LEU B 240 -13.84 -5.31 42.40
N SER B 241 -13.89 -6.38 41.60
CA SER B 241 -15.00 -7.31 41.68
C SER B 241 -15.07 -7.96 43.04
N GLN B 242 -13.93 -8.33 43.61
CA GLN B 242 -13.94 -8.97 44.92
C GLN B 242 -14.25 -7.99 46.04
N VAL B 243 -14.02 -6.69 45.82
CA VAL B 243 -14.34 -5.70 46.84
C VAL B 243 -15.84 -5.66 47.11
N SER B 244 -16.66 -6.12 46.16
CA SER B 244 -18.11 -6.11 46.36
C SER B 244 -18.56 -7.06 47.46
N PHE B 245 -17.70 -8.01 47.87
CA PHE B 245 -18.09 -8.93 48.93
C PHE B 245 -18.26 -8.22 50.25
N TRP B 246 -17.42 -7.22 50.54
CA TRP B 246 -17.43 -6.57 51.84
C TRP B 246 -18.61 -5.62 52.00
N LEU B 247 -19.36 -5.33 50.94
CA LEU B 247 -20.53 -4.48 51.07
C LEU B 247 -21.63 -5.20 51.83
N ASN B 248 -22.53 -4.41 52.40
CA ASN B 248 -23.66 -4.99 53.13
C ASN B 248 -24.63 -5.67 52.16
N ARG B 249 -25.24 -6.75 52.61
CA ARG B 249 -26.20 -7.47 51.78
C ARG B 249 -27.47 -6.67 51.52
N GLU B 250 -27.73 -5.64 52.33
CA GLU B 250 -28.89 -4.78 52.15
C GLU B 250 -28.69 -3.71 51.09
N SER B 251 -27.68 -3.85 50.23
CA SER B 251 -27.42 -2.91 49.13
C SER B 251 -27.28 -3.74 47.86
N VAL B 252 -28.42 -4.04 47.24
CA VAL B 252 -28.46 -4.86 46.04
C VAL B 252 -28.03 -4.05 44.83
N PRO B 253 -28.53 -2.82 44.65
CA PRO B 253 -28.09 -2.05 43.48
C PRO B 253 -26.60 -1.85 43.40
N ALA B 254 -25.94 -1.62 44.56
CA ALA B 254 -24.52 -1.33 44.54
C ALA B 254 -23.71 -2.54 44.09
N ARG B 255 -24.02 -3.71 44.67
CA ARG B 255 -23.29 -4.92 44.29
C ARG B 255 -23.61 -5.34 42.87
N THR B 256 -24.85 -5.14 42.43
CA THR B 256 -25.18 -5.42 41.03
C THR B 256 -24.38 -4.54 40.09
N VAL B 257 -24.27 -3.25 40.42
CA VAL B 257 -23.48 -2.33 39.60
C VAL B 257 -22.02 -2.78 39.57
N PHE B 258 -21.48 -3.12 40.74
CA PHE B 258 -20.11 -3.63 40.79
C PHE B 258 -19.92 -4.79 39.84
N GLY B 259 -20.80 -5.80 39.94
CA GLY B 259 -20.62 -6.98 39.12
C GLY B 259 -20.73 -6.69 37.64
N VAL B 260 -21.77 -5.95 37.24
CA VAL B 260 -22.00 -5.72 35.82
C VAL B 260 -20.87 -4.89 35.22
N THR B 261 -20.44 -3.84 35.93
CA THR B 261 -19.39 -3.00 35.38
C THR B 261 -18.06 -3.73 35.34
N THR B 262 -17.78 -4.59 36.33
CA THR B 262 -16.56 -5.37 36.27
C THR B 262 -16.58 -6.32 35.09
N VAL B 263 -17.73 -6.96 34.83
CA VAL B 263 -17.83 -7.86 33.68
C VAL B 263 -17.65 -7.08 32.39
N LEU B 264 -18.25 -5.90 32.30
CA LEU B 264 -18.09 -5.08 31.10
C LEU B 264 -16.63 -4.70 30.89
N THR B 265 -15.95 -4.32 31.96
CA THR B 265 -14.53 -3.97 31.84
C THR B 265 -13.72 -5.17 31.39
N MET B 266 -14.03 -6.36 31.91
CA MET B 266 -13.33 -7.56 31.49
C MET B 266 -13.56 -7.82 30.00
N THR B 267 -14.79 -7.64 29.53
CA THR B 267 -15.08 -7.85 28.11
C THR B 267 -14.31 -6.87 27.24
N THR B 268 -14.28 -5.59 27.66
CA THR B 268 -13.53 -4.60 26.91
C THR B 268 -12.05 -4.95 26.86
N LEU B 269 -11.49 -5.36 28.00
CA LEU B 269 -10.09 -5.72 28.05
C LEU B 269 -9.80 -6.92 27.15
N SER B 270 -10.69 -7.92 27.16
CA SER B 270 -10.49 -9.09 26.34
C SER B 270 -10.54 -8.73 24.85
N ILE B 271 -11.44 -7.83 24.47
CA ILE B 271 -11.48 -7.39 23.09
C ILE B 271 -10.22 -6.60 22.73
N SER B 272 -9.73 -5.80 23.66
CA SER B 272 -8.57 -4.96 23.37
C SER B 272 -7.30 -5.78 23.24
N ALA B 273 -7.15 -6.82 24.07
CA ALA B 273 -5.86 -7.49 24.17
C ALA B 273 -5.46 -8.12 22.85
N ARG B 274 -6.40 -8.80 22.19
CA ARG B 274 -6.07 -9.50 20.95
C ARG B 274 -5.69 -8.54 19.83
N ASN B 275 -6.13 -7.28 19.91
CA ASN B 275 -5.99 -6.38 18.78
C ASN B 275 -4.52 -6.16 18.40
N SER B 276 -3.60 -6.44 19.30
CA SER B 276 -2.18 -6.22 19.05
C SER B 276 -1.53 -7.39 18.34
N LEU B 277 -2.05 -8.59 18.51
CA LEU B 277 -1.47 -9.81 17.98
C LEU B 277 -2.11 -10.19 16.65
N PRO B 278 -1.42 -10.99 15.84
CA PRO B 278 -2.07 -11.55 14.65
C PRO B 278 -3.18 -12.52 15.03
N LYS B 279 -4.03 -12.81 14.05
CA LYS B 279 -5.21 -13.65 14.28
C LYS B 279 -4.83 -15.12 14.19
N VAL B 280 -4.05 -15.56 15.19
CA VAL B 280 -3.70 -16.97 15.29
C VAL B 280 -4.91 -17.75 15.82
N ALA B 281 -4.88 -19.06 15.62
CA ALA B 281 -6.02 -19.92 15.88
C ALA B 281 -5.94 -20.62 17.23
N TYR B 282 -4.97 -20.27 18.06
CA TYR B 282 -4.81 -20.88 19.37
C TYR B 282 -4.77 -19.81 20.44
N ALA B 283 -4.77 -20.25 21.69
CA ALA B 283 -4.79 -19.37 22.85
C ALA B 283 -3.37 -19.16 23.38
N THR B 284 -3.02 -17.91 23.63
CA THR B 284 -1.72 -17.57 24.19
C THR B 284 -1.80 -17.54 25.72
N ALA B 285 -0.67 -17.29 26.36
CA ALA B 285 -0.67 -17.18 27.82
C ALA B 285 -1.52 -16.02 28.29
N MET B 286 -1.46 -14.89 27.59
CA MET B 286 -2.31 -13.76 27.93
C MET B 286 -3.77 -14.13 27.83
N ASP B 287 -4.13 -14.94 26.82
CA ASP B 287 -5.52 -15.37 26.68
C ASP B 287 -5.95 -16.18 27.89
N TRP B 288 -5.09 -17.08 28.38
CA TRP B 288 -5.44 -17.86 29.56
C TRP B 288 -5.59 -16.97 30.78
N PHE B 289 -4.69 -16.00 30.94
CA PHE B 289 -4.80 -15.10 32.09
C PHE B 289 -6.11 -14.33 32.05
N ILE B 290 -6.46 -13.79 30.87
CA ILE B 290 -7.70 -13.03 30.76
C ILE B 290 -8.90 -13.93 31.00
N ALA B 291 -8.84 -15.18 30.53
CA ALA B 291 -9.93 -16.12 30.76
C ALA B 291 -10.11 -16.40 32.24
N VAL B 292 -9.01 -16.60 32.96
CA VAL B 292 -9.12 -16.88 34.39
C VAL B 292 -9.65 -15.66 35.14
N CYS B 293 -9.21 -14.46 34.74
CA CYS B 293 -9.73 -13.27 35.40
C CYS B 293 -11.23 -13.11 35.15
N TYR B 294 -11.66 -13.37 33.91
CA TYR B 294 -13.07 -13.32 33.60
C TYR B 294 -13.85 -14.35 34.42
N ALA B 295 -13.28 -15.54 34.58
CA ALA B 295 -13.92 -16.57 35.38
C ALA B 295 -14.06 -16.11 36.83
N PHE B 296 -13.04 -15.47 37.38
CA PHE B 296 -13.12 -15.00 38.76
C PHE B 296 -14.19 -13.92 38.91
N VAL B 297 -14.25 -12.98 37.96
CA VAL B 297 -15.26 -11.93 38.05
C VAL B 297 -16.66 -12.54 37.96
N PHE B 298 -16.86 -13.45 37.01
CA PHE B 298 -18.16 -14.10 36.87
C PHE B 298 -18.51 -14.88 38.12
N SER B 299 -17.55 -15.57 38.71
CA SER B 299 -17.82 -16.33 39.93
C SER B 299 -18.23 -15.40 41.07
N ALA B 300 -17.57 -14.25 41.18
CA ALA B 300 -17.97 -13.28 42.19
C ALA B 300 -19.41 -12.82 41.98
N LEU B 301 -19.77 -12.56 40.72
CA LEU B 301 -21.13 -12.12 40.45
C LEU B 301 -22.15 -13.20 40.79
N ILE B 302 -21.84 -14.45 40.45
CA ILE B 302 -22.75 -15.55 40.77
C ILE B 302 -22.85 -15.74 42.28
N GLU B 303 -21.74 -15.54 42.99
CA GLU B 303 -21.79 -15.61 44.45
C GLU B 303 -22.71 -14.55 45.02
N PHE B 304 -22.63 -13.33 44.49
CA PHE B 304 -23.55 -12.30 44.94
C PHE B 304 -24.99 -12.66 44.62
N ALA B 305 -25.23 -13.21 43.44
CA ALA B 305 -26.59 -13.62 43.09
C ALA B 305 -27.11 -14.66 44.06
N THR B 306 -26.28 -15.63 44.43
CA THR B 306 -26.69 -16.64 45.39
C THR B 306 -26.99 -16.01 46.74
N VAL B 307 -26.11 -15.12 47.19
CA VAL B 307 -26.32 -14.47 48.49
C VAL B 307 -27.65 -13.73 48.50
N ASN B 308 -27.92 -12.98 47.43
CA ASN B 308 -29.19 -12.25 47.35
C ASN B 308 -30.38 -13.21 47.31
N TYR B 309 -30.22 -14.34 46.61
CA TYR B 309 -31.32 -15.33 46.57
C TYR B 309 -31.63 -15.81 47.98
N PHE B 310 -30.59 -16.17 48.74
CA PHE B 310 -30.80 -16.72 50.08
C PHE B 310 -31.06 -15.65 51.13
N THR B 311 -30.92 -14.38 50.78
CA THR B 311 -31.25 -13.32 51.73
C THR B 311 -32.77 -13.24 51.90
N LYS B 312 -33.20 -12.97 53.13
CA LYS B 312 -34.59 -12.87 53.55
C LYS B 312 -35.24 -14.24 53.68
N SER B 313 -34.55 -15.33 53.34
CA SER B 313 -35.04 -16.68 53.59
C SER B 313 -34.12 -17.47 54.50
N GLN B 314 -32.82 -17.49 54.21
CA GLN B 314 -31.83 -18.18 55.03
C GLN B 314 -30.65 -17.24 55.26
N PRO B 315 -30.84 -16.19 56.05
CA PRO B 315 -29.74 -15.21 56.22
C PRO B 315 -28.47 -15.82 56.76
N ALA B 316 -28.57 -16.88 57.59
CA ALA B 316 -27.38 -17.51 58.10
C ALA B 316 -26.54 -18.09 56.97
N ARG B 317 -27.20 -18.78 56.03
CA ARG B 317 -26.48 -19.36 54.90
C ARG B 317 -25.82 -18.29 54.05
N ALA B 318 -26.55 -17.22 53.76
CA ALA B 318 -26.00 -16.14 52.94
C ALA B 318 -24.78 -15.51 53.62
N ALA B 319 -24.90 -15.22 54.91
CA ALA B 319 -23.77 -14.64 55.63
C ALA B 319 -22.58 -15.58 55.64
N LYS B 320 -22.83 -16.87 55.85
CA LYS B 320 -21.73 -17.84 55.89
C LYS B 320 -21.02 -17.90 54.55
N ILE B 321 -21.78 -17.95 53.45
CA ILE B 321 -21.14 -18.05 52.13
C ILE B 321 -20.40 -16.78 51.79
N ASP B 322 -20.95 -15.62 52.15
CA ASP B 322 -20.23 -14.37 51.93
C ASP B 322 -18.92 -14.35 52.72
N ARG B 323 -18.96 -14.77 53.97
CA ARG B 323 -17.75 -14.78 54.79
C ARG B 323 -16.71 -15.73 54.22
N LEU B 324 -17.14 -16.91 53.77
CA LEU B 324 -16.20 -17.85 53.16
C LEU B 324 -15.62 -17.29 51.88
N SER B 325 -16.44 -16.64 51.04
CA SER B 325 -15.96 -16.10 49.78
C SER B 325 -14.91 -15.02 50.02
N ARG B 326 -15.14 -14.16 51.02
CA ARG B 326 -14.21 -13.07 51.28
C ARG B 326 -12.79 -13.55 51.46
N ILE B 327 -12.61 -14.76 51.98
CA ILE B 327 -11.27 -15.35 52.10
C ILE B 327 -10.92 -16.17 50.88
N ALA B 328 -11.84 -17.00 50.39
CA ALA B 328 -11.49 -17.95 49.34
C ALA B 328 -11.07 -17.25 48.06
N PHE B 329 -11.82 -16.23 47.63
CA PHE B 329 -11.54 -15.62 46.34
C PHE B 329 -10.15 -15.02 46.26
N PRO B 330 -9.73 -14.13 47.16
CA PRO B 330 -8.37 -13.59 47.07
C PRO B 330 -7.29 -14.65 47.14
N LEU B 331 -7.48 -15.67 47.99
CA LEU B 331 -6.45 -16.69 48.13
C LEU B 331 -6.30 -17.50 46.85
N LEU B 332 -7.43 -17.89 46.25
CA LEU B 332 -7.38 -18.63 44.99
C LEU B 332 -6.75 -17.78 43.89
N PHE B 333 -7.11 -16.50 43.83
CA PHE B 333 -6.52 -15.63 42.81
C PHE B 333 -5.01 -15.51 43.00
N GLY B 334 -4.56 -15.36 44.25
CA GLY B 334 -3.13 -15.26 44.50
C GLY B 334 -2.39 -16.54 44.15
N ILE B 335 -2.97 -17.69 44.49
CA ILE B 335 -2.35 -18.96 44.16
C ILE B 335 -2.25 -19.11 42.65
N PHE B 336 -3.32 -18.76 41.94
CA PHE B 336 -3.28 -18.85 40.47
C PHE B 336 -2.21 -17.94 39.91
N ASN B 337 -2.11 -16.71 40.41
CA ASN B 337 -1.09 -15.80 39.90
C ASN B 337 0.30 -16.36 40.14
N LEU B 338 0.54 -16.88 41.34
CA LEU B 338 1.85 -17.46 41.64
C LEU B 338 2.17 -18.58 40.67
N VAL B 339 1.23 -19.50 40.47
CA VAL B 339 1.49 -20.64 39.59
C VAL B 339 1.74 -20.18 38.17
N TYR B 340 0.88 -19.28 37.67
CA TYR B 340 1.00 -18.80 36.30
C TYR B 340 2.37 -18.15 36.06
N TRP B 341 2.74 -17.21 36.93
CA TRP B 341 3.99 -16.49 36.72
C TRP B 341 5.18 -17.43 36.88
N ALA B 342 5.12 -18.37 37.82
CA ALA B 342 6.21 -19.31 37.98
C ALA B 342 6.37 -20.17 36.73
N THR B 343 5.27 -20.64 36.15
CA THR B 343 5.36 -21.54 35.01
C THR B 343 5.64 -20.80 33.71
N TYR B 344 5.44 -19.48 33.64
CA TYR B 344 5.70 -18.76 32.41
C TYR B 344 6.91 -17.83 32.47
N LEU B 345 7.56 -17.68 33.61
CA LEU B 345 8.78 -16.89 33.69
C LEU B 345 10.05 -17.73 33.75
N ASN B 346 9.93 -19.05 33.82
CA ASN B 346 11.08 -19.92 33.94
C ASN B 346 11.38 -20.72 32.68
N ARG B 347 10.43 -20.84 31.75
CA ARG B 347 10.66 -21.56 30.51
C ARG B 347 11.87 -20.99 29.77
N SER C 7 41.12 -21.43 -24.94
CA SER C 7 40.52 -21.61 -23.63
C SER C 7 39.04 -21.94 -23.74
N ASN C 8 38.51 -22.64 -22.74
CA ASN C 8 37.10 -23.01 -22.77
C ASN C 8 36.20 -21.79 -22.71
N MET C 9 36.57 -20.79 -21.90
CA MET C 9 35.73 -19.60 -21.79
C MET C 9 35.69 -18.82 -23.09
N SER C 10 36.81 -18.75 -23.81
CA SER C 10 36.80 -18.08 -25.10
C SER C 10 35.92 -18.82 -26.10
N LEU C 11 35.95 -20.15 -26.05
CA LEU C 11 35.05 -20.94 -26.89
C LEU C 11 33.60 -20.63 -26.58
N VAL C 12 33.25 -20.56 -25.29
CA VAL C 12 31.88 -20.27 -24.91
C VAL C 12 31.49 -18.87 -25.36
N LYS C 13 32.39 -17.91 -25.22
CA LYS C 13 32.09 -16.54 -25.64
C LYS C 13 31.84 -16.48 -27.13
N GLU C 14 32.67 -17.17 -27.91
CA GLU C 14 32.46 -17.22 -29.35
C GLU C 14 31.12 -17.86 -29.69
N THR C 15 30.77 -18.95 -29.00
CA THR C 15 29.50 -19.61 -29.27
C THR C 15 28.32 -18.72 -28.96
N VAL C 16 28.37 -17.99 -27.84
CA VAL C 16 27.25 -17.12 -27.49
C VAL C 16 27.16 -15.95 -28.44
N ASP C 17 28.29 -15.38 -28.84
CA ASP C 17 28.25 -14.29 -29.81
C ASP C 17 27.69 -14.78 -31.14
N ARG C 18 27.98 -16.03 -31.51
CA ARG C 18 27.37 -16.61 -32.69
C ARG C 18 25.87 -16.75 -32.52
N LEU C 19 25.43 -17.24 -31.36
CA LEU C 19 24.01 -17.48 -31.14
C LEU C 19 23.22 -16.18 -31.19
N LEU C 20 23.79 -15.10 -30.66
CA LEU C 20 23.05 -13.85 -30.58
C LEU C 20 23.21 -12.96 -31.81
N LYS C 21 24.06 -13.33 -32.75
CA LYS C 21 24.19 -12.58 -33.98
C LYS C 21 23.05 -12.91 -34.93
N GLY C 22 22.41 -11.90 -35.48
CA GLY C 22 21.28 -12.11 -36.36
C GLY C 22 20.01 -12.56 -35.67
N TYR C 23 19.97 -12.53 -34.34
CA TYR C 23 18.79 -12.96 -33.60
C TYR C 23 17.74 -11.86 -33.65
N ASP C 24 16.56 -12.19 -34.16
CA ASP C 24 15.46 -11.24 -34.26
C ASP C 24 14.53 -11.45 -33.09
N ILE C 25 14.55 -10.53 -32.13
CA ILE C 25 13.72 -10.65 -30.94
C ILE C 25 12.26 -10.32 -31.22
N ARG C 26 11.95 -9.70 -32.37
CA ARG C 26 10.56 -9.43 -32.69
C ARG C 26 9.79 -10.70 -33.00
N LEU C 27 10.46 -11.74 -33.48
CA LEU C 27 9.81 -12.92 -34.01
C LEU C 27 9.92 -14.06 -33.02
N ARG C 28 8.78 -14.66 -32.69
CA ARG C 28 8.77 -15.85 -31.87
C ARG C 28 9.44 -17.01 -32.60
N PRO C 29 9.93 -18.00 -31.86
CA PRO C 29 10.43 -19.22 -32.52
C PRO C 29 9.34 -19.84 -33.38
N ASP C 30 9.73 -20.28 -34.58
CA ASP C 30 8.79 -20.83 -35.55
C ASP C 30 7.70 -19.80 -35.88
N PHE C 31 8.16 -18.64 -36.35
CA PHE C 31 7.23 -17.53 -36.55
C PHE C 31 6.12 -17.89 -37.52
N GLY C 32 6.47 -18.53 -38.63
CA GLY C 32 5.48 -18.86 -39.63
C GLY C 32 5.06 -20.32 -39.61
N GLY C 33 5.25 -20.99 -38.47
CA GLY C 33 5.04 -22.41 -38.40
C GLY C 33 4.13 -22.82 -37.25
N PRO C 34 4.32 -24.04 -36.74
CA PRO C 34 3.43 -24.53 -35.69
C PRO C 34 3.63 -23.75 -34.40
N PRO C 35 2.62 -23.69 -33.54
CA PRO C 35 2.77 -22.93 -32.29
C PRO C 35 3.91 -23.47 -31.44
N VAL C 36 4.55 -22.56 -30.73
CA VAL C 36 5.61 -22.93 -29.79
C VAL C 36 4.98 -23.37 -28.47
N ALA C 37 5.40 -24.51 -27.97
CA ALA C 37 4.85 -25.06 -26.73
C ALA C 37 5.67 -24.59 -25.54
N VAL C 38 4.98 -24.05 -24.55
CA VAL C 38 5.61 -23.47 -23.36
C VAL C 38 5.10 -24.20 -22.14
N GLY C 39 6.01 -24.73 -21.32
CA GLY C 39 5.66 -25.44 -20.11
C GLY C 39 5.92 -24.59 -18.89
N MET C 40 4.98 -24.65 -17.94
CA MET C 40 4.99 -23.80 -16.77
C MET C 40 5.24 -24.61 -15.50
N ASN C 41 6.07 -24.07 -14.63
CA ASN C 41 6.31 -24.62 -13.30
C ASN C 41 6.17 -23.50 -12.29
N ILE C 42 5.65 -23.83 -11.11
CA ILE C 42 5.55 -22.89 -10.02
C ILE C 42 6.04 -23.55 -8.75
N ASP C 43 6.88 -22.83 -8.01
CA ASP C 43 7.26 -23.19 -6.65
C ASP C 43 6.75 -22.07 -5.74
N ILE C 44 5.71 -22.37 -4.97
CA ILE C 44 5.07 -21.35 -4.16
C ILE C 44 5.85 -21.16 -2.86
N ALA C 45 6.34 -19.95 -2.64
CA ALA C 45 7.15 -19.66 -1.46
C ALA C 45 6.29 -19.25 -0.27
N SER C 46 5.20 -18.52 -0.49
CA SER C 46 4.34 -18.11 0.61
C SER C 46 3.06 -17.49 0.05
N ILE C 47 2.01 -17.55 0.85
CA ILE C 47 0.77 -16.83 0.61
C ILE C 47 0.55 -15.93 1.82
N ASP C 48 0.75 -14.63 1.64
CA ASP C 48 1.02 -13.77 2.79
C ASP C 48 -0.26 -13.31 3.50
N MET C 49 -1.10 -12.52 2.81
CA MET C 49 -2.13 -11.74 3.51
C MET C 49 -3.44 -11.84 2.74
N VAL C 50 -4.27 -12.81 3.11
CA VAL C 50 -5.59 -12.97 2.52
C VAL C 50 -6.50 -11.92 3.16
N SER C 51 -6.88 -10.92 2.39
CA SER C 51 -7.61 -9.76 2.89
C SER C 51 -9.06 -9.83 2.47
N GLU C 52 -9.96 -9.84 3.44
CA GLU C 52 -11.38 -9.76 3.13
C GLU C 52 -11.80 -8.36 2.71
N VAL C 53 -11.17 -7.33 3.29
CA VAL C 53 -11.57 -5.96 2.98
C VAL C 53 -11.18 -5.61 1.55
N ASN C 54 -9.98 -6.01 1.13
CA ASN C 54 -9.51 -5.75 -0.22
C ASN C 54 -9.85 -6.88 -1.19
N MET C 55 -10.36 -8.00 -0.71
CA MET C 55 -10.74 -9.13 -1.55
C MET C 55 -9.58 -9.54 -2.45
N ASP C 56 -8.47 -9.92 -1.83
CA ASP C 56 -7.29 -10.29 -2.59
C ASP C 56 -6.25 -10.88 -1.66
N TYR C 57 -5.45 -11.80 -2.21
CA TYR C 57 -4.36 -12.44 -1.49
C TYR C 57 -3.05 -12.14 -2.21
N THR C 58 -1.95 -12.24 -1.47
CA THR C 58 -0.61 -12.06 -2.01
C THR C 58 0.15 -13.37 -1.92
N LEU C 59 0.71 -13.81 -3.04
CA LEU C 59 1.54 -15.02 -3.07
C LEU C 59 2.86 -14.72 -3.72
N THR C 60 3.93 -15.31 -3.19
CA THR C 60 5.26 -15.23 -3.75
C THR C 60 5.66 -16.60 -4.27
N MET C 61 6.21 -16.65 -5.48
CA MET C 61 6.49 -17.91 -6.13
C MET C 61 7.71 -17.79 -7.01
N TYR C 62 8.30 -18.94 -7.33
CA TYR C 62 9.30 -19.05 -8.38
C TYR C 62 8.59 -19.52 -9.64
N PHE C 63 8.48 -18.63 -10.63
CA PHE C 63 7.70 -18.90 -11.84
C PHE C 63 8.67 -19.29 -12.95
N GLN C 64 8.60 -20.54 -13.39
CA GLN C 64 9.50 -21.08 -14.39
C GLN C 64 8.74 -21.29 -15.70
N GLN C 65 9.41 -21.00 -16.81
CA GLN C 65 8.86 -21.22 -18.15
C GLN C 65 9.91 -21.94 -18.98
N ALA C 66 9.45 -22.88 -19.80
CA ALA C 66 10.35 -23.67 -20.63
C ALA C 66 9.77 -23.81 -22.02
N TRP C 67 10.61 -23.58 -23.03
CA TRP C 67 10.24 -23.79 -24.42
C TRP C 67 11.50 -24.16 -25.19
N ARG C 68 11.37 -24.30 -26.50
CA ARG C 68 12.50 -24.61 -27.37
C ARG C 68 12.62 -23.55 -28.45
N ASP C 69 13.85 -23.07 -28.66
CA ASP C 69 14.17 -22.15 -29.74
C ASP C 69 15.30 -22.75 -30.55
N LYS C 70 15.00 -23.16 -31.78
CA LYS C 70 16.03 -23.77 -32.62
C LYS C 70 17.13 -22.77 -32.96
N ARG C 71 16.85 -21.47 -32.88
CA ARG C 71 17.91 -20.50 -33.13
C ARG C 71 19.00 -20.58 -32.08
N LEU C 72 18.62 -20.87 -30.84
CA LEU C 72 19.58 -20.92 -29.73
C LEU C 72 20.06 -22.35 -29.50
N SER C 73 20.49 -23.02 -30.57
CA SER C 73 21.01 -24.38 -30.49
C SER C 73 22.50 -24.36 -30.76
N TYR C 74 23.26 -25.09 -29.94
CA TYR C 74 24.71 -25.13 -30.06
C TYR C 74 25.17 -26.56 -29.79
N ASN C 75 26.29 -26.91 -30.40
CA ASN C 75 26.79 -28.28 -30.34
C ASN C 75 28.28 -28.37 -30.07
N VAL C 76 29.00 -27.25 -29.95
CA VAL C 76 30.43 -27.33 -29.68
C VAL C 76 30.69 -27.50 -28.18
N ILE C 77 29.84 -26.92 -27.35
CA ILE C 77 29.98 -27.01 -25.89
C ILE C 77 29.07 -28.14 -25.40
N PRO C 78 29.54 -29.03 -24.54
CA PRO C 78 28.70 -30.16 -24.11
C PRO C 78 27.77 -29.87 -22.94
N LEU C 79 28.01 -28.80 -22.18
CA LEU C 79 27.25 -28.57 -20.96
C LEU C 79 26.25 -27.44 -21.14
N ASN C 80 25.40 -27.27 -20.12
CA ASN C 80 24.33 -26.29 -20.14
C ASN C 80 24.84 -24.93 -19.71
N LEU C 81 24.57 -23.91 -20.53
CA LEU C 81 25.08 -22.57 -20.30
C LEU C 81 24.09 -21.81 -19.42
N THR C 82 24.46 -21.56 -18.18
CA THR C 82 23.76 -20.59 -17.34
C THR C 82 24.38 -19.23 -17.60
N LEU C 83 23.58 -18.31 -18.12
CA LEU C 83 24.06 -16.99 -18.50
C LEU C 83 23.56 -15.93 -17.52
N ASP C 84 24.29 -14.82 -17.49
CA ASP C 84 23.87 -13.69 -16.66
C ASP C 84 22.46 -13.27 -17.04
N ASN C 85 21.66 -12.98 -16.01
CA ASN C 85 20.23 -12.74 -16.24
C ASN C 85 19.99 -11.61 -17.23
N ARG C 86 20.93 -10.68 -17.36
CA ARG C 86 20.73 -9.53 -18.23
C ARG C 86 20.66 -9.91 -19.70
N VAL C 87 21.03 -11.13 -20.07
CA VAL C 87 20.93 -11.53 -21.47
C VAL C 87 19.48 -11.80 -21.86
N ALA C 88 18.60 -12.01 -20.89
CA ALA C 88 17.19 -12.22 -21.19
C ALA C 88 16.57 -11.04 -21.91
N ASP C 89 17.15 -9.85 -21.79
CA ASP C 89 16.67 -8.71 -22.53
C ASP C 89 16.95 -8.82 -24.03
N GLN C 90 17.74 -9.79 -24.45
CA GLN C 90 18.14 -9.95 -25.85
C GLN C 90 17.54 -11.19 -26.48
N LEU C 91 16.63 -11.88 -25.79
CA LEU C 91 16.04 -13.11 -26.27
C LEU C 91 14.52 -12.97 -26.27
N TRP C 92 13.88 -13.77 -27.11
CA TRP C 92 12.43 -13.87 -27.07
C TRP C 92 11.98 -14.65 -25.85
N VAL C 93 11.05 -14.07 -25.09
CA VAL C 93 10.41 -14.77 -23.98
C VAL C 93 8.90 -14.66 -24.15
N PRO C 94 8.10 -15.60 -23.67
CA PRO C 94 6.66 -15.49 -23.83
C PRO C 94 6.10 -14.32 -23.04
N ASP C 95 5.02 -13.75 -23.57
CA ASP C 95 4.39 -12.58 -22.96
C ASP C 95 3.30 -12.99 -21.97
N THR C 96 3.72 -13.79 -21.00
CA THR C 96 2.78 -14.30 -20.01
C THR C 96 2.37 -13.21 -19.05
N TYR C 97 1.10 -13.26 -18.62
CA TYR C 97 0.58 -12.29 -17.66
C TYR C 97 -0.51 -12.96 -16.85
N PHE C 98 -0.88 -12.31 -15.75
CA PHE C 98 -1.86 -12.82 -14.81
C PHE C 98 -3.10 -11.94 -14.87
N LEU C 99 -4.21 -12.51 -15.34
CA LEU C 99 -5.37 -11.70 -15.66
C LEU C 99 -5.93 -11.01 -14.42
N ASN C 100 -5.92 -11.68 -13.27
CA ASN C 100 -6.56 -11.15 -12.08
C ASN C 100 -5.61 -10.39 -11.16
N ASP C 101 -4.31 -10.33 -11.47
CA ASP C 101 -3.39 -9.64 -10.59
C ASP C 101 -3.72 -8.15 -10.55
N LYS C 102 -3.54 -7.53 -9.38
CA LYS C 102 -3.74 -6.10 -9.21
C LYS C 102 -2.42 -5.33 -9.25
N LYS C 103 -1.45 -5.74 -8.43
CA LYS C 103 -0.11 -5.17 -8.49
C LYS C 103 0.90 -6.27 -8.24
N SER C 104 1.98 -6.26 -9.02
CA SER C 104 2.98 -7.31 -8.94
C SER C 104 4.34 -6.74 -9.31
N PHE C 105 5.39 -7.46 -8.91
CA PHE C 105 6.75 -7.04 -9.21
C PHE C 105 7.66 -8.26 -9.20
N VAL C 106 8.80 -8.14 -9.87
CA VAL C 106 9.90 -9.08 -9.77
C VAL C 106 10.90 -8.53 -8.76
N HIS C 107 11.31 -9.36 -7.82
CA HIS C 107 12.27 -8.94 -6.82
C HIS C 107 13.57 -8.52 -7.49
N GLY C 108 14.15 -7.42 -7.00
CA GLY C 108 15.29 -6.82 -7.67
C GLY C 108 16.52 -6.64 -6.81
N VAL C 109 16.70 -7.49 -5.81
CA VAL C 109 17.85 -7.43 -4.92
C VAL C 109 18.43 -8.83 -4.79
N THR C 110 19.75 -8.97 -4.93
CA THR C 110 20.70 -7.90 -5.19
C THR C 110 20.60 -7.45 -6.64
N VAL C 111 20.22 -8.38 -7.51
CA VAL C 111 19.94 -8.07 -8.91
C VAL C 111 18.52 -8.54 -9.20
N LYS C 112 18.05 -8.35 -10.42
CA LYS C 112 16.72 -8.84 -10.77
C LYS C 112 16.70 -10.36 -10.64
N ASN C 113 15.72 -10.87 -9.90
CA ASN C 113 15.67 -12.29 -9.56
C ASN C 113 15.04 -13.08 -10.71
N ARG C 114 15.80 -13.16 -11.81
CA ARG C 114 15.39 -13.97 -12.94
C ARG C 114 16.54 -14.84 -13.42
N MET C 115 16.19 -16.00 -13.96
CA MET C 115 17.14 -17.02 -14.37
C MET C 115 16.96 -17.33 -15.85
N ILE C 116 18.08 -17.45 -16.55
CA ILE C 116 18.10 -17.89 -17.94
C ILE C 116 19.11 -19.02 -18.06
N ARG C 117 18.67 -20.15 -18.61
CA ARG C 117 19.50 -21.35 -18.69
C ARG C 117 19.24 -22.03 -20.02
N LEU C 118 20.27 -22.14 -20.84
CA LEU C 118 20.17 -22.75 -22.16
C LEU C 118 20.64 -24.20 -22.13
N HIS C 119 20.17 -24.97 -23.10
CA HIS C 119 20.55 -26.35 -23.29
C HIS C 119 21.01 -26.56 -24.73
N PRO C 120 21.90 -27.52 -24.96
CA PRO C 120 22.47 -27.66 -26.32
C PRO C 120 21.41 -27.85 -27.39
N ASP C 121 20.35 -28.59 -27.10
CA ASP C 121 19.29 -28.79 -28.08
C ASP C 121 18.50 -27.51 -28.35
N GLY C 122 18.67 -26.47 -27.55
CA GLY C 122 17.97 -25.22 -27.73
C GLY C 122 16.90 -24.92 -26.70
N THR C 123 16.66 -25.81 -25.75
CA THR C 123 15.66 -25.54 -24.72
C THR C 123 16.11 -24.39 -23.84
N VAL C 124 15.18 -23.49 -23.53
CA VAL C 124 15.44 -22.35 -22.68
C VAL C 124 14.59 -22.50 -21.42
N LEU C 125 15.23 -22.42 -20.26
CA LEU C 125 14.54 -22.40 -18.98
C LEU C 125 14.57 -20.98 -18.43
N TYR C 126 13.40 -20.37 -18.27
CA TYR C 126 13.28 -18.97 -17.89
C TYR C 126 12.53 -18.92 -16.56
N GLY C 127 13.15 -18.31 -15.56
CA GLY C 127 12.60 -18.32 -14.21
C GLY C 127 12.52 -16.93 -13.63
N LEU C 128 11.46 -16.69 -12.85
CA LEU C 128 11.22 -15.43 -12.19
C LEU C 128 10.72 -15.65 -10.78
N ARG C 129 11.14 -14.81 -9.85
CA ARG C 129 10.58 -14.74 -8.51
C ARG C 129 9.59 -13.58 -8.48
N ILE C 130 8.31 -13.89 -8.40
CA ILE C 130 7.25 -12.91 -8.54
C ILE C 130 6.42 -12.85 -7.27
N THR C 131 5.89 -11.65 -6.99
CA THR C 131 4.86 -11.46 -5.97
C THR C 131 3.67 -10.79 -6.63
N THR C 132 2.55 -11.49 -6.67
CA THR C 132 1.30 -10.97 -7.24
C THR C 132 0.26 -10.80 -6.15
N THR C 133 -0.47 -9.69 -6.21
CA THR C 133 -1.65 -9.46 -5.37
C THR C 133 -2.87 -9.77 -6.22
N ALA C 134 -3.26 -11.04 -6.25
CA ALA C 134 -4.37 -11.48 -7.09
C ALA C 134 -5.71 -11.16 -6.43
N ALA C 135 -6.67 -10.72 -7.24
CA ALA C 135 -8.01 -10.46 -6.75
C ALA C 135 -8.69 -11.76 -6.33
N CYS C 136 -9.32 -11.73 -5.16
CA CYS C 136 -9.91 -12.93 -4.53
C CYS C 136 -11.31 -12.57 -4.05
N MET C 137 -12.27 -12.57 -4.97
CA MET C 137 -13.66 -12.33 -4.60
C MET C 137 -14.15 -13.42 -3.66
N MET C 138 -14.60 -13.03 -2.48
CA MET C 138 -15.00 -13.97 -1.44
C MET C 138 -16.48 -13.81 -1.12
N ASP C 139 -17.17 -14.92 -0.98
CA ASP C 139 -18.56 -14.94 -0.55
C ASP C 139 -18.58 -15.15 0.96
N LEU C 140 -19.01 -14.12 1.70
CA LEU C 140 -18.93 -14.13 3.16
C LEU C 140 -20.26 -14.45 3.82
N ARG C 141 -21.17 -15.10 3.10
CA ARG C 141 -22.47 -15.41 3.69
C ARG C 141 -22.33 -16.36 4.88
N ARG C 142 -21.26 -17.15 4.92
CA ARG C 142 -21.00 -18.07 6.01
C ARG C 142 -19.81 -17.65 6.87
N TYR C 143 -19.39 -16.40 6.74
CA TYR C 143 -18.26 -15.91 7.52
C TYR C 143 -18.59 -16.02 9.02
N PRO C 144 -17.67 -16.55 9.84
CA PRO C 144 -16.32 -17.03 9.55
C PRO C 144 -16.26 -18.53 9.32
N LEU C 145 -17.42 -19.15 9.12
CA LEU C 145 -17.49 -20.57 8.77
C LEU C 145 -17.53 -20.76 7.26
N ASP C 146 -16.61 -20.09 6.57
CA ASP C 146 -16.65 -20.01 5.12
C ASP C 146 -15.44 -20.71 4.52
N GLU C 147 -15.62 -21.22 3.30
CA GLU C 147 -14.57 -21.87 2.54
C GLU C 147 -14.43 -21.09 1.24
N GLN C 148 -13.23 -20.58 0.97
CA GLN C 148 -13.01 -19.67 -0.14
C GLN C 148 -12.21 -20.35 -1.24
N ASN C 149 -12.56 -20.04 -2.49
CA ASN C 149 -11.92 -20.60 -3.66
C ASN C 149 -11.59 -19.45 -4.62
N CYS C 150 -10.36 -18.94 -4.55
CA CYS C 150 -9.86 -18.00 -5.54
C CYS C 150 -8.58 -18.54 -6.14
N THR C 151 -8.23 -18.02 -7.32
CA THR C 151 -7.27 -18.68 -8.19
C THR C 151 -6.33 -17.65 -8.79
N LEU C 152 -5.40 -18.14 -9.62
CA LEU C 152 -4.49 -17.31 -10.40
C LEU C 152 -4.63 -17.72 -11.85
N GLU C 153 -5.04 -16.79 -12.70
CA GLU C 153 -5.23 -17.04 -14.12
C GLU C 153 -3.98 -16.62 -14.89
N ILE C 154 -3.39 -17.55 -15.62
CA ILE C 154 -2.16 -17.33 -16.38
C ILE C 154 -2.49 -17.45 -17.86
N GLU C 155 -2.26 -16.37 -18.62
CA GLU C 155 -2.62 -16.32 -20.02
C GLU C 155 -1.59 -15.53 -20.80
N SER C 156 -1.45 -15.85 -22.09
CA SER C 156 -0.61 -15.08 -22.99
C SER C 156 -1.40 -13.89 -23.54
N TYR C 157 -0.82 -12.69 -23.43
CA TYR C 157 -1.53 -11.50 -23.84
C TYR C 157 -1.68 -11.41 -25.36
N GLY C 158 -0.60 -11.61 -26.11
CA GLY C 158 -0.61 -11.27 -27.51
C GLY C 158 -0.67 -12.42 -28.50
N TYR C 159 -0.35 -13.62 -28.05
CA TYR C 159 -0.23 -14.77 -28.95
C TYR C 159 -1.48 -15.64 -28.83
N THR C 160 -2.19 -15.80 -29.94
CA THR C 160 -3.37 -16.63 -29.94
C THR C 160 -2.98 -18.11 -29.86
N THR C 161 -4.01 -18.96 -29.73
CA THR C 161 -3.76 -20.37 -29.46
C THR C 161 -3.07 -21.09 -30.60
N ASP C 162 -3.01 -20.49 -31.79
CA ASP C 162 -2.25 -21.06 -32.89
C ASP C 162 -0.82 -20.53 -32.98
N ASP C 163 -0.44 -19.61 -32.11
CA ASP C 163 0.93 -19.16 -32.00
C ASP C 163 1.68 -19.77 -30.82
N ILE C 164 0.97 -20.14 -29.75
CA ILE C 164 1.61 -20.55 -28.51
C ILE C 164 0.71 -21.55 -27.81
N GLU C 165 1.33 -22.47 -27.06
CA GLU C 165 0.62 -23.49 -26.32
C GLU C 165 1.15 -23.56 -24.90
N PHE C 166 0.26 -23.49 -23.92
CA PHE C 166 0.63 -23.61 -22.52
C PHE C 166 0.30 -25.00 -22.00
N TYR C 167 1.19 -25.54 -21.16
CA TYR C 167 0.92 -26.79 -20.47
C TYR C 167 1.73 -26.82 -19.18
N TRP C 168 1.31 -27.71 -18.27
CA TRP C 168 1.99 -27.88 -17.00
C TRP C 168 3.04 -28.97 -17.12
N ARG C 169 4.32 -28.62 -16.96
CA ARG C 169 5.37 -29.62 -17.01
C ARG C 169 5.24 -30.55 -15.81
N GLY C 170 4.81 -31.78 -16.05
CA GLY C 170 4.54 -32.71 -14.98
C GLY C 170 3.07 -33.05 -14.90
N ASP C 171 2.23 -32.03 -15.02
CA ASP C 171 0.78 -32.16 -15.10
C ASP C 171 0.16 -32.55 -13.77
N ASP C 172 0.98 -32.94 -12.79
CA ASP C 172 0.54 -33.08 -11.42
C ASP C 172 1.54 -32.55 -10.41
N ASN C 173 2.83 -32.48 -10.75
CA ASN C 173 3.85 -31.94 -9.88
C ASN C 173 4.35 -30.59 -10.37
N ALA C 174 3.61 -29.94 -11.27
CA ALA C 174 4.04 -28.66 -11.79
C ALA C 174 4.04 -27.59 -10.70
N VAL C 175 3.28 -27.79 -9.63
CA VAL C 175 3.21 -26.85 -8.52
C VAL C 175 3.68 -27.57 -7.27
N THR C 176 4.62 -26.96 -6.56
CA THR C 176 5.21 -27.56 -5.36
C THR C 176 5.21 -26.52 -4.24
N GLY C 177 5.39 -27.01 -3.02
CA GLY C 177 5.46 -26.15 -1.87
C GLY C 177 4.13 -25.81 -1.25
N VAL C 178 3.02 -26.34 -1.77
CA VAL C 178 1.71 -25.98 -1.25
C VAL C 178 1.51 -26.55 0.14
N THR C 179 2.00 -27.78 0.38
CA THR C 179 1.80 -28.40 1.67
C THR C 179 2.60 -27.74 2.78
N LYS C 180 3.64 -26.97 2.43
CA LYS C 180 4.46 -26.28 3.42
C LYS C 180 3.97 -24.88 3.72
N ILE C 181 2.89 -24.43 3.11
CA ILE C 181 2.37 -23.09 3.35
C ILE C 181 1.61 -23.09 4.66
N GLU C 182 1.93 -22.13 5.54
CA GLU C 182 1.27 -21.99 6.83
C GLU C 182 0.57 -20.63 6.86
N LEU C 183 -0.74 -20.63 6.74
CA LEU C 183 -1.54 -19.43 6.90
C LEU C 183 -2.08 -19.35 8.31
N PRO C 184 -1.90 -18.23 9.03
CA PRO C 184 -2.39 -18.18 10.41
C PRO C 184 -3.90 -18.37 10.52
N GLN C 185 -4.68 -17.88 9.54
CA GLN C 185 -6.13 -17.90 9.64
C GLN C 185 -6.80 -18.95 8.77
N PHE C 186 -6.12 -19.46 7.75
CA PHE C 186 -6.68 -20.44 6.84
C PHE C 186 -5.86 -21.72 6.86
N SER C 187 -6.33 -22.71 6.11
CA SER C 187 -5.58 -23.94 5.86
C SER C 187 -5.88 -24.40 4.45
N ILE C 188 -4.83 -24.59 3.64
CA ILE C 188 -5.01 -24.99 2.25
C ILE C 188 -5.58 -26.40 2.23
N VAL C 189 -6.85 -26.54 1.87
CA VAL C 189 -7.49 -27.85 1.87
C VAL C 189 -7.27 -28.60 0.56
N ASP C 190 -7.08 -27.89 -0.56
CA ASP C 190 -7.01 -28.54 -1.85
C ASP C 190 -6.59 -27.52 -2.90
N TYR C 191 -5.87 -28.00 -3.91
CA TYR C 191 -5.51 -27.16 -5.05
C TYR C 191 -5.61 -28.00 -6.32
N LYS C 192 -5.91 -27.33 -7.43
CA LYS C 192 -6.13 -27.99 -8.70
C LYS C 192 -5.48 -27.19 -9.81
N LEU C 193 -5.06 -27.90 -10.86
CA LEU C 193 -4.48 -27.30 -12.05
C LEU C 193 -5.41 -27.55 -13.22
N ILE C 194 -5.69 -26.50 -13.99
CA ILE C 194 -6.61 -26.57 -15.11
C ILE C 194 -5.96 -25.96 -16.33
N THR C 195 -6.25 -26.53 -17.49
CA THR C 195 -5.85 -26.00 -18.79
C THR C 195 -7.10 -25.67 -19.59
N LYS C 196 -7.19 -24.44 -20.08
CA LYS C 196 -8.37 -23.97 -20.79
C LYS C 196 -7.94 -23.22 -22.04
N LYS C 197 -8.92 -22.92 -22.89
CA LYS C 197 -8.79 -21.95 -23.95
C LYS C 197 -9.90 -20.93 -23.79
N VAL C 198 -9.55 -19.65 -23.72
CA VAL C 198 -10.52 -18.58 -23.54
C VAL C 198 -10.62 -17.81 -24.84
N VAL C 199 -11.83 -17.31 -25.11
CA VAL C 199 -12.14 -16.67 -26.38
C VAL C 199 -12.44 -15.20 -26.10
N PHE C 200 -11.71 -14.33 -26.76
CA PHE C 200 -11.98 -12.90 -26.77
C PHE C 200 -12.30 -12.45 -28.19
N SER C 201 -12.67 -11.18 -28.34
CA SER C 201 -12.97 -10.65 -29.66
C SER C 201 -11.75 -10.63 -30.56
N THR C 202 -10.55 -10.68 -30.01
CA THR C 202 -9.32 -10.66 -30.78
C THR C 202 -8.77 -12.05 -31.08
N GLY C 203 -9.45 -13.10 -30.64
CA GLY C 203 -9.01 -14.45 -30.90
C GLY C 203 -9.25 -15.31 -29.68
N SER C 204 -8.59 -16.47 -29.65
CA SER C 204 -8.66 -17.40 -28.54
C SER C 204 -7.26 -17.68 -28.03
N TYR C 205 -7.12 -17.74 -26.70
CA TYR C 205 -5.81 -17.70 -26.07
C TYR C 205 -5.68 -18.84 -25.08
N PRO C 206 -4.49 -19.43 -24.94
CA PRO C 206 -4.29 -20.45 -23.92
C PRO C 206 -4.34 -19.86 -22.52
N ARG C 207 -4.93 -20.61 -21.60
CA ARG C 207 -5.04 -20.17 -20.22
C ARG C 207 -4.77 -21.33 -19.28
N LEU C 208 -4.00 -21.07 -18.24
CA LEU C 208 -3.78 -22.01 -17.15
C LEU C 208 -4.32 -21.42 -15.85
N SER C 209 -5.04 -22.22 -15.09
CA SER C 209 -5.61 -21.78 -13.82
C SER C 209 -5.03 -22.62 -12.68
N LEU C 210 -4.53 -21.94 -11.67
CA LEU C 210 -4.10 -22.56 -10.41
C LEU C 210 -5.08 -22.12 -9.33
N SER C 211 -5.72 -23.08 -8.68
CA SER C 211 -6.76 -22.80 -7.70
C SER C 211 -6.38 -23.31 -6.32
N PHE C 212 -6.90 -22.64 -5.29
CA PHE C 212 -6.70 -23.01 -3.91
C PHE C 212 -8.05 -23.02 -3.21
N LYS C 213 -8.28 -24.03 -2.38
CA LYS C 213 -9.47 -24.10 -1.55
C LYS C 213 -9.05 -23.85 -0.12
N LEU C 214 -9.47 -22.72 0.44
CA LEU C 214 -9.08 -22.29 1.77
C LEU C 214 -10.24 -22.47 2.75
N LYS C 215 -9.98 -23.19 3.82
CA LYS C 215 -10.93 -23.32 4.92
C LYS C 215 -10.48 -22.44 6.08
N ARG C 216 -11.38 -21.61 6.58
CA ARG C 216 -11.04 -20.65 7.62
C ARG C 216 -11.08 -21.31 8.99
N ASN C 217 -9.99 -21.16 9.74
CA ASN C 217 -9.97 -21.63 11.13
C ASN C 217 -10.86 -20.76 11.99
N ILE C 218 -11.53 -21.38 12.95
CA ILE C 218 -12.56 -20.71 13.74
C ILE C 218 -12.11 -20.38 15.15
N GLY C 219 -10.99 -20.95 15.62
CA GLY C 219 -10.62 -20.77 17.02
C GLY C 219 -10.48 -19.30 17.40
N TYR C 220 -9.85 -18.50 16.53
CA TYR C 220 -9.71 -17.08 16.81
C TYR C 220 -11.06 -16.44 17.06
N PHE C 221 -12.06 -16.78 16.25
CA PHE C 221 -13.37 -16.16 16.41
C PHE C 221 -14.06 -16.64 17.67
N ILE C 222 -13.84 -17.90 18.06
CA ILE C 222 -14.36 -18.36 19.34
C ILE C 222 -13.76 -17.54 20.47
N LEU C 223 -12.45 -17.28 20.41
CA LEU C 223 -11.82 -16.50 21.46
C LEU C 223 -12.26 -15.04 21.44
N GLN C 224 -12.61 -14.52 20.27
CA GLN C 224 -12.78 -13.08 20.10
C GLN C 224 -14.23 -12.61 20.22
N THR C 225 -15.19 -13.31 19.64
CA THR C 225 -16.54 -12.76 19.52
C THR C 225 -17.63 -13.70 20.02
N TYR C 226 -17.41 -15.01 19.93
CA TYR C 226 -18.47 -15.94 20.31
C TYR C 226 -18.57 -16.10 21.82
N MET C 227 -17.46 -16.42 22.49
CA MET C 227 -17.50 -16.58 23.94
C MET C 227 -17.94 -15.32 24.66
N PRO C 228 -17.43 -14.13 24.33
CA PRO C 228 -17.89 -12.93 25.05
C PRO C 228 -19.39 -12.74 24.98
N SER C 229 -20.01 -12.95 23.83
CA SER C 229 -21.44 -12.72 23.72
C SER C 229 -22.22 -13.76 24.50
N ILE C 230 -21.76 -15.01 24.50
CA ILE C 230 -22.40 -16.04 25.33
C ILE C 230 -22.36 -15.64 26.79
N LEU C 231 -21.19 -15.21 27.26
CA LEU C 231 -21.06 -14.82 28.66
C LEU C 231 -21.95 -13.61 28.98
N ILE C 232 -22.06 -12.68 28.05
CA ILE C 232 -22.91 -11.52 28.24
C ILE C 232 -24.37 -11.94 28.34
N THR C 233 -24.75 -12.96 27.57
CA THR C 233 -26.12 -13.46 27.67
C THR C 233 -26.38 -14.14 29.01
N ILE C 234 -25.41 -14.93 29.50
CA ILE C 234 -25.56 -15.49 30.84
C ILE C 234 -25.75 -14.37 31.86
N LEU C 235 -24.91 -13.33 31.76
CA LEU C 235 -25.06 -12.19 32.64
C LEU C 235 -26.48 -11.64 32.56
N SER C 236 -26.99 -11.46 31.35
CA SER C 236 -28.38 -11.01 31.21
C SER C 236 -29.32 -11.90 31.99
N TRP C 237 -29.12 -13.22 31.90
CA TRP C 237 -30.03 -14.12 32.59
C TRP C 237 -29.92 -13.98 34.11
N VAL C 238 -28.81 -13.45 34.59
CA VAL C 238 -28.66 -13.33 36.05
C VAL C 238 -29.75 -12.45 36.61
N SER C 239 -30.29 -11.53 35.81
CA SER C 239 -31.31 -10.60 36.28
C SER C 239 -32.51 -11.32 36.90
N PHE C 240 -32.86 -12.50 36.41
CA PHE C 240 -34.06 -13.17 36.87
C PHE C 240 -33.92 -13.73 38.29
N TRP C 241 -32.69 -13.84 38.80
CA TRP C 241 -32.50 -14.29 40.17
C TRP C 241 -32.52 -13.17 41.18
N ILE C 242 -32.58 -11.92 40.73
CA ILE C 242 -32.67 -10.78 41.63
C ILE C 242 -34.13 -10.47 41.89
N ASN C 243 -34.47 -10.23 43.15
CA ASN C 243 -35.84 -9.92 43.52
C ASN C 243 -36.40 -8.83 42.62
N TYR C 244 -37.60 -9.05 42.12
CA TYR C 244 -38.23 -8.08 41.22
C TYR C 244 -38.72 -6.84 41.94
N ASP C 245 -38.40 -6.65 43.22
CA ASP C 245 -38.66 -5.38 43.89
C ASP C 245 -37.60 -4.33 43.56
N ALA C 246 -36.41 -4.76 43.13
CA ALA C 246 -35.31 -3.85 42.85
C ALA C 246 -35.37 -3.44 41.38
N SER C 247 -35.58 -2.15 41.13
CA SER C 247 -35.64 -1.64 39.76
C SER C 247 -34.28 -1.20 39.23
N ALA C 248 -33.51 -0.48 40.04
CA ALA C 248 -32.23 0.02 39.55
C ALA C 248 -31.29 -1.11 39.15
N ALA C 249 -31.27 -2.20 39.93
CA ALA C 249 -30.34 -3.28 39.63
C ALA C 249 -30.70 -3.97 38.31
N ARG C 250 -31.96 -4.34 38.13
CA ARG C 250 -32.34 -5.09 36.94
C ARG C 250 -32.21 -4.23 35.69
N VAL C 251 -32.61 -2.95 35.78
CA VAL C 251 -32.45 -2.07 34.63
C VAL C 251 -30.98 -1.86 34.33
N ALA C 252 -30.15 -1.77 35.37
CA ALA C 252 -28.71 -1.66 35.14
C ALA C 252 -28.21 -2.87 34.38
N LEU C 253 -28.58 -4.08 34.82
CA LEU C 253 -28.19 -5.29 34.10
C LEU C 253 -28.59 -5.22 32.65
N GLY C 254 -29.86 -4.93 32.39
CA GLY C 254 -30.35 -4.99 31.02
C GLY C 254 -29.69 -3.97 30.12
N ILE C 255 -29.60 -2.72 30.58
CA ILE C 255 -29.02 -1.67 29.75
C ILE C 255 -27.53 -1.93 29.52
N THR C 256 -26.81 -2.30 30.57
CA THR C 256 -25.39 -2.57 30.41
C THR C 256 -25.17 -3.72 29.43
N THR C 257 -25.99 -4.76 29.53
CA THR C 257 -25.85 -5.89 28.62
C THR C 257 -26.10 -5.48 27.18
N VAL C 258 -27.17 -4.72 26.94
CA VAL C 258 -27.48 -4.25 25.59
C VAL C 258 -26.30 -3.47 25.05
N LEU C 259 -25.79 -2.51 25.84
CA LEU C 259 -24.72 -1.66 25.34
C LEU C 259 -23.45 -2.44 25.10
N THR C 260 -23.16 -3.43 25.95
CA THR C 260 -21.98 -4.26 25.73
C THR C 260 -22.10 -5.06 24.44
N MET C 261 -23.29 -5.59 24.14
CA MET C 261 -23.48 -6.29 22.88
C MET C 261 -23.27 -5.35 21.70
N THR C 262 -23.83 -4.14 21.78
CA THR C 262 -23.62 -3.18 20.71
C THR C 262 -22.15 -2.86 20.53
N THR C 263 -21.42 -2.73 21.64
CA THR C 263 -19.99 -2.48 21.57
C THR C 263 -19.27 -3.63 20.88
N ILE C 264 -19.61 -4.87 21.21
CA ILE C 264 -19.01 -6.02 20.56
C ILE C 264 -19.23 -5.94 19.06
N ASN C 265 -20.47 -5.67 18.65
CA ASN C 265 -20.77 -5.60 17.22
C ASN C 265 -19.96 -4.50 16.55
N THR C 266 -19.92 -3.31 17.16
CA THR C 266 -19.25 -2.19 16.54
C THR C 266 -17.76 -2.46 16.39
N HIS C 267 -17.14 -3.05 17.41
CA HIS C 267 -15.73 -3.41 17.30
C HIS C 267 -15.50 -4.47 16.23
N LEU C 268 -16.46 -5.40 16.07
CA LEU C 268 -16.26 -6.44 15.07
C LEU C 268 -16.37 -5.88 13.65
N ARG C 269 -17.35 -5.00 13.41
CA ARG C 269 -17.63 -4.57 12.04
C ARG C 269 -16.58 -3.62 11.48
N GLU C 270 -15.70 -3.10 12.32
CA GLU C 270 -14.68 -2.16 11.87
C GLU C 270 -13.52 -2.83 11.15
N THR C 271 -13.61 -4.14 10.99
CA THR C 271 -12.53 -4.91 10.37
C THR C 271 -13.00 -5.71 9.17
N LEU C 272 -14.20 -5.45 8.67
CA LEU C 272 -14.75 -6.16 7.51
C LEU C 272 -15.10 -5.14 6.43
N PRO C 273 -15.37 -5.59 5.21
CA PRO C 273 -15.85 -4.65 4.19
C PRO C 273 -17.35 -4.40 4.32
N LYS C 274 -17.79 -3.32 3.69
CA LYS C 274 -19.20 -2.96 3.70
C LYS C 274 -19.97 -3.92 2.81
N ILE C 275 -20.51 -4.98 3.39
CA ILE C 275 -21.13 -6.06 2.61
C ILE C 275 -22.65 -5.97 2.77
N PRO C 276 -23.43 -6.13 1.70
CA PRO C 276 -24.88 -5.97 1.82
C PRO C 276 -25.56 -7.05 2.65
N TYR C 277 -25.26 -8.30 2.33
CA TYR C 277 -25.96 -9.42 2.93
C TYR C 277 -25.51 -9.66 4.37
N VAL C 278 -26.21 -10.55 5.06
CA VAL C 278 -25.99 -10.83 6.47
C VAL C 278 -25.03 -12.01 6.59
N LYS C 279 -23.94 -11.79 7.32
CA LYS C 279 -23.00 -12.86 7.60
C LYS C 279 -23.46 -13.68 8.81
N ALA C 280 -22.89 -14.88 8.95
CA ALA C 280 -23.28 -15.77 10.03
C ALA C 280 -22.97 -15.15 11.39
N ILE C 281 -21.80 -14.52 11.52
CA ILE C 281 -21.47 -13.85 12.77
C ILE C 281 -22.48 -12.75 13.07
N ASP C 282 -22.93 -12.05 12.03
CA ASP C 282 -23.97 -11.04 12.23
C ASP C 282 -25.25 -11.69 12.72
N MET C 283 -25.60 -12.85 12.18
CA MET C 283 -26.80 -13.55 12.63
C MET C 283 -26.69 -13.91 14.11
N TYR C 284 -25.53 -14.43 14.52
CA TYR C 284 -25.34 -14.81 15.92
C TYR C 284 -25.43 -13.59 16.83
N LEU C 285 -24.77 -12.49 16.45
CA LEU C 285 -24.80 -11.31 17.29
C LEU C 285 -26.20 -10.73 17.37
N MET C 286 -26.94 -10.74 16.26
CA MET C 286 -28.31 -10.27 16.28
C MET C 286 -29.18 -11.13 17.18
N GLY C 287 -29.01 -12.45 17.13
CA GLY C 287 -29.78 -13.32 18.00
C GLY C 287 -29.48 -13.07 19.46
N CYS C 288 -28.20 -12.92 19.80
CA CYS C 288 -27.84 -12.63 21.18
C CYS C 288 -28.41 -11.29 21.63
N PHE C 289 -28.36 -10.28 20.76
CA PHE C 289 -28.94 -8.99 21.09
C PHE C 289 -30.43 -9.10 21.31
N VAL C 290 -31.11 -9.92 20.50
CA VAL C 290 -32.54 -10.12 20.68
C VAL C 290 -32.82 -10.79 22.00
N PHE C 291 -31.95 -11.72 22.41
CA PHE C 291 -32.13 -12.38 23.70
C PHE C 291 -32.01 -11.38 24.84
N VAL C 292 -30.99 -10.52 24.79
CA VAL C 292 -30.81 -9.52 25.83
C VAL C 292 -31.98 -8.55 25.86
N PHE C 293 -32.43 -8.11 24.68
CA PHE C 293 -33.56 -7.21 24.61
C PHE C 293 -34.82 -7.86 25.17
N MET C 294 -35.02 -9.15 24.89
CA MET C 294 -36.18 -9.84 25.42
C MET C 294 -36.10 -9.97 26.94
N ALA C 295 -34.89 -10.16 27.48
CA ALA C 295 -34.76 -10.16 28.93
C ALA C 295 -35.16 -8.82 29.52
N LEU C 296 -34.68 -7.73 28.91
CA LEU C 296 -35.05 -6.40 29.40
C LEU C 296 -36.56 -6.17 29.31
N LEU C 297 -37.16 -6.58 28.19
CA LEU C 297 -38.59 -6.39 28.03
C LEU C 297 -39.38 -7.25 29.00
N GLU C 298 -38.89 -8.45 29.31
CA GLU C 298 -39.53 -9.28 30.32
C GLU C 298 -39.49 -8.60 31.67
N TYR C 299 -38.35 -8.00 32.02
CA TYR C 299 -38.30 -7.26 33.28
C TYR C 299 -39.29 -6.10 33.28
N ALA C 300 -39.37 -5.38 32.16
CA ALA C 300 -40.31 -4.27 32.09
C ALA C 300 -41.75 -4.75 32.25
N LEU C 301 -42.09 -5.87 31.62
CA LEU C 301 -43.42 -6.43 31.77
C LEU C 301 -43.69 -6.81 33.22
N VAL C 302 -42.71 -7.42 33.89
CA VAL C 302 -42.87 -7.74 35.30
C VAL C 302 -43.14 -6.48 36.09
N ASN C 303 -42.34 -5.44 35.87
CA ASN C 303 -42.50 -4.20 36.61
C ASN C 303 -43.85 -3.55 36.33
N TYR C 304 -44.42 -3.79 35.15
CA TYR C 304 -45.72 -3.21 34.82
C TYR C 304 -46.84 -3.81 35.65
N ILE C 305 -46.68 -5.06 36.09
CA ILE C 305 -47.70 -5.75 36.87
C ILE C 305 -47.20 -6.08 38.27
N PHE C 306 -46.10 -5.47 38.70
CA PHE C 306 -45.57 -5.72 40.03
C PHE C 306 -46.61 -5.44 41.10
N PHE C 307 -47.03 -4.18 41.20
CA PHE C 307 -47.92 -3.78 42.29
C PHE C 307 -49.26 -4.50 42.20
N SER C 308 -49.83 -4.59 41.00
CA SER C 308 -51.21 -5.06 40.88
C SER C 308 -51.35 -6.53 41.23
N GLN C 309 -50.33 -7.34 40.96
CA GLN C 309 -50.44 -8.78 41.13
C GLN C 309 -49.06 -9.43 41.20
N PRO C 310 -48.40 -9.37 42.37
CA PRO C 310 -47.04 -9.92 42.45
C PRO C 310 -46.96 -11.41 42.24
N ALA C 311 -48.06 -12.15 42.41
CA ALA C 311 -48.00 -13.60 42.24
C ALA C 311 -47.65 -13.96 40.80
N ARG C 312 -48.36 -13.37 39.84
CA ARG C 312 -48.04 -13.65 38.45
C ARG C 312 -46.67 -13.11 38.07
N ALA C 313 -46.23 -12.02 38.72
CA ALA C 313 -44.88 -11.52 38.47
C ALA C 313 -43.83 -12.55 38.89
N ALA C 314 -44.01 -13.14 40.07
CA ALA C 314 -43.08 -14.18 40.51
C ALA C 314 -43.15 -15.40 39.59
N ALA C 315 -44.36 -15.76 39.15
CA ALA C 315 -44.49 -16.87 38.22
C ALA C 315 -43.74 -16.58 36.91
N ILE C 316 -43.84 -15.35 36.42
CA ILE C 316 -43.14 -14.98 35.20
C ILE C 316 -41.64 -15.02 35.41
N ASP C 317 -41.16 -14.55 36.56
CA ASP C 317 -39.72 -14.63 36.84
C ASP C 317 -39.24 -16.08 36.84
N ARG C 318 -40.00 -16.97 37.47
CA ARG C 318 -39.62 -18.38 37.47
C ARG C 318 -39.62 -18.94 36.05
N TRP C 319 -40.68 -18.64 35.29
CA TRP C 319 -40.76 -19.14 33.93
C TRP C 319 -39.59 -18.65 33.10
N SER C 320 -39.21 -17.39 33.27
CA SER C 320 -38.04 -16.86 32.55
C SER C 320 -36.78 -17.60 32.95
N ARG C 321 -36.58 -17.80 34.27
CA ARG C 321 -35.42 -18.55 34.73
C ARG C 321 -35.36 -19.92 34.07
N ILE C 322 -36.52 -20.52 33.83
CA ILE C 322 -36.54 -21.87 33.26
C ILE C 322 -36.32 -21.83 31.76
N PHE C 323 -36.91 -20.85 31.07
CA PHE C 323 -37.10 -20.93 29.63
C PHE C 323 -36.20 -20.00 28.83
N PHE C 324 -35.39 -19.18 29.48
CA PHE C 324 -34.41 -18.42 28.70
C PHE C 324 -33.22 -19.30 28.35
N PRO C 325 -32.63 -20.00 29.32
CA PRO C 325 -31.52 -20.91 28.98
C PRO C 325 -31.93 -21.98 27.98
N VAL C 326 -33.15 -22.50 28.09
CA VAL C 326 -33.56 -23.59 27.20
C VAL C 326 -33.69 -23.08 25.76
N VAL C 327 -34.36 -21.95 25.58
CA VAL C 327 -34.50 -21.40 24.24
C VAL C 327 -33.14 -20.99 23.69
N PHE C 328 -32.26 -20.46 24.54
CA PHE C 328 -30.93 -20.11 24.07
C PHE C 328 -30.15 -21.34 23.61
N SER C 329 -30.25 -22.44 24.36
CA SER C 329 -29.57 -23.66 23.95
C SER C 329 -30.15 -24.19 22.65
N PHE C 330 -31.47 -24.12 22.50
CA PHE C 330 -32.08 -24.55 21.24
C PHE C 330 -31.58 -23.71 20.07
N PHE C 331 -31.53 -22.39 20.26
CA PHE C 331 -31.05 -21.52 19.21
C PHE C 331 -29.59 -21.80 18.88
N ASN C 332 -28.78 -22.04 19.90
CA ASN C 332 -27.37 -22.36 19.65
C ASN C 332 -27.23 -23.65 18.85
N ILE C 333 -28.02 -24.68 19.21
CA ILE C 333 -27.92 -25.95 18.50
C ILE C 333 -28.35 -25.77 17.06
N VAL C 334 -29.45 -25.04 16.83
CA VAL C 334 -29.89 -24.79 15.46
C VAL C 334 -28.81 -24.06 14.68
N TYR C 335 -28.22 -23.02 15.28
CA TYR C 335 -27.23 -22.22 14.59
C TYR C 335 -26.00 -23.06 14.25
N TRP C 336 -25.52 -23.86 15.20
CA TRP C 336 -24.29 -24.60 14.99
C TRP C 336 -24.48 -25.86 14.17
N LEU C 337 -25.72 -26.30 13.96
CA LEU C 337 -25.98 -27.38 13.01
C LEU C 337 -26.33 -26.88 11.63
N TYR C 338 -26.83 -25.65 11.51
CA TYR C 338 -27.12 -25.09 10.19
C TYR C 338 -25.83 -24.87 9.39
N TYR C 339 -24.79 -24.34 10.04
CA TYR C 339 -23.58 -23.96 9.34
C TYR C 339 -22.53 -25.08 9.33
N VAL C 340 -22.11 -25.53 10.51
CA VAL C 340 -21.11 -26.57 10.61
C VAL C 340 -21.58 -27.81 9.85
N ASP D 10 13.87 -21.20 -44.22
CA ASP D 10 14.25 -20.33 -43.12
C ASP D 10 13.42 -19.05 -43.13
N ASN D 11 12.17 -19.16 -42.68
CA ASN D 11 11.27 -18.01 -42.72
C ASN D 11 11.78 -16.86 -41.86
N THR D 12 12.67 -17.14 -40.92
CA THR D 12 13.19 -16.10 -40.04
C THR D 12 13.81 -14.96 -40.84
N THR D 13 14.69 -15.29 -41.80
CA THR D 13 15.40 -14.25 -42.52
C THR D 13 14.46 -13.43 -43.38
N VAL D 14 13.50 -14.07 -44.05
CA VAL D 14 12.58 -13.33 -44.90
C VAL D 14 11.72 -12.40 -44.06
N PHE D 15 11.26 -12.87 -42.90
CA PHE D 15 10.42 -12.00 -42.07
C PHE D 15 11.24 -10.87 -41.46
N THR D 16 12.49 -11.13 -41.10
CA THR D 16 13.36 -10.05 -40.63
C THR D 16 13.55 -9.01 -41.73
N ARG D 17 13.73 -9.46 -42.97
CA ARG D 17 13.85 -8.52 -44.08
C ARG D 17 12.58 -7.70 -44.25
N ILE D 18 11.42 -8.36 -44.13
CA ILE D 18 10.16 -7.64 -44.27
C ILE D 18 10.05 -6.55 -43.20
N LEU D 19 10.37 -6.89 -41.95
CA LEU D 19 10.29 -5.91 -40.87
C LEU D 19 11.28 -4.77 -41.10
N ASP D 20 12.51 -5.10 -41.47
CA ASP D 20 13.50 -4.06 -41.68
C ASP D 20 13.10 -3.12 -42.81
N ARG D 21 12.51 -3.66 -43.88
CA ARG D 21 12.01 -2.81 -44.95
C ARG D 21 10.84 -1.97 -44.49
N LEU D 22 9.99 -2.53 -43.63
CA LEU D 22 8.88 -1.74 -43.09
C LEU D 22 9.38 -0.56 -42.29
N LEU D 23 10.43 -0.76 -41.50
CA LEU D 23 10.93 0.29 -40.61
C LEU D 23 12.00 1.15 -41.26
N ASP D 24 12.30 0.93 -42.53
CA ASP D 24 13.33 1.72 -43.20
C ASP D 24 12.71 3.02 -43.72
N GLY D 25 13.31 4.14 -43.35
CA GLY D 25 12.76 5.43 -43.72
C GLY D 25 11.38 5.70 -43.15
N TYR D 26 11.09 5.18 -41.97
CA TYR D 26 9.81 5.38 -41.31
C TYR D 26 9.99 6.36 -40.17
N ASP D 27 9.15 7.39 -40.14
CA ASP D 27 9.23 8.46 -39.14
C ASP D 27 8.03 8.35 -38.22
N ASN D 28 8.27 7.96 -36.98
CA ASN D 28 7.19 7.76 -36.02
C ASN D 28 6.75 9.05 -35.35
N ARG D 29 7.37 10.18 -35.68
CA ARG D 29 6.90 11.48 -35.19
C ARG D 29 5.76 12.04 -36.03
N LEU D 30 5.43 11.41 -37.15
CA LEU D 30 4.40 11.88 -38.07
C LEU D 30 3.25 10.91 -38.10
N ARG D 31 2.03 11.41 -37.87
CA ARG D 31 0.87 10.56 -37.90
C ARG D 31 0.61 10.10 -39.34
N PRO D 32 -0.02 8.93 -39.50
CA PRO D 32 -0.31 8.46 -40.86
C PRO D 32 -1.24 9.41 -41.59
N GLY D 33 -0.95 9.62 -42.88
CA GLY D 33 -1.76 10.53 -43.66
C GLY D 33 -1.68 11.96 -43.19
N LEU D 34 -0.53 12.40 -42.70
CA LEU D 34 -0.41 13.75 -42.18
C LEU D 34 -0.70 14.78 -43.25
N GLY D 35 -0.18 14.57 -44.46
CA GLY D 35 -0.28 15.59 -45.49
C GLY D 35 -1.70 15.85 -45.95
N GLU D 36 -2.50 14.78 -46.13
CA GLU D 36 -3.71 14.91 -46.93
C GLU D 36 -4.89 14.13 -46.34
N ARG D 37 -4.93 13.94 -45.03
CA ARG D 37 -5.99 13.12 -44.46
C ARG D 37 -6.12 13.44 -42.98
N VAL D 38 -7.20 12.91 -42.39
CA VAL D 38 -7.40 12.91 -40.95
C VAL D 38 -7.30 11.46 -40.48
N THR D 39 -6.49 11.23 -39.45
CA THR D 39 -6.30 9.88 -38.93
C THR D 39 -7.52 9.47 -38.12
N GLU D 40 -8.15 8.36 -38.51
CA GLU D 40 -9.34 7.86 -37.84
C GLU D 40 -8.96 6.63 -37.02
N VAL D 41 -9.12 6.74 -35.71
CA VAL D 41 -8.75 5.67 -34.78
C VAL D 41 -10.02 5.03 -34.27
N LYS D 42 -10.18 3.74 -34.55
CA LYS D 42 -11.34 2.98 -34.08
C LYS D 42 -11.02 2.37 -32.73
N THR D 43 -11.82 2.69 -31.72
CA THR D 43 -11.55 2.31 -30.35
C THR D 43 -12.62 1.36 -29.84
N ASP D 44 -12.23 0.58 -28.83
CA ASP D 44 -13.08 -0.47 -28.28
C ASP D 44 -12.54 -0.82 -26.90
N ILE D 45 -13.44 -1.03 -25.94
CA ILE D 45 -13.07 -1.32 -24.57
C ILE D 45 -13.73 -2.61 -24.14
N PHE D 46 -12.95 -3.51 -23.56
CA PHE D 46 -13.46 -4.72 -22.90
C PHE D 46 -13.10 -4.63 -21.43
N VAL D 47 -14.11 -4.54 -20.57
CA VAL D 47 -13.91 -4.37 -19.14
C VAL D 47 -13.81 -5.75 -18.51
N THR D 48 -12.59 -6.12 -18.11
CA THR D 48 -12.40 -7.42 -17.46
C THR D 48 -12.85 -7.40 -16.01
N SER D 49 -12.83 -6.25 -15.35
CA SER D 49 -13.31 -6.16 -13.98
C SER D 49 -13.62 -4.70 -13.65
N PHE D 50 -14.82 -4.45 -13.15
CA PHE D 50 -15.21 -3.11 -12.70
C PHE D 50 -14.88 -3.02 -11.20
N GLY D 51 -13.77 -2.35 -10.88
CA GLY D 51 -13.22 -2.44 -9.57
C GLY D 51 -14.12 -1.81 -8.52
N PRO D 52 -13.64 -1.79 -7.28
CA PRO D 52 -14.42 -1.19 -6.20
C PRO D 52 -14.57 0.32 -6.39
N VAL D 53 -15.71 0.83 -5.96
CA VAL D 53 -15.96 2.26 -5.94
C VAL D 53 -15.59 2.81 -4.57
N SER D 54 -14.83 3.90 -4.56
CA SER D 54 -14.39 4.54 -3.32
C SER D 54 -15.25 5.77 -3.10
N ASP D 55 -16.19 5.68 -2.15
CA ASP D 55 -17.00 6.85 -1.80
C ASP D 55 -16.14 7.97 -1.26
N HIS D 56 -15.18 7.65 -0.39
CA HIS D 56 -14.41 8.69 0.28
C HIS D 56 -13.64 9.54 -0.71
N ASP D 57 -13.07 8.91 -1.74
CA ASP D 57 -12.30 9.62 -2.75
C ASP D 57 -13.13 10.01 -3.97
N MET D 58 -14.42 9.66 -3.99
CA MET D 58 -15.28 9.89 -5.15
C MET D 58 -14.59 9.43 -6.43
N GLU D 59 -14.27 8.14 -6.46
CA GLU D 59 -13.57 7.57 -7.59
C GLU D 59 -13.88 6.08 -7.66
N TYR D 60 -13.51 5.47 -8.77
CA TYR D 60 -13.68 4.04 -8.98
C TYR D 60 -12.50 3.51 -9.77
N THR D 61 -12.29 2.21 -9.67
CA THR D 61 -11.22 1.52 -10.39
C THR D 61 -11.83 0.60 -11.43
N ILE D 62 -11.21 0.53 -12.60
CA ILE D 62 -11.68 -0.30 -13.70
C ILE D 62 -10.47 -0.87 -14.43
N ASP D 63 -10.51 -2.18 -14.69
CA ASP D 63 -9.49 -2.85 -15.49
C ASP D 63 -10.06 -3.15 -16.86
N VAL D 64 -9.38 -2.73 -17.91
CA VAL D 64 -9.89 -2.83 -19.27
C VAL D 64 -8.81 -3.37 -20.20
N PHE D 65 -9.25 -3.99 -21.29
CA PHE D 65 -8.45 -4.09 -22.51
C PHE D 65 -8.83 -2.93 -23.40
N PHE D 66 -7.89 -2.01 -23.63
CA PHE D 66 -8.13 -0.84 -24.46
C PHE D 66 -7.60 -1.13 -25.85
N ARG D 67 -8.51 -1.24 -26.81
CA ARG D 67 -8.17 -1.61 -28.18
C ARG D 67 -8.28 -0.40 -29.09
N GLN D 68 -7.25 -0.15 -29.88
CA GLN D 68 -7.23 0.91 -30.87
C GLN D 68 -6.85 0.33 -32.22
N SER D 69 -7.36 0.95 -33.28
CA SER D 69 -7.12 0.45 -34.63
C SER D 69 -7.17 1.60 -35.61
N TRP D 70 -6.11 1.76 -36.39
CA TRP D 70 -6.02 2.78 -37.41
C TRP D 70 -5.30 2.22 -38.62
N LYS D 71 -5.39 2.95 -39.74
CA LYS D 71 -4.78 2.54 -41.00
C LYS D 71 -3.52 3.34 -41.22
N ASP D 72 -2.40 2.65 -41.46
CA ASP D 72 -1.13 3.27 -41.81
C ASP D 72 -0.68 2.73 -43.16
N GLU D 73 -0.79 3.55 -44.20
CA GLU D 73 -0.39 3.12 -45.53
C GLU D 73 1.10 2.82 -45.61
N ARG D 74 1.91 3.48 -44.78
CA ARG D 74 3.35 3.26 -44.81
C ARG D 74 3.74 1.86 -44.34
N LEU D 75 2.82 1.11 -43.75
CA LEU D 75 3.13 -0.21 -43.20
C LEU D 75 2.49 -1.33 -44.01
N LYS D 76 2.31 -1.11 -45.31
CA LYS D 76 1.87 -2.17 -46.20
C LYS D 76 3.00 -3.13 -46.48
N PHE D 77 2.67 -4.41 -46.58
CA PHE D 77 3.67 -5.43 -46.89
C PHE D 77 2.99 -6.54 -47.67
N LYS D 78 3.82 -7.37 -48.30
CA LYS D 78 3.34 -8.52 -49.08
C LYS D 78 4.23 -9.70 -48.77
N GLY D 79 3.70 -10.69 -48.06
CA GLY D 79 4.46 -11.84 -47.67
C GLY D 79 3.61 -13.08 -47.51
N PRO D 80 4.22 -14.18 -47.05
CA PRO D 80 3.44 -15.40 -46.82
C PRO D 80 2.34 -15.25 -45.79
N MET D 81 2.51 -14.39 -44.80
CA MET D 81 1.50 -14.20 -43.76
C MET D 81 0.60 -13.01 -44.09
N THR D 82 -0.69 -13.20 -43.88
CA THR D 82 -1.64 -12.09 -44.02
C THR D 82 -1.60 -11.14 -42.83
N VAL D 83 -1.27 -11.65 -41.64
CA VAL D 83 -1.20 -10.84 -40.44
C VAL D 83 0.11 -11.14 -39.74
N LEU D 84 0.74 -10.11 -39.20
CA LEU D 84 1.96 -10.25 -38.40
C LEU D 84 1.62 -10.04 -36.93
N ARG D 85 1.48 -11.14 -36.18
CA ARG D 85 1.34 -11.03 -34.74
C ARG D 85 2.70 -10.71 -34.15
N LEU D 86 2.99 -9.43 -33.96
CA LEU D 86 4.32 -8.95 -33.60
C LEU D 86 4.43 -8.70 -32.11
N ASN D 87 5.67 -8.63 -31.64
CA ASN D 87 5.95 -8.44 -30.22
C ASN D 87 5.51 -7.05 -29.78
N ASN D 88 5.38 -6.88 -28.46
CA ASN D 88 4.95 -5.61 -27.89
C ASN D 88 5.99 -4.50 -28.00
N LEU D 89 7.23 -4.82 -28.39
CA LEU D 89 8.27 -3.81 -28.48
C LEU D 89 8.34 -3.18 -29.86
N MET D 90 7.74 -3.82 -30.86
CA MET D 90 7.62 -3.20 -32.18
C MET D 90 6.81 -1.92 -32.11
N ALA D 91 5.80 -1.87 -31.24
CA ALA D 91 4.94 -0.68 -31.15
C ALA D 91 5.73 0.57 -30.84
N SER D 92 6.84 0.45 -30.11
CA SER D 92 7.64 1.63 -29.80
C SER D 92 8.25 2.25 -31.04
N LYS D 93 8.43 1.48 -32.11
CA LYS D 93 9.08 1.97 -33.31
C LYS D 93 8.13 2.62 -34.30
N ILE D 94 6.82 2.50 -34.11
CA ILE D 94 5.84 3.05 -35.02
C ILE D 94 5.06 4.15 -34.32
N TRP D 95 4.34 4.95 -35.11
CA TRP D 95 3.45 5.95 -34.55
C TRP D 95 2.23 5.28 -33.95
N THR D 96 1.86 5.68 -32.74
CA THR D 96 0.62 5.25 -32.11
C THR D 96 -0.13 6.47 -31.59
N PRO D 97 -1.45 6.39 -31.47
CA PRO D 97 -2.20 7.51 -30.90
C PRO D 97 -1.87 7.71 -29.43
N ASP D 98 -1.85 8.96 -29.01
CA ASP D 98 -1.56 9.32 -27.62
C ASP D 98 -2.85 9.55 -26.84
N THR D 99 -3.67 8.50 -26.78
CA THR D 99 -4.92 8.60 -26.06
C THR D 99 -4.67 8.78 -24.57
N PHE D 100 -5.52 9.57 -23.93
CA PHE D 100 -5.44 9.78 -22.49
C PHE D 100 -6.84 9.94 -21.94
N PHE D 101 -6.96 9.79 -20.63
CA PHE D 101 -8.26 9.79 -19.94
C PHE D 101 -8.48 11.15 -19.31
N HIS D 102 -9.50 11.87 -19.82
CA HIS D 102 -9.74 13.23 -19.36
C HIS D 102 -9.98 13.30 -17.86
N ASN D 103 -10.70 12.32 -17.30
CA ASN D 103 -10.99 12.29 -15.88
C ASN D 103 -10.17 11.22 -15.15
N GLY D 104 -9.07 10.77 -15.73
CA GLY D 104 -8.23 9.79 -15.06
C GLY D 104 -7.38 10.45 -13.99
N LYS D 105 -7.19 9.75 -12.88
CA LYS D 105 -6.38 10.24 -11.77
C LYS D 105 -4.99 9.60 -11.75
N LYS D 106 -4.92 8.27 -11.70
CA LYS D 106 -3.64 7.59 -11.64
C LYS D 106 -3.83 6.19 -12.25
N SER D 107 -3.48 6.06 -13.53
CA SER D 107 -3.60 4.79 -14.23
C SER D 107 -2.24 4.11 -14.31
N VAL D 108 -2.27 2.79 -14.48
CA VAL D 108 -1.08 1.99 -14.57
C VAL D 108 -1.18 1.09 -15.79
N ALA D 109 -0.07 0.92 -16.50
CA ALA D 109 0.07 -0.08 -17.54
C ALA D 109 0.90 -1.23 -17.01
N HIS D 110 0.36 -2.44 -17.11
CA HIS D 110 1.01 -3.61 -16.54
C HIS D 110 2.11 -4.10 -17.46
N ASN D 111 3.27 -4.41 -16.88
CA ASN D 111 4.38 -5.03 -17.59
C ASN D 111 4.88 -6.23 -16.81
N MET D 112 3.96 -7.04 -16.32
CA MET D 112 4.25 -8.34 -15.72
C MET D 112 3.61 -9.43 -16.58
N THR D 113 4.41 -10.41 -17.04
CA THR D 113 5.85 -10.49 -16.85
C THR D 113 6.53 -9.63 -17.90
N MET D 114 5.79 -9.24 -18.92
CA MET D 114 6.24 -8.38 -20.00
C MET D 114 5.18 -7.33 -20.25
N PRO D 115 5.50 -6.27 -20.99
CA PRO D 115 4.48 -5.28 -21.32
C PRO D 115 3.22 -5.91 -21.86
N ASN D 116 2.09 -5.65 -21.20
CA ASN D 116 0.81 -6.22 -21.58
C ASN D 116 0.24 -5.46 -22.77
N LYS D 117 0.94 -5.56 -23.90
CA LYS D 117 0.58 -4.87 -25.12
C LYS D 117 0.53 -5.86 -26.28
N LEU D 118 0.07 -5.37 -27.42
CA LEU D 118 -0.28 -6.23 -28.54
C LEU D 118 -0.26 -5.39 -29.80
N LEU D 119 0.42 -5.87 -30.84
CA LEU D 119 0.45 -5.17 -32.13
C LEU D 119 0.31 -6.19 -33.25
N ARG D 120 -0.70 -6.01 -34.10
CA ARG D 120 -0.97 -6.90 -35.22
C ARG D 120 -1.11 -6.07 -36.48
N ILE D 121 -0.22 -6.30 -37.44
CA ILE D 121 -0.19 -5.53 -38.69
C ILE D 121 -0.75 -6.40 -39.80
N THR D 122 -1.86 -5.97 -40.39
CA THR D 122 -2.41 -6.62 -41.56
C THR D 122 -1.67 -6.17 -42.81
N GLU D 123 -1.72 -7.02 -43.84
CA GLU D 123 -0.98 -6.73 -45.07
C GLU D 123 -1.44 -5.43 -45.73
N ASP D 124 -2.70 -5.07 -45.54
CA ASP D 124 -3.22 -3.84 -46.14
C ASP D 124 -2.81 -2.60 -45.37
N GLY D 125 -2.06 -2.74 -44.28
CA GLY D 125 -1.64 -1.61 -43.48
C GLY D 125 -2.55 -1.27 -42.33
N THR D 126 -3.53 -2.10 -42.02
CA THR D 126 -4.39 -1.87 -40.86
C THR D 126 -3.69 -2.39 -39.60
N LEU D 127 -3.68 -1.57 -38.56
CA LEU D 127 -3.03 -1.91 -37.30
C LEU D 127 -4.08 -2.16 -36.23
N LEU D 128 -3.82 -3.14 -35.38
CA LEU D 128 -4.56 -3.35 -34.15
C LEU D 128 -3.60 -3.22 -32.99
N TYR D 129 -3.99 -2.42 -31.99
CA TYR D 129 -3.11 -2.11 -30.86
C TYR D 129 -3.97 -2.15 -29.59
N THR D 130 -3.71 -3.13 -28.72
CA THR D 130 -4.42 -3.24 -27.46
C THR D 130 -3.45 -3.25 -26.30
N MET D 131 -3.91 -2.77 -25.16
CA MET D 131 -3.10 -2.74 -23.94
C MET D 131 -4.00 -2.96 -22.74
N ARG D 132 -3.44 -3.53 -21.69
CA ARG D 132 -4.16 -3.78 -20.45
C ARG D 132 -3.87 -2.66 -19.46
N LEU D 133 -4.92 -1.99 -18.99
CA LEU D 133 -4.78 -0.89 -18.05
C LEU D 133 -5.67 -1.11 -16.84
N THR D 134 -5.24 -0.55 -15.71
CA THR D 134 -6.11 -0.24 -14.59
C THR D 134 -6.26 1.27 -14.50
N VAL D 135 -7.47 1.75 -14.68
CA VAL D 135 -7.78 3.17 -14.68
C VAL D 135 -8.49 3.52 -13.39
N ARG D 136 -8.04 4.58 -12.72
CA ARG D 136 -8.74 5.18 -11.61
C ARG D 136 -9.26 6.54 -12.06
N ALA D 137 -10.58 6.74 -11.97
CA ALA D 137 -11.24 7.88 -12.58
C ALA D 137 -12.16 8.55 -11.57
N GLU D 138 -12.27 9.87 -11.69
CA GLU D 138 -13.15 10.63 -10.84
C GLU D 138 -14.60 10.36 -11.20
N CYS D 139 -15.43 10.06 -10.20
CA CYS D 139 -16.87 9.86 -10.37
C CYS D 139 -17.58 10.82 -9.42
N PRO D 140 -17.88 12.04 -9.85
CA PRO D 140 -18.52 13.01 -8.95
C PRO D 140 -19.91 12.55 -8.53
N MET D 141 -20.08 12.25 -7.25
CA MET D 141 -21.34 11.72 -6.73
C MET D 141 -22.12 12.82 -6.04
N HIS D 142 -23.44 12.76 -6.16
CA HIS D 142 -24.36 13.69 -5.51
C HIS D 142 -25.11 12.92 -4.44
N LEU D 143 -24.69 13.06 -3.19
CA LEU D 143 -25.16 12.21 -2.11
C LEU D 143 -26.35 12.83 -1.38
N GLU D 144 -27.37 13.26 -2.12
CA GLU D 144 -28.55 13.80 -1.46
C GLU D 144 -29.52 12.70 -1.05
N ASP D 145 -29.56 11.61 -1.81
CA ASP D 145 -30.44 10.49 -1.52
C ASP D 145 -29.71 9.34 -0.82
N PHE D 146 -28.48 9.58 -0.37
CA PHE D 146 -27.71 8.52 0.24
C PHE D 146 -28.47 7.94 1.43
N PRO D 147 -28.49 6.61 1.61
CA PRO D 147 -27.84 5.58 0.79
C PRO D 147 -28.78 4.98 -0.27
N MET D 148 -29.77 5.76 -0.69
CA MET D 148 -30.70 5.33 -1.74
C MET D 148 -30.37 6.00 -3.07
N ASP D 149 -29.09 6.17 -3.36
CA ASP D 149 -28.63 6.99 -4.47
C ASP D 149 -28.11 6.13 -5.60
N ALA D 150 -28.34 6.57 -6.83
CA ALA D 150 -27.79 5.95 -8.03
C ALA D 150 -26.90 6.96 -8.74
N HIS D 151 -25.86 6.47 -9.40
CA HIS D 151 -24.87 7.34 -10.00
C HIS D 151 -24.52 6.83 -11.39
N ALA D 152 -24.04 7.76 -12.22
CA ALA D 152 -23.51 7.45 -13.55
C ALA D 152 -22.05 7.88 -13.55
N CYS D 153 -21.15 6.91 -13.46
CA CYS D 153 -19.73 7.21 -13.36
C CYS D 153 -19.13 7.32 -14.76
N PRO D 154 -18.61 8.48 -15.16
CA PRO D 154 -18.13 8.64 -16.54
C PRO D 154 -16.72 8.13 -16.72
N LEU D 155 -16.37 7.90 -17.98
CA LEU D 155 -15.01 7.55 -18.39
C LEU D 155 -14.74 8.24 -19.72
N LYS D 156 -14.10 9.40 -19.66
CA LYS D 156 -13.84 10.21 -20.84
C LYS D 156 -12.39 10.05 -21.27
N PHE D 157 -12.18 9.76 -22.55
CA PHE D 157 -10.84 9.66 -23.09
C PHE D 157 -10.80 10.32 -24.46
N GLY D 158 -9.61 10.74 -24.85
CA GLY D 158 -9.43 11.40 -26.11
C GLY D 158 -7.97 11.55 -26.43
N SER D 159 -7.67 12.29 -27.48
CA SER D 159 -6.29 12.50 -27.92
C SER D 159 -5.75 13.79 -27.31
N TYR D 160 -4.72 13.66 -26.49
CA TYR D 160 -3.82 14.77 -26.23
C TYR D 160 -3.05 15.12 -27.49
N ALA D 161 -2.83 16.42 -27.72
CA ALA D 161 -1.92 16.98 -28.71
C ALA D 161 -2.47 16.95 -30.13
N TYR D 162 -3.59 16.28 -30.42
CA TYR D 162 -4.14 16.24 -31.77
C TYR D 162 -5.57 16.73 -31.75
N THR D 163 -5.84 17.80 -32.48
CA THR D 163 -7.17 18.36 -32.58
C THR D 163 -8.03 17.56 -33.56
N ARG D 164 -9.31 17.90 -33.62
CA ARG D 164 -10.24 17.15 -34.45
C ARG D 164 -9.91 17.25 -35.94
N ALA D 165 -9.09 18.21 -36.32
CA ALA D 165 -8.65 18.31 -37.71
C ALA D 165 -7.54 17.33 -38.05
N GLU D 166 -6.99 16.64 -37.05
CA GLU D 166 -5.87 15.72 -37.26
C GLU D 166 -6.20 14.29 -36.87
N VAL D 167 -6.81 14.08 -35.71
CA VAL D 167 -7.15 12.75 -35.23
C VAL D 167 -8.59 12.76 -34.76
N VAL D 168 -9.38 11.80 -35.23
CA VAL D 168 -10.74 11.60 -34.76
C VAL D 168 -10.85 10.19 -34.22
N TYR D 169 -11.77 9.99 -33.29
CA TYR D 169 -12.04 8.69 -32.71
C TYR D 169 -13.44 8.23 -33.07
N GLU D 170 -13.58 6.94 -33.34
CA GLU D 170 -14.88 6.33 -33.58
C GLU D 170 -14.91 4.96 -32.92
N TRP D 171 -16.10 4.51 -32.56
CA TRP D 171 -16.25 3.17 -32.01
C TRP D 171 -16.11 2.12 -33.10
N THR D 172 -15.45 1.02 -32.76
CA THR D 172 -15.14 0.01 -33.78
C THR D 172 -16.39 -0.73 -34.24
N ARG D 173 -17.33 -0.96 -33.32
CA ARG D 173 -18.61 -1.59 -33.65
C ARG D 173 -19.73 -0.60 -33.32
N GLU D 174 -20.96 -1.07 -33.44
CA GLU D 174 -22.10 -0.26 -33.04
C GLU D 174 -21.84 0.34 -31.66
N PRO D 175 -22.13 1.63 -31.45
CA PRO D 175 -21.83 2.22 -30.15
C PRO D 175 -22.42 1.45 -28.98
N ALA D 176 -23.62 0.90 -29.14
CA ALA D 176 -24.24 0.15 -28.07
C ALA D 176 -23.53 -1.16 -27.77
N ARG D 177 -22.62 -1.60 -28.64
CA ARG D 177 -21.91 -2.87 -28.46
C ARG D 177 -20.40 -2.68 -28.40
N SER D 178 -19.92 -1.45 -28.25
CA SER D 178 -18.49 -1.17 -28.32
C SER D 178 -17.81 -1.15 -26.97
N VAL D 179 -18.57 -1.19 -25.88
CA VAL D 179 -18.01 -1.35 -24.54
C VAL D 179 -18.68 -2.57 -23.93
N VAL D 180 -17.88 -3.61 -23.66
CA VAL D 180 -18.37 -4.89 -23.19
C VAL D 180 -17.77 -5.17 -21.83
N VAL D 181 -18.61 -5.59 -20.89
CA VAL D 181 -18.18 -5.94 -19.54
C VAL D 181 -18.20 -7.45 -19.42
N ALA D 182 -17.15 -8.02 -18.83
CA ALA D 182 -17.10 -9.45 -18.63
C ALA D 182 -18.21 -9.90 -17.68
N GLU D 183 -18.73 -11.09 -17.91
CA GLU D 183 -19.85 -11.58 -17.11
C GLU D 183 -19.46 -11.74 -15.66
N ASP D 184 -18.29 -12.32 -15.40
CA ASP D 184 -17.81 -12.54 -14.05
C ASP D 184 -16.90 -11.42 -13.57
N GLY D 185 -16.75 -10.35 -14.34
CA GLY D 185 -15.82 -9.30 -14.00
C GLY D 185 -16.46 -8.20 -13.19
N SER D 186 -16.99 -8.54 -12.02
CA SER D 186 -17.61 -7.58 -11.12
C SER D 186 -16.89 -7.64 -9.79
N ARG D 187 -16.25 -6.54 -9.41
CA ARG D 187 -15.61 -6.41 -8.10
C ARG D 187 -16.35 -5.43 -7.21
N LEU D 188 -17.60 -5.16 -7.51
CA LEU D 188 -18.44 -4.29 -6.69
C LEU D 188 -19.07 -5.12 -5.59
N ASN D 189 -18.99 -4.60 -4.37
CA ASN D 189 -19.69 -5.21 -3.24
C ASN D 189 -20.74 -4.32 -2.61
N GLN D 190 -20.58 -3.00 -2.68
CA GLN D 190 -21.55 -2.07 -2.15
C GLN D 190 -22.50 -1.52 -3.20
N TYR D 191 -22.25 -1.77 -4.49
CA TYR D 191 -23.03 -1.21 -5.57
C TYR D 191 -23.52 -2.33 -6.48
N ASP D 192 -24.28 -1.94 -7.50
CA ASP D 192 -24.72 -2.86 -8.54
C ASP D 192 -24.65 -2.15 -9.87
N LEU D 193 -24.17 -2.85 -10.90
CA LEU D 193 -23.92 -2.27 -12.21
C LEU D 193 -25.11 -2.54 -13.12
N LEU D 194 -25.84 -1.47 -13.46
CA LEU D 194 -27.08 -1.63 -14.21
C LEU D 194 -26.83 -1.73 -15.71
N GLY D 195 -25.76 -1.14 -16.21
CA GLY D 195 -25.51 -1.12 -17.63
C GLY D 195 -24.54 -0.01 -17.98
N GLN D 196 -24.28 0.10 -19.29
CA GLN D 196 -23.33 1.07 -19.81
C GLN D 196 -24.00 1.98 -20.82
N THR D 197 -23.28 3.03 -21.20
CA THR D 197 -23.79 4.04 -22.11
C THR D 197 -22.60 4.81 -22.66
N VAL D 198 -22.51 4.90 -23.98
CA VAL D 198 -21.41 5.60 -24.62
C VAL D 198 -21.94 6.84 -25.33
N ASP D 199 -21.01 7.76 -25.61
CA ASP D 199 -21.31 8.94 -26.39
C ASP D 199 -20.02 9.47 -27.00
N SER D 200 -20.17 10.35 -27.98
CA SER D 200 -19.05 11.01 -28.63
C SER D 200 -19.35 12.50 -28.72
N GLY D 201 -18.32 13.32 -28.56
CA GLY D 201 -18.53 14.75 -28.52
C GLY D 201 -17.27 15.51 -28.86
N ILE D 202 -17.33 16.82 -28.63
CA ILE D 202 -16.25 17.74 -28.92
C ILE D 202 -16.10 18.68 -27.74
N VAL D 203 -14.86 19.00 -27.38
CA VAL D 203 -14.57 19.94 -26.30
C VAL D 203 -13.69 21.05 -26.86
N GLN D 204 -14.10 22.29 -26.60
CA GLN D 204 -13.27 23.44 -26.94
C GLN D 204 -12.18 23.64 -25.90
N SER D 205 -10.98 23.98 -26.37
CA SER D 205 -9.85 24.22 -25.49
C SER D 205 -9.07 25.42 -26.03
N SER D 206 -8.26 26.01 -25.14
CA SER D 206 -7.43 27.13 -25.55
C SER D 206 -6.41 26.75 -26.60
N THR D 207 -6.11 25.46 -26.74
CA THR D 207 -5.17 24.97 -27.75
C THR D 207 -5.87 24.43 -28.99
N GLY D 208 -7.20 24.47 -29.03
CA GLY D 208 -7.93 24.01 -30.20
C GLY D 208 -9.16 23.21 -29.86
N GLU D 209 -9.55 22.30 -30.76
CA GLU D 209 -10.81 21.57 -30.67
C GLU D 209 -10.51 20.09 -30.76
N TYR D 210 -10.95 19.33 -29.76
CA TYR D 210 -10.55 17.94 -29.60
C TYR D 210 -11.78 17.04 -29.54
N VAL D 211 -11.62 15.82 -30.01
CA VAL D 211 -12.67 14.81 -29.92
C VAL D 211 -12.60 14.14 -28.56
N VAL D 212 -13.75 13.90 -27.96
CA VAL D 212 -13.85 13.22 -26.67
C VAL D 212 -14.84 12.08 -26.80
N MET D 213 -14.45 10.90 -26.35
CA MET D 213 -15.30 9.72 -26.31
C MET D 213 -15.68 9.46 -24.87
N THR D 214 -16.98 9.33 -24.61
CA THR D 214 -17.49 9.21 -23.26
C THR D 214 -18.17 7.86 -23.07
N THR D 215 -18.00 7.30 -21.87
CA THR D 215 -18.76 6.15 -21.42
C THR D 215 -19.34 6.47 -20.06
N HIS D 216 -20.56 6.00 -19.81
CA HIS D 216 -21.21 6.15 -18.51
C HIS D 216 -21.60 4.79 -17.97
N PHE D 217 -21.16 4.49 -16.75
CA PHE D 217 -21.55 3.28 -16.05
C PHE D 217 -22.59 3.64 -15.00
N HIS D 218 -23.78 3.07 -15.12
CA HIS D 218 -24.90 3.41 -14.24
C HIS D 218 -24.89 2.44 -13.06
N LEU D 219 -24.69 3.00 -11.86
CA LEU D 219 -24.53 2.21 -10.65
C LEU D 219 -25.67 2.50 -9.68
N LYS D 220 -26.02 1.49 -8.89
CA LYS D 220 -27.14 1.58 -7.95
C LYS D 220 -26.66 1.00 -6.63
N ARG D 221 -26.67 1.82 -5.59
CA ARG D 221 -26.16 1.40 -4.29
C ARG D 221 -27.09 0.37 -3.65
N LYS D 222 -26.50 -0.69 -3.10
CA LYS D 222 -27.25 -1.65 -2.32
C LYS D 222 -27.42 -1.15 -0.89
N ILE D 223 -28.60 -1.38 -0.33
CA ILE D 223 -28.98 -0.74 0.93
C ILE D 223 -28.85 -1.67 2.14
N GLY D 224 -28.64 -2.97 1.92
CA GLY D 224 -28.69 -3.90 3.03
C GLY D 224 -27.71 -3.56 4.14
N TYR D 225 -26.48 -3.21 3.78
CA TYR D 225 -25.48 -2.90 4.80
C TYR D 225 -25.92 -1.73 5.67
N PHE D 226 -26.36 -0.65 5.05
CA PHE D 226 -26.75 0.52 5.83
C PHE D 226 -27.99 0.25 6.64
N VAL D 227 -28.93 -0.52 6.11
CA VAL D 227 -30.05 -0.98 6.93
C VAL D 227 -29.51 -1.62 8.21
N ILE D 228 -28.78 -2.72 8.04
CA ILE D 228 -28.36 -3.53 9.17
C ILE D 228 -27.53 -2.73 10.16
N GLN D 229 -26.75 -1.75 9.69
CA GLN D 229 -25.77 -1.14 10.56
C GLN D 229 -26.16 0.23 11.10
N THR D 230 -27.13 0.90 10.49
CA THR D 230 -27.60 2.18 11.01
C THR D 230 -29.09 2.17 11.31
N TYR D 231 -29.92 1.67 10.38
CA TYR D 231 -31.36 1.86 10.54
C TYR D 231 -31.91 0.97 11.65
N LEU D 232 -31.54 -0.31 11.64
CA LEU D 232 -31.97 -1.19 12.71
C LEU D 232 -31.45 -0.75 14.07
N PRO D 233 -30.17 -0.37 14.24
CA PRO D 233 -29.75 0.17 15.53
C PRO D 233 -30.55 1.37 15.98
N CYS D 234 -30.86 2.30 15.08
CA CYS D 234 -31.63 3.48 15.48
C CYS D 234 -33.05 3.10 15.89
N ILE D 235 -33.67 2.18 15.14
CA ILE D 235 -35.03 1.77 15.49
C ILE D 235 -35.03 1.08 16.83
N MET D 236 -34.04 0.21 17.08
CA MET D 236 -33.95 -0.45 18.37
C MET D 236 -33.75 0.56 19.50
N THR D 237 -32.92 1.58 19.27
CA THR D 237 -32.71 2.59 20.30
C THR D 237 -34.00 3.35 20.59
N VAL D 238 -34.75 3.70 19.55
CA VAL D 238 -36.02 4.40 19.77
C VAL D 238 -36.99 3.51 20.54
N ILE D 239 -37.05 2.23 20.18
CA ILE D 239 -37.93 1.31 20.88
C ILE D 239 -37.54 1.22 22.35
N LEU D 240 -36.24 1.11 22.61
CA LEU D 240 -35.76 1.03 23.98
C LEU D 240 -36.12 2.29 24.76
N SER D 241 -35.98 3.46 24.14
CA SER D 241 -36.37 4.69 24.81
C SER D 241 -37.86 4.69 25.12
N GLN D 242 -38.68 4.21 24.20
CA GLN D 242 -40.12 4.19 24.44
C GLN D 242 -40.53 3.15 25.47
N VAL D 243 -39.71 2.12 25.69
CA VAL D 243 -40.02 1.15 26.73
C VAL D 243 -40.13 1.84 28.08
N SER D 244 -39.43 2.95 28.28
CA SER D 244 -39.44 3.62 29.58
C SER D 244 -40.84 4.06 29.99
N PHE D 245 -41.77 4.20 29.05
CA PHE D 245 -43.10 4.67 29.40
C PHE D 245 -43.88 3.64 30.20
N TRP D 246 -43.49 2.37 30.16
CA TRP D 246 -44.22 1.32 30.87
C TRP D 246 -43.71 1.09 32.28
N LEU D 247 -42.64 1.76 32.69
CA LEU D 247 -42.16 1.63 34.05
C LEU D 247 -42.96 2.52 34.99
N ASN D 248 -43.16 2.04 36.21
CA ASN D 248 -43.99 2.78 37.14
C ASN D 248 -43.30 4.08 37.53
N ARG D 249 -44.12 5.06 37.94
CA ARG D 249 -43.61 6.38 38.23
C ARG D 249 -42.69 6.41 39.45
N GLU D 250 -42.64 5.34 40.24
CA GLU D 250 -41.79 5.33 41.42
C GLU D 250 -40.34 5.01 41.09
N SER D 251 -40.08 4.31 39.99
CA SER D 251 -38.73 3.88 39.64
C SER D 251 -38.04 4.99 38.83
N VAL D 252 -37.77 6.09 39.52
CA VAL D 252 -37.20 7.26 38.85
C VAL D 252 -35.83 6.95 38.26
N PRO D 253 -34.85 6.44 39.01
CA PRO D 253 -33.53 6.19 38.43
C PRO D 253 -33.57 5.26 37.23
N ALA D 254 -34.52 4.30 37.21
CA ALA D 254 -34.63 3.42 36.07
C ALA D 254 -34.91 4.20 34.79
N ARG D 255 -35.94 5.06 34.82
CA ARG D 255 -36.29 5.82 33.63
C ARG D 255 -35.20 6.83 33.30
N THR D 256 -34.56 7.42 34.31
CA THR D 256 -33.46 8.32 34.03
C THR D 256 -32.33 7.61 33.29
N VAL D 257 -31.99 6.40 33.72
CA VAL D 257 -30.95 5.63 33.06
C VAL D 257 -31.37 5.30 31.64
N PHE D 258 -32.63 4.89 31.46
CA PHE D 258 -33.13 4.63 30.11
C PHE D 258 -32.91 5.82 29.21
N GLY D 259 -33.37 7.00 29.64
CA GLY D 259 -33.25 8.18 28.79
C GLY D 259 -31.80 8.53 28.49
N VAL D 260 -30.96 8.54 29.52
CA VAL D 260 -29.58 8.95 29.35
C VAL D 260 -28.87 8.01 28.39
N THR D 261 -28.99 6.71 28.62
CA THR D 261 -28.28 5.74 27.80
C THR D 261 -28.80 5.77 26.37
N THR D 262 -30.11 5.95 26.19
CA THR D 262 -30.63 6.04 24.83
C THR D 262 -30.07 7.25 24.10
N VAL D 263 -29.98 8.39 24.78
CA VAL D 263 -29.43 9.57 24.12
C VAL D 263 -27.96 9.37 23.78
N LEU D 264 -27.18 8.80 24.70
CA LEU D 264 -25.78 8.54 24.41
C LEU D 264 -25.62 7.58 23.23
N THR D 265 -26.44 6.53 23.20
CA THR D 265 -26.42 5.60 22.08
C THR D 265 -26.72 6.32 20.77
N MET D 266 -27.74 7.19 20.77
CA MET D 266 -28.08 7.89 19.54
C MET D 266 -26.94 8.77 19.08
N THR D 267 -26.26 9.44 20.02
CA THR D 267 -25.12 10.28 19.64
C THR D 267 -24.00 9.44 19.04
N THR D 268 -23.69 8.30 19.67
CA THR D 268 -22.64 7.44 19.13
C THR D 268 -23.01 6.94 17.74
N LEU D 269 -24.27 6.54 17.55
CA LEU D 269 -24.70 6.10 16.23
C LEU D 269 -24.60 7.20 15.20
N SER D 270 -24.96 8.42 15.58
CA SER D 270 -24.85 9.53 14.63
C SER D 270 -23.40 9.73 14.21
N ILE D 271 -22.49 9.72 15.16
CA ILE D 271 -21.07 9.88 14.84
C ILE D 271 -20.62 8.75 13.91
N SER D 272 -20.92 7.50 14.27
CA SER D 272 -20.46 6.37 13.49
C SER D 272 -21.01 6.41 12.07
N ALA D 273 -22.31 6.68 11.94
CA ALA D 273 -22.92 6.71 10.62
C ALA D 273 -22.40 7.86 9.78
N ARG D 274 -22.00 8.96 10.41
CA ARG D 274 -21.36 10.03 9.65
C ARG D 274 -19.91 9.71 9.30
N ASN D 275 -19.27 8.80 10.04
CA ASN D 275 -17.88 8.47 9.74
C ASN D 275 -17.73 7.89 8.34
N SER D 276 -18.63 7.00 7.96
CA SER D 276 -18.46 6.21 6.74
C SER D 276 -18.48 7.05 5.47
N LEU D 277 -18.92 8.29 5.54
CA LEU D 277 -19.22 9.08 4.35
C LEU D 277 -18.16 10.15 4.10
N PRO D 278 -18.04 10.62 2.86
CA PRO D 278 -17.28 11.85 2.63
C PRO D 278 -17.89 13.02 3.40
N LYS D 279 -17.03 13.92 3.84
CA LYS D 279 -17.47 15.06 4.65
C LYS D 279 -18.22 16.08 3.80
N VAL D 280 -19.32 15.66 3.17
CA VAL D 280 -20.14 16.59 2.41
C VAL D 280 -20.76 17.62 3.34
N ALA D 281 -21.05 18.79 2.80
CA ALA D 281 -21.54 19.91 3.59
C ALA D 281 -23.06 19.94 3.73
N TYR D 282 -23.77 19.02 3.09
CA TYR D 282 -25.22 18.97 3.16
C TYR D 282 -25.67 17.74 3.92
N ALA D 283 -26.98 17.59 4.06
CA ALA D 283 -27.59 16.50 4.83
C ALA D 283 -28.10 15.43 3.90
N THR D 284 -27.82 14.17 4.22
CA THR D 284 -28.31 13.04 3.45
C THR D 284 -29.62 12.53 4.04
N ALA D 285 -30.22 11.54 3.38
CA ALA D 285 -31.43 10.93 3.92
C ALA D 285 -31.15 10.24 5.24
N MET D 286 -29.99 9.58 5.34
CA MET D 286 -29.62 8.95 6.60
C MET D 286 -29.51 9.98 7.71
N ASP D 287 -28.98 11.16 7.38
CA ASP D 287 -28.89 12.22 8.38
C ASP D 287 -30.26 12.61 8.90
N TRP D 288 -31.25 12.73 8.00
CA TRP D 288 -32.58 13.08 8.45
C TRP D 288 -33.20 11.98 9.31
N PHE D 289 -33.03 10.73 8.90
CA PHE D 289 -33.55 9.63 9.72
C PHE D 289 -32.93 9.63 11.10
N ILE D 290 -31.61 9.83 11.18
CA ILE D 290 -30.94 9.85 12.47
C ILE D 290 -31.44 11.02 13.31
N ALA D 291 -31.62 12.19 12.67
CA ALA D 291 -32.08 13.35 13.41
C ALA D 291 -33.48 13.14 13.97
N VAL D 292 -34.36 12.52 13.19
CA VAL D 292 -35.71 12.28 13.67
C VAL D 292 -35.70 11.27 14.81
N CYS D 293 -34.89 10.23 14.70
CA CYS D 293 -34.81 9.26 15.80
C CYS D 293 -34.27 9.91 17.06
N TYR D 294 -33.33 10.83 16.89
CA TYR D 294 -32.69 11.56 18.00
C TYR D 294 -33.75 12.43 18.64
N ALA D 295 -34.61 13.04 17.83
CA ALA D 295 -35.69 13.87 18.33
C ALA D 295 -36.70 13.05 19.11
N PHE D 296 -37.03 11.85 18.61
CA PHE D 296 -37.96 10.99 19.33
C PHE D 296 -37.41 10.60 20.69
N VAL D 297 -36.12 10.23 20.75
CA VAL D 297 -35.53 9.84 22.03
C VAL D 297 -35.55 11.02 23.00
N PHE D 298 -35.17 12.20 22.51
CA PHE D 298 -35.17 13.37 23.37
C PHE D 298 -36.58 13.71 23.85
N SER D 299 -37.57 13.57 22.97
CA SER D 299 -38.95 13.85 23.37
C SER D 299 -39.42 12.85 24.43
N ALA D 300 -39.00 11.59 24.32
CA ALA D 300 -39.32 10.63 25.37
C ALA D 300 -38.71 11.06 26.70
N LEU D 301 -37.45 11.49 26.67
CA LEU D 301 -36.82 11.96 27.90
C LEU D 301 -37.57 13.15 28.48
N ILE D 302 -37.96 14.09 27.62
CA ILE D 302 -38.69 15.27 28.08
C ILE D 302 -40.02 14.86 28.68
N GLU D 303 -40.70 13.90 28.06
CA GLU D 303 -41.97 13.43 28.59
C GLU D 303 -41.79 12.83 29.98
N PHE D 304 -40.74 12.04 30.16
CA PHE D 304 -40.48 11.49 31.49
C PHE D 304 -40.19 12.60 32.50
N ALA D 305 -39.42 13.60 32.09
CA ALA D 305 -39.13 14.72 32.99
C ALA D 305 -40.42 15.43 33.39
N THR D 306 -41.31 15.66 32.44
CA THR D 306 -42.58 16.31 32.76
C THR D 306 -43.42 15.45 33.70
N VAL D 307 -43.45 14.14 33.45
CA VAL D 307 -44.22 13.25 34.33
C VAL D 307 -43.67 13.34 35.74
N ASN D 308 -42.34 13.29 35.89
CA ASN D 308 -41.76 13.35 37.23
C ASN D 308 -42.03 14.70 37.87
N TYR D 309 -42.02 15.77 37.08
CA TYR D 309 -42.34 17.09 37.62
C TYR D 309 -43.76 17.14 38.15
N PHE D 310 -44.70 16.54 37.44
CA PHE D 310 -46.10 16.56 37.84
C PHE D 310 -46.46 15.39 38.76
N THR D 311 -45.49 14.55 39.12
CA THR D 311 -45.74 13.47 40.04
C THR D 311 -45.71 14.00 41.47
N LYS D 312 -46.54 13.40 42.33
CA LYS D 312 -46.71 13.76 43.73
C LYS D 312 -47.35 15.12 43.92
N SER D 313 -47.69 15.82 42.83
CA SER D 313 -48.48 17.04 42.90
C SER D 313 -49.81 16.93 42.16
N GLN D 314 -49.80 16.37 40.95
CA GLN D 314 -51.02 16.13 40.18
C GLN D 314 -50.93 14.74 39.58
N PRO D 315 -51.04 13.71 40.43
CA PRO D 315 -50.82 12.34 39.93
C PRO D 315 -51.74 11.96 38.78
N ALA D 316 -52.98 12.41 38.80
CA ALA D 316 -53.90 12.08 37.70
C ALA D 316 -53.38 12.62 36.37
N ARG D 317 -52.89 13.86 36.36
CA ARG D 317 -52.36 14.42 35.13
C ARG D 317 -51.14 13.65 34.65
N ALA D 318 -50.24 13.28 35.56
CA ALA D 318 -49.07 12.52 35.17
C ALA D 318 -49.46 11.17 34.58
N ALA D 319 -50.39 10.47 35.23
CA ALA D 319 -50.85 9.19 34.70
C ALA D 319 -51.49 9.36 33.33
N LYS D 320 -52.27 10.43 33.15
CA LYS D 320 -52.93 10.67 31.87
C LYS D 320 -51.92 10.88 30.77
N ILE D 321 -50.94 11.76 31.00
CA ILE D 321 -49.94 12.03 29.97
C ILE D 321 -49.12 10.78 29.68
N ASP D 322 -48.79 10.00 30.71
CA ASP D 322 -48.02 8.78 30.48
C ASP D 322 -48.79 7.79 29.62
N ARG D 323 -50.06 7.55 29.96
CA ARG D 323 -50.85 6.58 29.20
C ARG D 323 -51.18 7.10 27.81
N LEU D 324 -51.18 8.42 27.60
CA LEU D 324 -51.33 8.94 26.25
C LEU D 324 -50.06 8.74 25.45
N SER D 325 -48.90 9.02 26.06
CA SER D 325 -47.63 8.85 25.37
C SER D 325 -47.41 7.40 24.97
N ARG D 326 -47.85 6.46 25.83
CA ARG D 326 -47.63 5.05 25.54
C ARG D 326 -48.21 4.65 24.19
N ILE D 327 -49.27 5.33 23.74
CA ILE D 327 -49.87 5.05 22.45
C ILE D 327 -49.35 6.02 21.40
N ALA D 328 -49.08 7.26 21.80
CA ALA D 328 -48.72 8.29 20.84
C ALA D 328 -47.35 8.03 20.23
N PHE D 329 -46.36 7.74 21.08
CA PHE D 329 -44.99 7.65 20.57
C PHE D 329 -44.81 6.54 19.55
N PRO D 330 -45.20 5.29 19.83
CA PRO D 330 -45.07 4.26 18.79
C PRO D 330 -45.84 4.59 17.53
N LEU D 331 -47.03 5.18 17.66
CA LEU D 331 -47.83 5.48 16.49
C LEU D 331 -47.14 6.51 15.61
N LEU D 332 -46.64 7.58 16.21
CA LEU D 332 -45.96 8.62 15.44
C LEU D 332 -44.68 8.07 14.82
N PHE D 333 -43.92 7.25 15.55
CA PHE D 333 -42.71 6.69 14.98
C PHE D 333 -43.01 5.78 13.80
N GLY D 334 -44.06 4.97 13.91
CA GLY D 334 -44.45 4.12 12.79
C GLY D 334 -44.90 4.93 11.58
N ILE D 335 -45.67 6.00 11.82
CA ILE D 335 -46.12 6.85 10.72
C ILE D 335 -44.91 7.48 10.03
N PHE D 336 -43.97 7.99 10.82
CA PHE D 336 -42.78 8.60 10.24
C PHE D 336 -41.99 7.58 9.43
N ASN D 337 -41.80 6.37 9.97
CA ASN D 337 -41.05 5.36 9.23
C ASN D 337 -41.74 5.04 7.91
N LEU D 338 -43.06 4.86 7.94
CA LEU D 338 -43.80 4.55 6.72
C LEU D 338 -43.62 5.65 5.69
N VAL D 339 -43.78 6.91 6.12
CA VAL D 339 -43.66 8.02 5.18
C VAL D 339 -42.26 8.08 4.60
N TYR D 340 -41.24 7.95 5.46
CA TYR D 340 -39.86 8.05 5.02
C TYR D 340 -39.54 6.98 3.99
N TRP D 341 -39.89 5.73 4.30
CA TRP D 341 -39.55 4.65 3.38
C TRP D 341 -40.34 4.76 2.08
N ALA D 342 -41.63 5.15 2.18
CA ALA D 342 -42.43 5.29 0.96
C ALA D 342 -41.87 6.39 0.07
N THR D 343 -41.34 7.46 0.66
CA THR D 343 -40.85 8.56 -0.16
C THR D 343 -39.44 8.32 -0.69
N TYR D 344 -38.65 7.49 0.00
CA TYR D 344 -37.29 7.22 -0.46
C TYR D 344 -37.14 5.89 -1.19
N LEU D 345 -38.20 5.12 -1.37
CA LEU D 345 -38.13 3.88 -2.14
C LEU D 345 -39.00 3.89 -3.37
N ASN D 346 -40.20 4.45 -3.31
CA ASN D 346 -41.04 4.55 -4.51
C ASN D 346 -40.36 5.36 -5.59
N ARG D 347 -39.48 6.29 -5.22
CA ARG D 347 -38.68 7.02 -6.19
C ARG D 347 -37.99 6.05 -7.17
N GLY E 62 6.50 13.36 -45.49
CA GLY E 62 7.44 13.44 -46.60
C GLY E 62 8.52 14.47 -46.38
N ASP E 63 8.15 15.74 -46.57
CA ASP E 63 9.08 16.84 -46.38
C ASP E 63 9.04 17.42 -44.97
N VAL E 64 8.08 17.01 -44.14
CA VAL E 64 8.15 17.35 -42.72
C VAL E 64 9.26 16.57 -42.04
N THR E 65 9.54 15.35 -42.50
CA THR E 65 10.69 14.63 -41.99
C THR E 65 11.98 15.38 -42.29
N VAL E 66 12.08 15.96 -43.49
CA VAL E 66 13.29 16.71 -43.84
C VAL E 66 13.42 17.93 -42.94
N ILE E 67 12.31 18.64 -42.70
CA ILE E 67 12.35 19.81 -41.83
C ILE E 67 12.80 19.41 -40.43
N LEU E 68 12.22 18.33 -39.90
CA LEU E 68 12.58 17.89 -38.55
C LEU E 68 14.05 17.51 -38.48
N ASN E 69 14.55 16.78 -39.48
CA ASN E 69 15.95 16.37 -39.46
C ASN E 69 16.86 17.57 -39.55
N ASN E 70 16.50 18.58 -40.35
CA ASN E 70 17.33 19.77 -40.45
C ASN E 70 17.31 20.55 -39.14
N LEU E 71 16.17 20.57 -38.45
CA LEU E 71 16.11 21.30 -37.18
C LEU E 71 17.05 20.71 -36.14
N LEU E 72 17.10 19.37 -36.07
CA LEU E 72 17.83 18.71 -35.00
C LEU E 72 19.31 18.52 -35.31
N GLU E 73 19.70 18.59 -36.58
CA GLU E 73 21.10 18.43 -36.92
C GLU E 73 21.93 19.55 -36.30
N GLY E 74 23.04 19.17 -35.67
CA GLY E 74 23.91 20.16 -35.07
C GLY E 74 23.24 20.97 -33.98
N TYR E 75 22.36 20.33 -33.21
CA TYR E 75 21.58 20.99 -32.18
C TYR E 75 21.98 20.45 -30.82
N ASP E 76 22.24 21.34 -29.88
CA ASP E 76 22.64 20.98 -28.51
C ASP E 76 21.51 21.38 -27.57
N ASN E 77 20.87 20.39 -26.96
CA ASN E 77 19.80 20.63 -26.01
C ASN E 77 20.30 20.81 -24.59
N LYS E 78 21.62 20.81 -24.38
CA LYS E 78 22.19 21.17 -23.09
C LYS E 78 22.29 22.67 -22.89
N LEU E 79 22.10 23.47 -23.94
CA LEU E 79 22.26 24.91 -23.88
C LEU E 79 20.92 25.59 -24.13
N ARG E 80 20.53 26.47 -23.22
CA ARG E 80 19.30 27.22 -23.42
C ARG E 80 19.47 28.19 -24.59
N PRO E 81 18.39 28.52 -25.30
CA PRO E 81 18.50 29.52 -26.35
C PRO E 81 18.96 30.86 -25.78
N ASP E 82 19.84 31.52 -26.51
CA ASP E 82 20.41 32.80 -26.06
C ASP E 82 21.26 32.58 -24.81
N ILE E 83 22.18 31.62 -24.91
CA ILE E 83 22.93 31.19 -23.72
C ILE E 83 23.72 32.35 -23.14
N GLY E 84 24.40 33.13 -23.99
CA GLY E 84 25.22 34.22 -23.51
C GLY E 84 24.84 35.55 -24.10
N VAL E 85 23.55 35.77 -24.32
CA VAL E 85 23.07 37.01 -24.93
C VAL E 85 22.10 37.71 -23.99
N LYS E 86 20.99 37.06 -23.67
CA LYS E 86 19.94 37.68 -22.87
C LYS E 86 19.14 36.57 -22.20
N PRO E 87 18.43 36.89 -21.12
CA PRO E 87 17.62 35.85 -20.46
C PRO E 87 16.53 35.34 -21.38
N THR E 88 16.23 34.06 -21.24
CA THR E 88 15.13 33.44 -21.96
C THR E 88 13.82 33.82 -21.29
N LEU E 89 12.90 34.42 -22.06
CA LEU E 89 11.60 34.81 -21.54
C LEU E 89 10.61 33.70 -21.82
N ILE E 90 9.89 33.27 -20.78
CA ILE E 90 8.92 32.17 -20.88
C ILE E 90 7.57 32.70 -20.42
N HIS E 91 6.56 32.57 -21.27
CA HIS E 91 5.20 32.91 -20.93
C HIS E 91 4.47 31.64 -20.51
N THR E 92 3.78 31.70 -19.37
CA THR E 92 3.17 30.52 -18.77
C THR E 92 1.66 30.69 -18.72
N ASP E 93 0.94 29.60 -19.01
CA ASP E 93 -0.49 29.53 -18.85
C ASP E 93 -0.86 28.32 -18.00
N MET E 94 -1.96 28.44 -17.27
CA MET E 94 -2.42 27.38 -16.39
C MET E 94 -3.92 27.19 -16.56
N TYR E 95 -4.34 25.97 -16.86
CA TYR E 95 -5.75 25.59 -16.83
C TYR E 95 -5.96 24.65 -15.65
N VAL E 96 -6.82 25.06 -14.72
CA VAL E 96 -7.06 24.30 -13.49
C VAL E 96 -8.25 23.38 -13.71
N ASN E 97 -7.98 22.08 -13.83
CA ASN E 97 -9.07 21.12 -13.98
C ASN E 97 -9.89 21.00 -12.72
N SER E 98 -9.22 20.83 -11.57
CA SER E 98 -9.92 20.69 -10.30
C SER E 98 -8.95 20.99 -9.18
N ILE E 99 -9.50 21.48 -8.06
CA ILE E 99 -8.75 21.66 -6.82
C ILE E 99 -9.21 20.57 -5.86
N GLY E 100 -8.31 19.66 -5.53
CA GLY E 100 -8.67 18.44 -4.85
C GLY E 100 -8.96 18.68 -3.38
N PRO E 101 -9.04 17.60 -2.61
CA PRO E 101 -9.34 17.76 -1.18
C PRO E 101 -8.27 18.56 -0.46
N VAL E 102 -8.70 19.28 0.57
CA VAL E 102 -7.82 20.11 1.38
C VAL E 102 -7.78 19.51 2.78
N ASN E 103 -6.83 18.62 3.03
CA ASN E 103 -6.72 17.94 4.32
C ASN E 103 -5.86 18.81 5.24
N ALA E 104 -6.49 19.33 6.30
CA ALA E 104 -5.75 20.14 7.26
C ALA E 104 -4.79 19.31 8.11
N ILE E 105 -4.97 17.99 8.13
CA ILE E 105 -4.07 17.14 8.92
C ILE E 105 -2.64 17.28 8.42
N ASN E 106 -2.46 17.20 7.10
CA ASN E 106 -1.15 17.34 6.48
C ASN E 106 -0.90 18.75 5.97
N MET E 107 -1.84 19.67 6.14
CA MET E 107 -1.72 21.04 5.65
C MET E 107 -1.28 21.06 4.19
N GLU E 108 -2.10 20.44 3.34
CA GLU E 108 -1.81 20.37 1.92
C GLU E 108 -3.13 20.26 1.15
N TYR E 109 -3.06 20.59 -0.14
CA TYR E 109 -4.20 20.45 -1.03
C TYR E 109 -3.72 19.93 -2.38
N THR E 110 -4.61 19.22 -3.07
CA THR E 110 -4.32 18.64 -4.37
C THR E 110 -4.88 19.52 -5.47
N ILE E 111 -4.16 19.59 -6.59
CA ILE E 111 -4.60 20.38 -7.73
C ILE E 111 -4.15 19.70 -9.01
N ASP E 112 -5.04 19.61 -9.98
CA ASP E 112 -4.77 19.04 -11.29
C ASP E 112 -4.85 20.14 -12.34
N ILE E 113 -3.80 20.31 -13.12
CA ILE E 113 -3.71 21.42 -14.07
C ILE E 113 -3.14 20.93 -15.39
N PHE E 114 -3.39 21.72 -16.43
CA PHE E 114 -2.64 21.68 -17.68
C PHE E 114 -1.68 22.87 -17.68
N PHE E 115 -0.39 22.60 -17.77
CA PHE E 115 0.64 23.62 -17.63
C PHE E 115 1.27 23.88 -18.99
N ALA E 116 1.04 25.06 -19.54
CA ALA E 116 1.56 25.44 -20.85
C ALA E 116 2.72 26.42 -20.69
N GLN E 117 3.78 26.20 -21.45
CA GLN E 117 4.95 27.07 -21.46
C GLN E 117 5.33 27.36 -22.89
N THR E 118 5.61 28.62 -23.20
CA THR E 118 6.01 29.03 -24.54
C THR E 118 7.22 29.94 -24.49
N TRP E 119 8.15 29.74 -25.42
CA TRP E 119 9.38 30.50 -25.48
C TRP E 119 9.89 30.48 -26.91
N TYR E 120 10.88 31.31 -27.18
CA TYR E 120 11.47 31.43 -28.52
C TYR E 120 12.81 30.74 -28.56
N ASP E 121 13.02 29.93 -29.59
CA ASP E 121 14.30 29.25 -29.85
C ASP E 121 14.67 29.50 -31.31
N ARG E 122 15.61 30.42 -31.55
CA ARG E 122 16.00 30.73 -32.91
C ARG E 122 16.64 29.56 -33.63
N ARG E 123 17.06 28.53 -32.90
CA ARG E 123 17.59 27.34 -33.57
C ARG E 123 16.47 26.51 -34.18
N LEU E 124 15.26 26.61 -33.65
CA LEU E 124 14.11 25.88 -34.20
C LEU E 124 13.35 26.73 -35.21
N LYS E 125 14.09 27.28 -36.17
CA LYS E 125 13.53 28.18 -37.18
C LYS E 125 13.64 27.52 -38.54
N PHE E 126 12.54 27.46 -39.26
CA PHE E 126 12.50 26.82 -40.57
C PHE E 126 11.66 27.65 -41.53
N ASN E 127 11.82 27.37 -42.82
CA ASN E 127 11.07 28.05 -43.86
C ASN E 127 10.36 27.01 -44.71
N SER E 128 9.03 27.02 -44.68
CA SER E 128 8.25 26.14 -45.54
C SER E 128 6.82 26.66 -45.59
N THR E 129 6.02 26.04 -46.46
CA THR E 129 4.59 26.33 -46.48
C THR E 129 3.92 25.92 -45.17
N ILE E 130 4.43 24.88 -44.52
CA ILE E 130 3.94 24.50 -43.20
C ILE E 130 4.25 25.62 -42.22
N LYS E 131 3.22 26.11 -41.54
CA LYS E 131 3.39 27.21 -40.60
C LYS E 131 3.67 26.73 -39.19
N VAL E 132 3.06 25.61 -38.77
CA VAL E 132 3.25 25.07 -37.44
C VAL E 132 3.50 23.58 -37.55
N LEU E 133 4.45 23.08 -36.75
CA LEU E 133 4.70 21.65 -36.61
C LEU E 133 3.99 21.17 -35.36
N ARG E 134 3.00 20.30 -35.53
CA ARG E 134 2.22 19.76 -34.42
C ARG E 134 2.75 18.37 -34.09
N LEU E 135 3.40 18.24 -32.94
CA LEU E 135 4.11 17.04 -32.56
C LEU E 135 3.57 16.49 -31.25
N ASN E 136 3.82 15.21 -31.02
CA ASN E 136 3.52 14.58 -29.74
C ASN E 136 4.76 14.62 -28.84
N SER E 137 4.75 13.83 -27.77
CA SER E 137 5.83 13.85 -26.80
C SER E 137 7.11 13.22 -27.32
N ASN E 138 7.10 12.58 -28.49
CA ASN E 138 8.29 11.90 -28.97
C ASN E 138 9.49 12.82 -29.02
N MET E 139 9.30 14.06 -29.46
CA MET E 139 10.40 14.97 -29.71
C MET E 139 10.67 15.90 -28.53
N VAL E 140 9.95 15.75 -27.43
CA VAL E 140 10.14 16.65 -26.29
C VAL E 140 11.56 16.53 -25.74
N GLY E 141 12.06 15.30 -25.64
CA GLY E 141 13.36 15.08 -25.04
C GLY E 141 14.55 15.46 -25.90
N LYS E 142 14.32 15.85 -27.15
CA LYS E 142 15.41 16.16 -28.07
C LYS E 142 15.73 17.64 -28.16
N ILE E 143 14.85 18.52 -27.67
CA ILE E 143 15.09 19.95 -27.68
C ILE E 143 15.30 20.42 -26.24
N TRP E 144 15.64 21.69 -26.09
CA TRP E 144 15.80 22.28 -24.76
C TRP E 144 14.44 22.58 -24.16
N ILE E 145 14.23 22.14 -22.92
CA ILE E 145 12.99 22.39 -22.20
C ILE E 145 13.33 23.14 -20.92
N PRO E 146 12.56 24.14 -20.50
CA PRO E 146 12.82 24.79 -19.22
C PRO E 146 12.61 23.81 -18.07
N ASP E 147 13.44 23.94 -17.04
CA ASP E 147 13.37 23.06 -15.87
C ASP E 147 12.48 23.63 -14.79
N THR E 148 11.24 23.95 -15.14
CA THR E 148 10.34 24.57 -14.17
C THR E 148 9.92 23.54 -13.13
N PHE E 149 9.96 23.95 -11.86
CA PHE E 149 9.52 23.11 -10.75
C PHE E 149 8.66 23.94 -9.82
N PHE E 150 7.85 23.23 -9.02
CA PHE E 150 6.93 23.87 -8.08
C PHE E 150 7.54 23.87 -6.69
N ARG E 151 7.68 25.06 -6.11
CA ARG E 151 8.51 25.21 -4.93
C ARG E 151 7.84 24.71 -3.66
N ASN E 152 6.51 24.83 -3.55
CA ASN E 152 5.78 24.44 -2.35
C ASN E 152 5.02 23.13 -2.55
N SER E 153 5.53 22.23 -3.37
CA SER E 153 4.87 20.98 -3.68
C SER E 153 5.45 19.87 -2.82
N LYS E 154 4.61 19.23 -1.99
CA LYS E 154 5.04 18.04 -1.28
C LYS E 154 5.40 16.92 -2.25
N LYS E 155 4.57 16.71 -3.26
CA LYS E 155 4.87 15.77 -4.31
C LYS E 155 3.97 16.06 -5.51
N ALA E 156 4.44 15.67 -6.68
CA ALA E 156 3.71 15.90 -7.91
C ALA E 156 4.11 14.83 -8.91
N ASP E 157 3.27 14.63 -9.92
CA ASP E 157 3.56 13.66 -10.95
C ASP E 157 2.84 14.04 -12.23
N ALA E 158 3.49 13.78 -13.36
CA ALA E 158 2.85 13.84 -14.66
C ALA E 158 2.02 12.58 -14.88
N HIS E 159 1.36 12.52 -16.03
CA HIS E 159 0.55 11.37 -16.41
C HIS E 159 1.17 10.71 -17.63
N TRP E 160 1.07 9.38 -17.68
CA TRP E 160 1.84 8.59 -18.65
C TRP E 160 1.00 7.56 -19.38
N ILE E 161 -0.32 7.55 -19.20
CA ILE E 161 -1.21 6.58 -19.83
C ILE E 161 -2.09 7.35 -20.81
N THR E 162 -2.20 6.86 -22.06
CA THR E 162 -1.54 5.66 -22.54
C THR E 162 -0.13 5.96 -23.00
N THR E 163 0.13 7.24 -23.26
CA THR E 163 1.45 7.75 -23.58
C THR E 163 1.68 8.99 -22.74
N PRO E 164 2.92 9.49 -22.67
CA PRO E 164 3.16 10.72 -21.90
C PRO E 164 2.23 11.83 -22.33
N ASN E 165 1.45 12.36 -21.38
CA ASN E 165 0.49 13.43 -21.68
C ASN E 165 1.26 14.73 -21.87
N ARG E 166 1.83 14.87 -23.06
CA ARG E 166 2.68 16.00 -23.39
C ARG E 166 2.40 16.44 -24.82
N MET E 167 2.70 17.70 -25.10
CA MET E 167 2.39 18.30 -26.38
C MET E 167 3.48 19.29 -26.73
N LEU E 168 3.89 19.29 -27.99
CA LEU E 168 4.90 20.21 -28.48
C LEU E 168 4.46 20.76 -29.82
N ARG E 169 4.49 22.09 -29.95
CA ARG E 169 4.19 22.75 -31.21
C ARG E 169 5.26 23.78 -31.48
N ILE E 170 5.83 23.74 -32.68
CA ILE E 170 6.87 24.66 -33.11
C ILE E 170 6.34 25.45 -34.28
N TRP E 171 6.43 26.77 -34.21
CA TRP E 171 5.92 27.65 -35.25
C TRP E 171 7.02 28.02 -36.23
N ASN E 172 6.60 28.73 -37.29
CA ASN E 172 7.51 29.08 -38.37
C ASN E 172 8.66 29.94 -37.86
N ASP E 173 8.36 30.92 -37.02
CA ASP E 173 9.35 31.87 -36.53
C ASP E 173 10.15 31.34 -35.36
N GLY E 174 10.03 30.07 -35.02
CA GLY E 174 10.78 29.49 -33.91
C GLY E 174 10.11 29.56 -32.56
N ARG E 175 8.88 30.06 -32.48
CA ARG E 175 8.14 30.01 -31.22
C ARG E 175 7.83 28.56 -30.88
N VAL E 176 8.01 28.20 -29.61
CA VAL E 176 7.76 26.86 -29.12
C VAL E 176 6.65 26.92 -28.09
N LEU E 177 5.69 26.00 -28.19
CA LEU E 177 4.67 25.80 -27.17
C LEU E 177 4.82 24.40 -26.61
N TYR E 178 4.82 24.29 -25.28
CA TYR E 178 5.06 23.01 -24.61
C TYR E 178 4.07 22.89 -23.46
N THR E 179 3.17 21.92 -23.55
CA THR E 179 2.10 21.72 -22.58
C THR E 179 2.21 20.33 -21.99
N LEU E 180 1.92 20.21 -20.69
CA LEU E 180 1.84 18.91 -20.07
C LEU E 180 0.82 18.94 -18.94
N ARG E 181 0.30 17.76 -18.62
CA ARG E 181 -0.72 17.58 -17.58
C ARG E 181 -0.04 17.21 -16.27
N LEU E 182 -0.44 17.88 -15.19
CA LEU E 182 0.18 17.67 -13.89
C LEU E 182 -0.86 17.59 -12.80
N THR E 183 -0.64 16.69 -11.84
CA THR E 183 -1.35 16.69 -10.57
C THR E 183 -0.34 17.00 -9.48
N ILE E 184 -0.68 17.93 -8.59
CA ILE E 184 0.26 18.46 -7.60
C ILE E 184 -0.39 18.43 -6.23
N ASP E 185 0.36 17.96 -5.24
CA ASP E 185 0.00 18.11 -3.83
C ASP E 185 0.80 19.30 -3.30
N ALA E 186 0.16 20.45 -3.21
CA ALA E 186 0.83 21.69 -2.87
C ALA E 186 0.73 21.96 -1.37
N GLU E 187 1.87 22.21 -0.75
CA GLU E 187 1.91 22.53 0.67
C GLU E 187 1.42 23.95 0.93
N CYS E 188 0.51 24.10 1.89
CA CYS E 188 0.24 25.42 2.44
C CYS E 188 -0.14 25.30 3.90
N GLN E 189 0.42 26.19 4.72
CA GLN E 189 0.26 26.15 6.16
C GLN E 189 -1.04 26.85 6.54
N LEU E 190 -1.99 26.09 7.07
CA LEU E 190 -3.31 26.60 7.42
C LEU E 190 -3.28 27.10 8.85
N GLN E 191 -3.43 28.41 9.04
CA GLN E 191 -3.58 28.99 10.37
C GLN E 191 -5.00 28.70 10.84
N LEU E 192 -5.14 27.70 11.70
CA LEU E 192 -6.47 27.24 12.11
C LEU E 192 -6.95 27.95 13.36
N HIS E 193 -6.83 29.28 13.36
CA HIS E 193 -7.60 30.11 14.27
C HIS E 193 -8.90 30.51 13.58
N ASN E 194 -9.98 30.53 14.35
CA ASN E 194 -11.33 30.80 13.89
C ASN E 194 -11.92 29.58 13.17
N PHE E 195 -11.18 28.48 13.09
CA PHE E 195 -11.76 27.24 12.58
C PHE E 195 -12.95 26.84 13.46
N PRO E 196 -14.08 26.41 12.87
CA PRO E 196 -14.31 26.16 11.44
C PRO E 196 -14.80 27.39 10.66
N MET E 197 -14.71 28.58 11.26
CA MET E 197 -15.00 29.81 10.53
C MET E 197 -13.69 30.45 10.04
N ASP E 198 -12.95 29.66 9.27
CA ASP E 198 -11.62 30.03 8.82
C ASP E 198 -11.59 30.12 7.30
N GLU E 199 -10.97 31.19 6.79
CA GLU E 199 -10.80 31.38 5.36
C GLU E 199 -9.31 31.41 5.04
N HIS E 200 -8.92 30.80 3.93
CA HIS E 200 -7.52 30.72 3.56
C HIS E 200 -7.36 31.03 2.07
N SER E 201 -6.22 31.60 1.73
CA SER E 201 -5.81 31.83 0.35
C SER E 201 -4.37 31.37 0.22
N CYS E 202 -4.15 30.14 -0.23
CA CYS E 202 -2.79 29.65 -0.20
C CYS E 202 -2.29 29.26 -1.59
N PRO E 203 -0.97 29.31 -1.81
CA PRO E 203 -0.43 29.52 -3.15
C PRO E 203 -0.03 28.28 -3.90
N LEU E 204 0.36 28.48 -5.16
CA LEU E 204 1.08 27.49 -5.95
C LEU E 204 2.23 28.22 -6.64
N GLU E 205 3.44 28.00 -6.17
CA GLU E 205 4.62 28.73 -6.65
C GLU E 205 5.48 27.82 -7.52
N PHE E 206 6.06 28.39 -8.56
CA PHE E 206 6.94 27.65 -9.44
C PHE E 206 8.01 28.58 -9.99
N SER E 207 9.16 28.00 -10.31
CA SER E 207 10.29 28.76 -10.83
C SER E 207 11.23 27.78 -11.53
N SER E 208 12.31 28.32 -12.08
CA SER E 208 13.36 27.48 -12.63
C SER E 208 14.26 26.99 -11.50
N TYR E 209 14.76 25.77 -11.63
CA TYR E 209 15.60 25.21 -10.58
C TYR E 209 17.02 25.74 -10.64
N GLY E 210 17.63 25.72 -11.83
CA GLY E 210 19.04 26.03 -11.95
C GLY E 210 19.37 27.32 -12.68
N TYR E 211 18.37 27.97 -13.24
CA TYR E 211 18.60 29.16 -14.05
C TYR E 211 18.22 30.39 -13.25
N PRO E 212 19.15 31.25 -12.85
CA PRO E 212 18.78 32.46 -12.12
C PRO E 212 18.12 33.51 -12.99
N ARG E 213 17.76 34.64 -12.40
CA ARG E 213 16.99 35.66 -13.12
C ARG E 213 17.72 36.12 -14.38
N GLU E 214 19.05 36.12 -14.36
CA GLU E 214 19.80 36.55 -15.54
C GLU E 214 19.64 35.61 -16.72
N GLU E 215 19.08 34.42 -16.51
CA GLU E 215 19.01 33.41 -17.57
C GLU E 215 17.59 33.07 -17.98
N ILE E 216 16.66 32.97 -17.04
CA ILE E 216 15.25 32.71 -17.36
C ILE E 216 14.37 33.66 -16.59
N VAL E 217 13.40 34.25 -17.27
CA VAL E 217 12.41 35.13 -16.68
C VAL E 217 11.03 34.62 -17.09
N TYR E 218 10.15 34.45 -16.11
CA TYR E 218 8.77 34.03 -16.37
C TYR E 218 7.85 35.23 -16.42
N GLN E 219 6.73 35.07 -17.13
CA GLN E 219 5.83 36.19 -17.36
C GLN E 219 4.42 35.65 -17.54
N TRP E 220 3.49 36.13 -16.72
CA TRP E 220 2.09 35.75 -16.85
C TRP E 220 1.48 36.41 -18.08
N LYS E 221 0.71 35.64 -18.83
CA LYS E 221 -0.05 36.21 -19.94
C LYS E 221 -1.25 36.99 -19.41
N ARG E 222 -1.96 37.66 -20.32
CA ARG E 222 -3.12 38.44 -19.93
C ARG E 222 -4.22 37.55 -19.35
N SER E 223 -4.47 36.41 -19.97
CA SER E 223 -5.50 35.47 -19.54
C SER E 223 -4.87 34.16 -19.04
N SER E 224 -3.82 34.29 -18.24
CA SER E 224 -2.94 33.16 -17.97
C SER E 224 -3.68 32.02 -17.28
N VAL E 225 -4.37 32.31 -16.19
CA VAL E 225 -5.01 31.30 -15.36
C VAL E 225 -6.48 31.23 -15.71
N GLU E 226 -6.93 30.04 -16.12
CA GLU E 226 -8.33 29.79 -16.47
C GLU E 226 -8.83 28.63 -15.64
N VAL E 227 -10.02 28.78 -15.06
CA VAL E 227 -10.64 27.73 -14.27
C VAL E 227 -11.77 27.12 -15.09
N GLY E 228 -12.22 25.94 -14.65
CA GLY E 228 -13.24 25.22 -15.37
C GLY E 228 -14.64 25.57 -14.91
N ASP E 229 -15.36 24.61 -14.35
CA ASP E 229 -16.73 24.81 -13.90
C ASP E 229 -16.84 25.09 -12.42
N THR E 230 -16.02 24.43 -11.60
CA THR E 230 -16.02 24.48 -10.14
C THR E 230 -17.17 23.66 -9.57
N ARG E 231 -18.09 23.17 -10.39
CA ARG E 231 -19.18 22.35 -9.88
C ARG E 231 -18.75 20.91 -9.66
N SER E 232 -17.75 20.45 -10.40
CA SER E 232 -17.27 19.07 -10.32
C SER E 232 -16.01 18.94 -9.48
N TRP E 233 -15.64 19.97 -8.74
CA TRP E 233 -14.42 19.92 -7.95
C TRP E 233 -14.65 19.14 -6.67
N ARG E 234 -13.55 18.79 -6.00
CA ARG E 234 -13.59 17.98 -4.78
C ARG E 234 -13.41 18.83 -3.53
N LEU E 235 -13.98 20.04 -3.51
CA LEU E 235 -13.92 20.91 -2.35
C LEU E 235 -15.19 20.68 -1.53
N TYR E 236 -15.03 20.09 -0.35
CA TYR E 236 -16.14 19.81 0.54
C TYR E 236 -16.25 20.84 1.66
N GLN E 237 -15.19 21.00 2.45
CA GLN E 237 -15.21 21.99 3.52
C GLN E 237 -15.11 23.42 3.01
N PHE E 238 -14.62 23.62 1.79
CA PHE E 238 -14.28 24.94 1.29
C PHE E 238 -15.00 25.23 -0.02
N SER E 239 -15.12 26.52 -0.33
CA SER E 239 -15.66 26.98 -1.60
C SER E 239 -14.66 27.92 -2.27
N PHE E 240 -14.48 27.73 -3.57
CA PHE E 240 -13.58 28.58 -4.34
C PHE E 240 -14.24 29.92 -4.62
N VAL E 241 -13.55 31.00 -4.26
CA VAL E 241 -14.12 32.35 -4.37
C VAL E 241 -13.32 33.25 -5.30
N GLY E 242 -12.20 32.78 -5.84
CA GLY E 242 -11.41 33.60 -6.73
C GLY E 242 -9.94 33.26 -6.62
N LEU E 243 -9.14 33.98 -7.42
CA LEU E 243 -7.71 33.74 -7.47
C LEU E 243 -7.00 35.01 -7.93
N ARG E 244 -5.68 34.97 -7.87
CA ARG E 244 -4.85 36.06 -8.38
C ARG E 244 -3.44 35.53 -8.59
N ASN E 245 -2.71 36.18 -9.48
CA ASN E 245 -1.34 35.80 -9.79
C ASN E 245 -0.38 36.89 -9.34
N THR E 246 0.86 36.49 -9.09
CA THR E 246 1.87 37.39 -8.57
C THR E 246 3.24 36.93 -9.04
N THR E 247 4.18 37.88 -9.06
CA THR E 247 5.56 37.61 -9.42
C THR E 247 6.48 38.32 -8.43
N GLU E 248 7.68 37.76 -8.25
CA GLU E 248 8.66 38.34 -7.34
C GLU E 248 9.99 37.65 -7.60
N VAL E 249 11.02 38.08 -6.87
CA VAL E 249 12.35 37.53 -6.96
C VAL E 249 12.79 37.10 -5.56
N VAL E 250 13.30 35.89 -5.44
CA VAL E 250 13.76 35.37 -4.16
C VAL E 250 15.25 35.09 -4.25
N LYS E 251 15.94 35.29 -3.14
CA LYS E 251 17.38 35.11 -3.05
C LYS E 251 17.68 33.77 -2.40
N THR E 252 18.59 33.01 -3.00
CA THR E 252 18.99 31.71 -2.47
C THR E 252 20.50 31.59 -2.61
N THR E 253 21.04 30.51 -2.03
CA THR E 253 22.47 30.27 -2.12
C THR E 253 22.94 30.13 -3.55
N SER E 254 22.04 29.79 -4.47
CA SER E 254 22.39 29.65 -5.88
C SER E 254 22.35 30.97 -6.64
N GLY E 255 21.43 31.86 -6.28
CA GLY E 255 21.30 33.12 -6.98
C GLY E 255 19.89 33.66 -6.82
N ASP E 256 19.57 34.66 -7.64
CA ASP E 256 18.26 35.29 -7.63
C ASP E 256 17.37 34.61 -8.67
N TYR E 257 16.19 34.17 -8.24
CA TYR E 257 15.29 33.40 -9.09
C TYR E 257 13.95 34.12 -9.20
N VAL E 258 13.43 34.22 -10.41
CA VAL E 258 12.08 34.72 -10.63
C VAL E 258 11.08 33.67 -10.18
N VAL E 259 10.22 34.02 -9.24
CA VAL E 259 9.27 33.10 -8.65
C VAL E 259 7.87 33.57 -8.99
N MET E 260 7.08 32.70 -9.61
CA MET E 260 5.71 33.00 -10.01
C MET E 260 4.76 32.33 -9.03
N SER E 261 3.66 33.01 -8.71
CA SER E 261 2.74 32.52 -7.71
C SER E 261 1.30 32.70 -8.18
N VAL E 262 0.47 31.70 -7.89
CA VAL E 262 -0.97 31.77 -8.10
C VAL E 262 -1.63 31.51 -6.76
N TYR E 263 -2.53 32.40 -6.37
CA TYR E 263 -3.22 32.31 -5.08
C TYR E 263 -4.66 31.93 -5.33
N PHE E 264 -5.11 30.85 -4.69
CA PHE E 264 -6.50 30.41 -4.75
C PHE E 264 -7.19 30.78 -3.45
N ASP E 265 -8.30 31.49 -3.54
CA ASP E 265 -9.03 31.95 -2.36
C ASP E 265 -10.08 30.91 -1.99
N LEU E 266 -9.93 30.32 -0.81
CA LEU E 266 -10.86 29.31 -0.33
C LEU E 266 -11.46 29.75 1.00
N SER E 267 -12.78 29.67 1.09
CA SER E 267 -13.51 29.95 2.33
C SER E 267 -14.18 28.67 2.80
N ARG E 268 -13.96 28.32 4.07
CA ARG E 268 -14.61 27.13 4.62
C ARG E 268 -16.12 27.35 4.74
N ARG E 269 -16.88 26.32 4.40
CA ARG E 269 -18.32 26.33 4.56
C ARG E 269 -18.70 25.50 5.78
N MET E 270 -19.44 26.10 6.69
CA MET E 270 -19.68 25.51 8.01
C MET E 270 -21.01 24.75 7.99
N GLY E 271 -21.04 23.68 7.22
CA GLY E 271 -22.21 22.82 7.18
C GLY E 271 -21.97 21.43 7.71
N TYR E 272 -20.78 20.88 7.46
CA TYR E 272 -20.43 19.58 8.02
C TYR E 272 -20.16 19.66 9.51
N PHE E 273 -19.35 20.63 9.93
CA PHE E 273 -18.99 20.72 11.33
C PHE E 273 -20.16 21.15 12.19
N THR E 274 -21.10 21.91 11.64
CA THR E 274 -22.30 22.25 12.41
C THR E 274 -22.94 20.97 12.92
N ILE E 275 -23.44 20.15 11.99
CA ILE E 275 -24.17 18.95 12.37
C ILE E 275 -23.26 17.91 13.00
N GLN E 276 -21.94 18.02 12.82
CA GLN E 276 -21.05 17.01 13.38
C GLN E 276 -20.68 17.30 14.84
N THR E 277 -20.51 18.56 15.21
CA THR E 277 -20.05 18.90 16.55
C THR E 277 -20.99 19.83 17.31
N TYR E 278 -21.50 20.88 16.66
CA TYR E 278 -22.19 21.93 17.41
C TYR E 278 -23.54 21.45 17.93
N ILE E 279 -24.34 20.81 17.07
CA ILE E 279 -25.65 20.34 17.49
C ILE E 279 -25.54 19.31 18.61
N PRO E 280 -24.71 18.27 18.51
CA PRO E 280 -24.62 17.32 19.63
C PRO E 280 -24.21 17.97 20.94
N CYS E 281 -23.30 18.94 20.92
CA CYS E 281 -22.84 19.54 22.17
C CYS E 281 -23.96 20.33 22.84
N THR E 282 -24.67 21.14 22.07
CA THR E 282 -25.77 21.90 22.64
C THR E 282 -26.89 20.99 23.11
N LEU E 283 -27.12 19.89 22.38
CA LEU E 283 -28.13 18.92 22.81
C LEU E 283 -27.73 18.27 24.12
N ILE E 284 -26.45 17.95 24.28
CA ILE E 284 -25.97 17.43 25.56
C ILE E 284 -26.14 18.46 26.66
N VAL E 285 -25.92 19.74 26.33
CA VAL E 285 -26.08 20.79 27.34
C VAL E 285 -27.53 20.88 27.81
N VAL E 286 -28.47 20.85 26.87
CA VAL E 286 -29.87 20.90 27.27
C VAL E 286 -30.26 19.64 28.03
N LEU E 287 -29.70 18.50 27.66
CA LEU E 287 -29.91 17.29 28.45
C LEU E 287 -29.42 17.47 29.87
N SER E 288 -28.26 18.11 30.05
CA SER E 288 -27.79 18.42 31.39
C SER E 288 -28.78 19.33 32.11
N TRP E 289 -29.33 20.31 31.40
CA TRP E 289 -30.33 21.19 32.00
C TRP E 289 -31.51 20.39 32.54
N VAL E 290 -31.94 19.38 31.77
CA VAL E 290 -33.12 18.59 32.14
C VAL E 290 -33.05 18.16 33.60
N SER E 291 -31.84 18.00 34.14
CA SER E 291 -31.69 17.55 35.52
C SER E 291 -32.39 18.49 36.49
N PHE E 292 -32.41 19.78 36.20
CA PHE E 292 -32.95 20.76 37.15
C PHE E 292 -34.43 20.54 37.43
N TRP E 293 -35.14 19.82 36.56
CA TRP E 293 -36.55 19.57 36.81
C TRP E 293 -36.81 18.25 37.51
N ILE E 294 -35.82 17.35 37.53
CA ILE E 294 -36.02 16.06 38.19
C ILE E 294 -36.39 16.30 39.66
N ASN E 295 -37.00 15.29 40.26
CA ASN E 295 -37.31 15.36 41.69
C ASN E 295 -36.04 15.69 42.47
N LYS E 296 -36.16 16.63 43.40
CA LYS E 296 -35.01 17.13 44.15
C LYS E 296 -34.85 16.34 45.44
N ASP E 297 -33.90 15.39 45.44
CA ASP E 297 -33.62 14.56 46.60
C ASP E 297 -32.24 13.95 46.41
N ALA E 298 -31.94 12.89 47.15
CA ALA E 298 -30.69 12.17 46.98
C ALA E 298 -30.76 11.12 45.88
N VAL E 299 -31.79 11.20 45.04
CA VAL E 299 -32.01 10.24 43.96
C VAL E 299 -30.78 10.17 43.06
N PRO E 300 -30.45 9.00 42.53
CA PRO E 300 -29.31 8.91 41.60
C PRO E 300 -29.64 9.40 40.20
N ALA E 301 -30.86 9.91 40.01
CA ALA E 301 -31.35 10.40 38.74
C ALA E 301 -30.71 11.72 38.34
N ARG E 302 -30.04 12.39 39.28
CA ARG E 302 -29.39 13.66 39.01
C ARG E 302 -27.90 13.56 39.24
N THR E 303 -27.42 12.36 39.62
CA THR E 303 -26.00 12.07 39.80
C THR E 303 -25.48 11.28 38.62
N SER E 304 -26.11 10.13 38.33
CA SER E 304 -25.76 9.37 37.15
C SER E 304 -25.97 10.20 35.91
N LEU E 305 -27.07 10.96 35.85
CA LEU E 305 -27.31 11.87 34.75
C LEU E 305 -26.12 12.79 34.53
N GLY E 306 -25.68 13.45 35.59
CA GLY E 306 -24.57 14.38 35.46
C GLY E 306 -23.31 13.71 34.99
N ILE E 307 -22.97 12.57 35.59
CA ILE E 307 -21.69 11.94 35.28
C ILE E 307 -21.70 11.38 33.85
N THR E 308 -22.83 10.83 33.43
CA THR E 308 -22.96 10.38 32.04
C THR E 308 -22.85 11.56 31.07
N THR E 309 -23.48 12.68 31.41
CA THR E 309 -23.31 13.89 30.60
C THR E 309 -21.83 14.25 30.48
N VAL E 310 -21.10 14.18 31.58
CA VAL E 310 -19.68 14.55 31.56
C VAL E 310 -18.90 13.59 30.67
N LEU E 311 -19.14 12.29 30.79
CA LEU E 311 -18.36 11.34 29.99
C LEU E 311 -18.70 11.49 28.51
N THR E 312 -19.96 11.74 28.18
CA THR E 312 -20.32 11.99 26.79
C THR E 312 -19.66 13.26 26.28
N MET E 313 -19.60 14.30 27.12
CA MET E 313 -18.95 15.53 26.73
C MET E 313 -17.49 15.31 26.42
N THR E 314 -16.79 14.56 27.27
CA THR E 314 -15.36 14.36 27.05
C THR E 314 -15.11 13.50 25.82
N THR E 315 -15.95 12.48 25.60
CA THR E 315 -15.82 11.69 24.37
C THR E 315 -16.03 12.57 23.15
N LEU E 316 -17.04 13.42 23.17
CA LEU E 316 -17.29 14.30 22.03
C LEU E 316 -16.12 15.25 21.81
N SER E 317 -15.55 15.77 22.90
CA SER E 317 -14.39 16.64 22.78
C SER E 317 -13.22 15.90 22.15
N THR E 318 -12.97 14.68 22.60
CA THR E 318 -11.88 13.87 22.03
C THR E 318 -12.09 13.71 20.53
N ILE E 319 -13.27 13.30 20.11
CA ILE E 319 -13.53 13.08 18.69
C ILE E 319 -13.34 14.38 17.92
N ALA E 320 -13.98 15.45 18.40
CA ALA E 320 -13.93 16.72 17.69
C ALA E 320 -12.50 17.19 17.50
N ARG E 321 -11.68 17.11 18.55
CA ARG E 321 -10.29 17.52 18.41
C ARG E 321 -9.52 16.57 17.50
N LYS E 322 -9.87 15.28 17.49
CA LYS E 322 -9.24 14.36 16.56
C LYS E 322 -9.63 14.66 15.12
N SER E 323 -10.70 15.44 14.91
CA SER E 323 -11.06 15.86 13.56
C SER E 323 -9.88 16.54 12.86
N LEU E 324 -9.14 17.39 13.59
CA LEU E 324 -8.19 18.30 12.98
C LEU E 324 -6.76 18.02 13.45
N PRO E 325 -5.74 18.68 12.91
CA PRO E 325 -4.36 18.39 13.33
C PRO E 325 -4.08 18.86 14.75
N LYS E 326 -2.97 18.33 15.28
CA LYS E 326 -2.58 18.54 16.67
C LYS E 326 -1.86 19.88 16.78
N VAL E 327 -2.64 20.96 16.88
CA VAL E 327 -2.11 22.31 17.04
C VAL E 327 -2.21 22.70 18.50
N SER E 328 -1.17 23.36 19.01
CA SER E 328 -1.10 23.68 20.43
C SER E 328 -1.98 24.85 20.81
N TYR E 329 -2.36 25.70 19.86
CA TYR E 329 -3.18 26.86 20.17
C TYR E 329 -4.66 26.46 20.22
N VAL E 330 -5.49 27.41 20.65
CA VAL E 330 -6.91 27.17 20.90
C VAL E 330 -7.69 27.61 19.68
N THR E 331 -8.51 26.70 19.14
CA THR E 331 -9.38 27.01 18.02
C THR E 331 -10.73 27.52 18.52
N ALA E 332 -11.57 27.94 17.57
CA ALA E 332 -12.91 28.38 17.92
C ALA E 332 -13.81 27.21 18.30
N MET E 333 -13.60 26.04 17.68
CA MET E 333 -14.44 24.89 17.96
C MET E 333 -14.20 24.37 19.37
N ASP E 334 -12.94 24.20 19.75
CA ASP E 334 -12.65 23.60 21.04
C ASP E 334 -12.87 24.58 22.18
N LEU E 335 -12.86 25.89 21.92
CA LEU E 335 -13.34 26.83 22.92
C LEU E 335 -14.82 26.61 23.21
N PHE E 336 -15.61 26.42 22.16
CA PHE E 336 -17.03 26.11 22.34
C PHE E 336 -17.21 24.81 23.12
N VAL E 337 -16.45 23.78 22.76
CA VAL E 337 -16.58 22.50 23.44
C VAL E 337 -16.20 22.65 24.91
N SER E 338 -15.14 23.40 25.20
CA SER E 338 -14.72 23.61 26.57
C SER E 338 -15.77 24.37 27.35
N VAL E 339 -16.40 25.37 26.74
CA VAL E 339 -17.45 26.11 27.44
C VAL E 339 -18.63 25.21 27.74
N CYS E 340 -19.01 24.38 26.76
CA CYS E 340 -20.12 23.40 26.93
C CYS E 340 -19.66 22.36 27.95
N PHE E 341 -18.34 22.18 28.10
CA PHE E 341 -17.76 21.24 29.08
C PHE E 341 -17.77 21.92 30.45
N ILE E 342 -17.66 23.25 30.50
CA ILE E 342 -17.73 24.01 31.79
C ILE E 342 -19.19 24.07 32.25
N PHE E 343 -20.15 24.25 31.34
CA PHE E 343 -21.57 24.37 31.69
C PHE E 343 -22.08 23.10 32.35
N VAL E 344 -21.73 21.94 31.79
CA VAL E 344 -22.19 20.68 32.37
C VAL E 344 -21.60 20.49 33.76
N PHE E 345 -20.30 20.77 33.92
CA PHE E 345 -19.68 20.68 35.24
C PHE E 345 -20.34 21.63 36.22
N SER E 346 -20.68 22.85 35.78
CA SER E 346 -21.35 23.79 36.66
C SER E 346 -22.70 23.25 37.11
N ALA E 347 -23.46 22.66 36.19
CA ALA E 347 -24.74 22.08 36.56
C ALA E 347 -24.56 20.98 37.60
N LEU E 348 -23.58 20.09 37.38
CA LEU E 348 -23.38 18.98 38.29
C LEU E 348 -22.97 19.47 39.67
N VAL E 349 -22.01 20.41 39.74
CA VAL E 349 -21.59 20.92 41.04
C VAL E 349 -22.73 21.68 41.71
N GLU E 350 -23.55 22.37 40.93
CA GLU E 350 -24.70 23.05 41.51
C GLU E 350 -25.65 22.05 42.16
N TYR E 351 -25.89 20.92 41.49
CA TYR E 351 -26.72 19.89 42.11
C TYR E 351 -26.06 19.34 43.37
N GLY E 352 -24.75 19.13 43.34
CA GLY E 352 -24.07 18.65 44.52
C GLY E 352 -24.24 19.58 45.70
N THR E 353 -24.03 20.88 45.46
CA THR E 353 -24.20 21.86 46.53
C THR E 353 -25.64 21.92 47.00
N LEU E 354 -26.58 21.83 46.07
CA LEU E 354 -28.00 21.82 46.44
C LEU E 354 -28.30 20.65 47.36
N HIS E 355 -27.83 19.46 47.00
CA HIS E 355 -28.08 18.28 47.83
C HIS E 355 -27.42 18.41 49.19
N TYR E 356 -26.22 18.99 49.23
CA TYR E 356 -25.56 19.20 50.51
C TYR E 356 -26.36 20.15 51.38
N PHE E 357 -26.89 21.22 50.79
CA PHE E 357 -27.66 22.20 51.53
C PHE E 357 -29.07 21.71 51.89
N VAL E 358 -29.55 20.65 51.25
CA VAL E 358 -30.85 20.11 51.63
C VAL E 358 -30.86 19.81 53.13
N SER E 359 -29.80 19.21 53.63
CA SER E 359 -29.74 18.85 55.05
C SER E 359 -29.70 20.10 55.91
N SER E 360 -29.07 21.18 55.43
CA SER E 360 -28.97 22.41 56.20
C SER E 360 -30.23 23.25 56.07
N GLN E 361 -30.57 23.68 54.86
CA GLN E 361 -31.67 24.61 54.63
C GLN E 361 -32.55 24.09 53.50
N PRO E 362 -33.82 23.75 53.76
CA PRO E 362 -34.68 23.29 52.65
C PRO E 362 -35.07 24.41 51.71
N ALA E 363 -35.39 25.58 52.24
CA ALA E 363 -35.78 26.70 51.39
C ALA E 363 -34.63 27.10 50.47
N ARG E 364 -33.40 27.04 50.98
CA ARG E 364 -32.24 27.36 50.16
C ARG E 364 -32.23 26.51 48.90
N ALA E 365 -32.33 25.19 49.06
CA ALA E 365 -32.34 24.31 47.90
C ALA E 365 -33.56 24.54 47.02
N ALA E 366 -34.72 24.76 47.65
CA ALA E 366 -35.95 24.98 46.89
C ALA E 366 -35.79 26.15 45.93
N LYS E 367 -35.30 27.29 46.42
CA LYS E 367 -35.16 28.44 45.55
C LYS E 367 -33.94 28.31 44.63
N MET E 368 -32.91 27.56 45.07
CA MET E 368 -31.74 27.35 44.24
C MET E 368 -32.09 26.58 42.97
N ASP E 369 -32.96 25.57 43.10
CA ASP E 369 -33.35 24.81 41.92
C ASP E 369 -33.90 25.72 40.83
N SER E 370 -34.87 26.57 41.19
CA SER E 370 -35.47 27.46 40.20
C SER E 370 -34.47 28.50 39.71
N TYR E 371 -33.61 28.98 40.61
CA TYR E 371 -32.61 29.95 40.21
C TYR E 371 -31.70 29.38 39.15
N ALA E 372 -31.24 28.14 39.33
CA ALA E 372 -30.44 27.51 38.30
C ALA E 372 -31.26 27.27 37.04
N ARG E 373 -32.52 26.84 37.21
CA ARG E 373 -33.39 26.57 36.07
C ARG E 373 -33.49 27.77 35.15
N ILE E 374 -33.40 28.97 35.70
CA ILE E 374 -33.51 30.18 34.91
C ILE E 374 -32.15 30.74 34.51
N PHE E 375 -31.16 30.66 35.40
CA PHE E 375 -29.86 31.26 35.14
C PHE E 375 -29.05 30.47 34.11
N PHE E 376 -29.30 29.16 33.98
CA PHE E 376 -28.51 28.38 33.03
C PHE E 376 -28.87 28.67 31.58
N PRO E 377 -30.12 28.51 31.16
CA PRO E 377 -30.43 28.76 29.74
C PRO E 377 -30.11 30.18 29.29
N THR E 378 -30.33 31.17 30.16
CA THR E 378 -30.01 32.55 29.78
C THR E 378 -28.51 32.71 29.56
N ALA E 379 -27.70 32.14 30.46
CA ALA E 379 -26.25 32.24 30.30
C ALA E 379 -25.79 31.52 29.03
N PHE E 380 -26.39 30.36 28.73
CA PHE E 380 -26.00 29.64 27.53
C PHE E 380 -26.37 30.42 26.27
N CYS E 381 -27.57 31.01 26.25
CA CYS E 381 -27.96 31.81 25.10
C CYS E 381 -27.04 33.02 24.94
N LEU E 382 -26.68 33.66 26.05
CA LEU E 382 -25.79 34.80 25.97
C LEU E 382 -24.43 34.40 25.43
N PHE E 383 -23.88 33.27 25.91
CA PHE E 383 -22.60 32.80 25.39
C PHE E 383 -22.69 32.48 23.90
N ASN E 384 -23.79 31.84 23.48
CA ASN E 384 -23.96 31.55 22.06
C ASN E 384 -23.95 32.84 21.25
N LEU E 385 -24.71 33.83 21.70
CA LEU E 385 -24.78 35.09 20.97
C LEU E 385 -23.40 35.73 20.87
N VAL E 386 -22.68 35.81 21.99
CA VAL E 386 -21.37 36.44 21.98
C VAL E 386 -20.42 35.70 21.06
N TYR E 387 -20.39 34.37 21.17
CA TYR E 387 -19.48 33.56 20.39
C TYR E 387 -19.72 33.74 18.90
N TRP E 388 -20.98 33.59 18.47
CA TRP E 388 -21.29 33.65 17.05
C TRP E 388 -21.10 35.07 16.51
N VAL E 389 -21.47 36.09 17.29
CA VAL E 389 -21.26 37.46 16.84
C VAL E 389 -19.77 37.74 16.66
N SER E 390 -18.96 37.32 17.61
CA SER E 390 -17.53 37.60 17.53
C SER E 390 -16.89 36.89 16.35
N TYR E 391 -17.22 35.61 16.14
CA TYR E 391 -16.52 34.84 15.13
C TYR E 391 -17.06 35.09 13.73
N LEU E 392 -18.37 35.28 13.58
CA LEU E 392 -18.92 35.48 12.23
C LEU E 392 -18.51 36.83 11.65
N TYR E 393 -18.43 37.86 12.48
CA TYR E 393 -18.02 39.18 12.03
C TYR E 393 -16.53 39.39 12.31
N LEU E 394 -15.72 38.69 11.53
CA LEU E 394 -14.27 38.77 11.64
C LEU E 394 -13.63 38.64 10.26
N ASN F 1 37.17 -20.53 24.98
CA ASN F 1 36.95 -20.96 23.57
C ASN F 1 35.75 -21.89 23.50
N ILE F 2 35.72 -22.76 22.48
CA ILE F 2 34.72 -23.82 22.37
C ILE F 2 35.40 -25.16 22.59
N VAL F 3 34.98 -25.88 23.61
CA VAL F 3 35.59 -27.15 23.98
C VAL F 3 34.88 -28.27 23.22
N MET F 4 35.66 -29.08 22.51
CA MET F 4 35.14 -30.21 21.75
C MET F 4 35.47 -31.49 22.52
N THR F 5 34.47 -32.03 23.23
CA THR F 5 34.66 -33.26 24.00
C THR F 5 34.41 -34.45 23.10
N GLN F 6 35.48 -35.19 22.81
CA GLN F 6 35.42 -36.33 21.89
C GLN F 6 35.45 -37.62 22.68
N SER F 7 34.49 -38.50 22.42
CA SER F 7 34.36 -39.78 23.11
C SER F 7 34.07 -40.86 22.09
N PRO F 8 34.49 -42.10 22.34
CA PRO F 8 35.28 -42.54 23.51
C PRO F 8 36.75 -42.17 23.38
N LYS F 9 37.49 -42.23 24.48
CA LYS F 9 38.92 -41.96 24.42
C LYS F 9 39.63 -42.97 23.52
N SER F 10 39.21 -44.23 23.56
CA SER F 10 39.75 -45.24 22.66
C SER F 10 38.73 -46.36 22.53
N MET F 11 38.98 -47.25 21.58
CA MET F 11 37.97 -48.18 21.02
C MET F 11 38.74 -49.24 20.24
N SER F 12 38.39 -50.53 20.34
CA SER F 12 38.91 -51.53 19.42
C SER F 12 37.75 -52.32 18.83
N MET F 13 37.87 -52.68 17.56
CA MET F 13 36.85 -53.45 16.88
C MET F 13 37.49 -54.24 15.75
N SER F 14 36.99 -55.45 15.53
CA SER F 14 37.54 -56.32 14.49
C SER F 14 37.22 -55.75 13.11
N VAL F 15 37.65 -56.47 12.08
CA VAL F 15 37.51 -56.02 10.71
C VAL F 15 36.16 -56.50 10.18
N GLY F 16 35.33 -55.56 9.74
CA GLY F 16 34.05 -55.87 9.14
C GLY F 16 32.88 -55.26 9.87
N GLU F 17 33.11 -54.66 11.04
CA GLU F 17 32.06 -54.20 11.92
C GLU F 17 31.83 -52.71 11.72
N ARG F 18 30.73 -52.22 12.27
CA ARG F 18 30.39 -50.80 12.21
C ARG F 18 30.73 -50.12 13.53
N VAL F 19 31.32 -48.94 13.44
CA VAL F 19 31.71 -48.15 14.60
C VAL F 19 31.11 -46.77 14.46
N THR F 20 30.92 -46.10 15.61
CA THR F 20 30.38 -44.75 15.64
C THR F 20 31.22 -43.92 16.61
N LEU F 21 31.99 -42.99 16.08
CA LEU F 21 32.69 -42.00 16.89
C LEU F 21 31.76 -40.80 17.13
N SER F 22 31.91 -40.20 18.31
CA SER F 22 31.06 -39.09 18.71
C SER F 22 31.91 -37.93 19.19
N CYS F 23 31.43 -36.72 18.92
CA CYS F 23 32.11 -35.50 19.30
C CYS F 23 31.07 -34.53 19.85
N LYS F 24 31.35 -33.95 21.00
CA LYS F 24 30.43 -33.05 21.67
C LYS F 24 31.01 -31.64 21.70
N ALA F 25 30.23 -30.67 21.28
CA ALA F 25 30.65 -29.28 21.27
C ALA F 25 30.10 -28.56 22.49
N SER F 26 30.93 -27.71 23.09
CA SER F 26 30.51 -26.96 24.26
C SER F 26 29.38 -26.00 23.91
N GLU F 27 29.66 -25.05 23.02
CA GLU F 27 28.67 -24.10 22.55
C GLU F 27 28.10 -24.57 21.22
N TYR F 28 27.33 -23.70 20.56
CA TYR F 28 26.81 -24.00 19.24
C TYR F 28 27.89 -23.77 18.20
N VAL F 29 28.06 -24.72 17.29
CA VAL F 29 29.01 -24.61 16.20
C VAL F 29 28.38 -24.79 14.83
N GLY F 30 27.06 -24.94 14.77
CA GLY F 30 26.40 -25.19 13.50
C GLY F 30 26.93 -26.46 12.85
N THR F 31 27.03 -26.44 11.53
CA THR F 31 27.61 -27.55 10.78
C THR F 31 29.04 -27.25 10.36
N TYR F 32 29.88 -26.82 11.29
CA TYR F 32 31.24 -26.41 10.98
C TYR F 32 32.27 -27.28 11.68
N VAL F 33 32.04 -28.59 11.74
CA VAL F 33 32.93 -29.52 12.38
C VAL F 33 33.52 -30.43 11.31
N SER F 34 34.82 -30.69 11.42
CA SER F 34 35.51 -31.53 10.47
C SER F 34 36.22 -32.66 11.19
N TRP F 35 36.36 -33.80 10.51
CA TRP F 35 36.97 -35.00 11.05
C TRP F 35 38.29 -35.27 10.34
N TYR F 36 39.32 -35.60 11.11
CA TYR F 36 40.66 -35.81 10.60
C TYR F 36 41.15 -37.20 10.99
N GLN F 37 41.78 -37.88 10.03
CA GLN F 37 42.40 -39.18 10.27
C GLN F 37 43.91 -38.98 10.26
N GLN F 38 44.57 -39.38 11.34
CA GLN F 38 46.02 -39.23 11.48
C GLN F 38 46.63 -40.60 11.73
N LYS F 39 47.22 -41.18 10.70
CA LYS F 39 47.96 -42.42 10.86
C LYS F 39 49.29 -42.14 11.55
N PRO F 40 49.90 -43.16 12.15
CA PRO F 40 51.13 -42.94 12.92
C PRO F 40 52.22 -42.32 12.06
N GLU F 41 52.98 -41.41 12.67
CA GLU F 41 54.03 -40.64 12.01
C GLU F 41 53.59 -40.17 10.63
N GLN F 42 52.48 -39.44 10.62
CA GLN F 42 51.97 -38.82 9.41
C GLN F 42 51.15 -37.59 9.80
N SER F 43 50.94 -36.71 8.84
CA SER F 43 50.15 -35.53 9.11
C SER F 43 48.66 -35.84 8.96
N PRO F 44 47.80 -35.07 9.64
CA PRO F 44 46.36 -35.36 9.57
C PRO F 44 45.85 -35.22 8.14
N LYS F 45 44.80 -35.98 7.83
CA LYS F 45 44.13 -35.94 6.55
C LYS F 45 42.67 -35.64 6.77
N LEU F 46 42.15 -34.64 6.05
CA LEU F 46 40.75 -34.29 6.20
C LEU F 46 39.86 -35.35 5.59
N LEU F 47 38.89 -35.84 6.36
CA LEU F 47 37.91 -36.81 5.88
C LEU F 47 36.56 -36.15 5.61
N ILE F 48 36.00 -35.50 6.64
CA ILE F 48 34.68 -34.90 6.56
C ILE F 48 34.81 -33.41 6.85
N TYR F 49 34.28 -32.60 5.96
CA TYR F 49 34.12 -31.17 6.18
C TYR F 49 32.64 -30.83 6.23
N GLY F 50 32.34 -29.56 6.45
CA GLY F 50 30.96 -29.21 6.74
C GLY F 50 30.57 -29.94 8.01
N ALA F 51 29.56 -30.80 7.91
CA ALA F 51 29.33 -31.80 8.95
C ALA F 51 29.14 -33.17 8.33
N SER F 52 28.58 -33.21 7.13
CA SER F 52 28.40 -34.45 6.37
C SER F 52 28.80 -34.17 4.93
N ASN F 53 30.10 -34.27 4.65
CA ASN F 53 30.61 -34.03 3.30
C ASN F 53 31.95 -34.74 3.17
N ARG F 54 31.99 -35.80 2.37
CA ARG F 54 33.22 -36.55 2.20
C ARG F 54 34.18 -35.77 1.33
N TYR F 55 35.39 -35.56 1.83
CA TYR F 55 36.41 -34.89 1.06
C TYR F 55 36.83 -35.78 -0.12
N THR F 56 37.29 -35.15 -1.18
CA THR F 56 37.66 -35.89 -2.38
C THR F 56 38.70 -36.96 -2.05
N GLY F 57 38.51 -38.15 -2.61
CA GLY F 57 39.39 -39.26 -2.32
C GLY F 57 39.06 -40.01 -1.05
N VAL F 58 37.96 -39.69 -0.39
CA VAL F 58 37.56 -40.36 0.86
C VAL F 58 36.62 -41.50 0.48
N PRO F 59 36.94 -42.76 0.86
CA PRO F 59 36.04 -43.86 0.53
C PRO F 59 34.60 -43.59 0.95
N ASP F 60 33.67 -44.36 0.40
CA ASP F 60 32.25 -44.13 0.65
C ASP F 60 31.77 -44.70 1.97
N ARG F 61 32.61 -45.47 2.68
CA ARG F 61 32.17 -46.02 3.96
C ARG F 61 32.16 -44.98 5.06
N PHE F 62 33.12 -44.05 5.04
CA PHE F 62 33.11 -42.95 5.99
C PHE F 62 31.90 -42.06 5.75
N THR F 63 31.27 -41.62 6.84
CA THR F 63 30.12 -40.74 6.73
C THR F 63 29.90 -40.05 8.06
N GLY F 64 29.60 -38.75 8.00
CA GLY F 64 29.40 -37.96 9.20
C GLY F 64 27.97 -37.46 9.33
N SER F 65 27.58 -37.10 10.53
CA SER F 65 26.22 -36.62 10.77
C SER F 65 26.22 -35.75 12.02
N GLY F 66 25.16 -34.96 12.16
CA GLY F 66 24.99 -34.15 13.35
C GLY F 66 24.91 -32.66 13.06
N SER F 67 24.38 -31.91 14.02
CA SER F 67 24.26 -30.47 13.91
C SER F 67 24.24 -29.88 15.31
N ALA F 68 24.45 -28.57 15.39
CA ALA F 68 24.43 -27.89 16.68
C ALA F 68 25.59 -28.37 17.54
N THR F 69 25.29 -29.01 18.67
CA THR F 69 26.34 -29.47 19.57
C THR F 69 26.71 -30.94 19.39
N ASP F 70 25.84 -31.76 18.82
CA ASP F 70 26.06 -33.20 18.74
C ASP F 70 26.49 -33.60 17.34
N PHE F 71 27.58 -34.36 17.25
CA PHE F 71 28.11 -34.80 15.97
C PHE F 71 28.62 -36.22 16.10
N THR F 72 28.69 -36.93 14.97
CA THR F 72 29.11 -38.32 14.97
C THR F 72 29.76 -38.67 13.65
N LEU F 73 30.67 -39.64 13.70
CA LEU F 73 31.35 -40.17 12.52
C LEU F 73 31.25 -41.69 12.55
N THR F 74 30.45 -42.26 11.66
CA THR F 74 30.24 -43.69 11.60
C THR F 74 31.09 -44.28 10.48
N ILE F 75 32.00 -45.17 10.84
CA ILE F 75 32.81 -45.92 9.87
C ILE F 75 32.16 -47.29 9.72
N GLY F 76 31.46 -47.49 8.61
CA GLY F 76 30.78 -48.75 8.35
C GLY F 76 31.74 -49.75 7.71
N SER F 77 31.83 -50.93 8.31
CA SER F 77 32.68 -52.01 7.81
C SER F 77 34.14 -51.58 7.75
N VAL F 78 34.71 -51.32 8.92
CA VAL F 78 36.09 -50.87 9.00
C VAL F 78 37.00 -51.91 8.35
N GLN F 79 38.04 -51.44 7.68
CA GLN F 79 39.06 -52.29 7.11
C GLN F 79 40.31 -52.26 7.99
N ALA F 80 41.39 -52.89 7.52
CA ALA F 80 42.63 -52.92 8.28
C ALA F 80 43.45 -51.65 8.15
N GLU F 81 43.17 -50.82 7.15
CA GLU F 81 43.87 -49.55 6.97
C GLU F 81 43.17 -48.39 7.67
N ASP F 82 42.13 -48.67 8.45
CA ASP F 82 41.41 -47.64 9.18
C ASP F 82 41.91 -47.49 10.62
N LEU F 83 43.07 -48.05 10.93
CA LEU F 83 43.66 -47.92 12.26
C LEU F 83 44.45 -46.62 12.31
N ALA F 84 43.97 -45.66 13.09
CA ALA F 84 44.61 -44.35 13.20
C ALA F 84 43.93 -43.61 14.34
N ASP F 85 44.36 -42.37 14.54
CA ASP F 85 43.65 -41.46 15.43
C ASP F 85 42.63 -40.67 14.64
N TYR F 86 41.54 -40.29 15.30
CA TYR F 86 40.45 -39.56 14.68
C TYR F 86 40.14 -38.34 15.53
N HIS F 87 40.40 -37.16 14.99
CA HIS F 87 40.18 -35.89 15.68
C HIS F 87 38.98 -35.17 15.10
N CYS F 88 38.14 -34.62 15.97
CA CYS F 88 37.06 -33.74 15.57
C CYS F 88 37.44 -32.31 15.94
N GLY F 89 37.21 -31.39 15.02
CA GLY F 89 37.46 -29.98 15.28
C GLY F 89 36.31 -29.15 14.78
N GLN F 90 36.12 -28.00 15.43
CA GLN F 90 35.15 -27.01 15.03
C GLN F 90 35.85 -25.80 14.42
N SER F 91 35.28 -25.26 13.35
CA SER F 91 35.77 -24.04 12.74
C SER F 91 34.74 -22.92 12.78
N TYR F 92 33.71 -23.05 13.62
CA TYR F 92 32.75 -21.96 13.78
C TYR F 92 33.45 -20.72 14.31
N SER F 93 34.27 -20.89 15.33
CA SER F 93 35.11 -19.85 15.89
C SER F 93 36.57 -20.24 15.64
N TYR F 94 37.48 -19.54 16.29
CA TYR F 94 38.88 -19.92 16.19
C TYR F 94 39.02 -21.41 16.47
N PRO F 95 39.71 -22.16 15.61
CA PRO F 95 39.59 -23.63 15.66
C PRO F 95 40.03 -24.21 16.99
N THR F 96 39.30 -25.24 17.42
CA THR F 96 39.69 -26.08 18.54
C THR F 96 39.49 -27.54 18.15
N PHE F 97 40.32 -28.41 18.69
CA PHE F 97 40.31 -29.82 18.33
C PHE F 97 39.94 -30.68 19.53
N GLY F 98 39.29 -31.81 19.24
CA GLY F 98 39.06 -32.81 20.26
C GLY F 98 40.32 -33.53 20.65
N ALA F 99 40.28 -34.14 21.83
CA ALA F 99 41.47 -34.79 22.36
C ALA F 99 41.92 -35.97 21.52
N GLY F 100 41.03 -36.55 20.72
CA GLY F 100 41.39 -37.63 19.83
C GLY F 100 40.75 -38.95 20.24
N THR F 101 40.83 -39.91 19.33
CA THR F 101 40.28 -41.24 19.55
C THR F 101 41.11 -42.26 18.80
N LYS F 102 41.74 -43.18 19.52
CA LYS F 102 42.60 -44.19 18.93
C LYS F 102 41.77 -45.42 18.59
N LEU F 103 42.00 -45.97 17.40
CA LEU F 103 41.26 -47.13 16.91
C LEU F 103 42.21 -48.31 16.74
N GLU F 104 41.98 -49.36 17.52
CA GLU F 104 42.71 -50.61 17.40
C GLU F 104 41.78 -51.68 16.83
N LEU F 105 42.32 -52.89 16.67
CA LEU F 105 41.52 -54.04 16.30
C LEU F 105 41.08 -54.83 17.53
N VAL G 2 48.28 -27.15 -3.27
CA VAL G 2 48.31 -28.59 -3.49
C VAL G 2 49.46 -29.21 -2.71
N GLN G 3 50.51 -28.44 -2.48
CA GLN G 3 51.67 -28.90 -1.73
C GLN G 3 52.09 -27.84 -0.73
N LEU G 4 52.32 -28.26 0.51
CA LEU G 4 52.86 -27.42 1.56
C LEU G 4 54.14 -28.07 2.07
N GLN G 5 55.26 -27.42 1.85
CA GLN G 5 56.57 -27.94 2.24
C GLN G 5 57.07 -27.16 3.45
N GLN G 6 57.39 -27.88 4.52
CA GLN G 6 57.88 -27.29 5.75
C GLN G 6 59.37 -27.53 5.89
N SER G 7 59.99 -26.79 6.80
CA SER G 7 61.41 -26.97 7.07
C SER G 7 61.64 -28.27 7.83
N GLY G 8 62.88 -28.75 7.77
CA GLY G 8 63.23 -29.97 8.47
C GLY G 8 63.42 -29.75 9.96
N ALA G 9 63.52 -30.87 10.68
CA ALA G 9 63.62 -30.81 12.13
C ALA G 9 64.86 -30.01 12.54
N GLU G 10 64.90 -29.64 13.82
CA GLU G 10 66.04 -28.87 14.32
C GLU G 10 66.04 -28.93 15.85
N LEU G 11 67.23 -29.07 16.42
CA LEU G 11 67.42 -29.14 17.86
C LEU G 11 68.02 -27.82 18.34
N VAL G 12 67.40 -27.24 19.35
CA VAL G 12 67.86 -25.98 19.92
C VAL G 12 67.90 -26.09 21.44
N LYS G 13 68.42 -25.05 22.08
CA LYS G 13 68.57 -25.04 23.52
C LYS G 13 67.47 -24.21 24.19
N PRO G 14 67.13 -24.51 25.44
CA PRO G 14 66.07 -23.75 26.12
C PRO G 14 66.40 -22.26 26.17
N GLY G 15 65.36 -21.45 26.08
CA GLY G 15 65.50 -20.01 26.08
C GLY G 15 65.87 -19.41 24.74
N ALA G 16 66.07 -20.22 23.71
CA ALA G 16 66.47 -19.73 22.40
C ALA G 16 65.23 -19.36 21.59
N SER G 17 65.42 -19.12 20.30
CA SER G 17 64.33 -18.73 19.41
C SER G 17 64.38 -19.59 18.15
N VAL G 18 63.20 -19.88 17.62
CA VAL G 18 63.06 -20.72 16.44
C VAL G 18 62.10 -20.03 15.46
N LYS G 19 62.47 -20.03 14.18
CA LYS G 19 61.64 -19.47 13.12
C LYS G 19 61.42 -20.56 12.08
N LEU G 20 60.27 -21.23 12.17
CA LEU G 20 59.90 -22.28 11.25
C LEU G 20 59.38 -21.69 9.94
N SER G 21 59.41 -22.50 8.89
CA SER G 21 59.07 -22.07 7.54
C SER G 21 58.10 -23.05 6.91
N CYS G 22 57.20 -22.51 6.09
CA CYS G 22 56.17 -23.30 5.41
C CYS G 22 56.00 -22.73 4.01
N THR G 23 56.49 -23.46 3.01
CA THR G 23 56.45 -22.99 1.63
C THR G 23 55.24 -23.58 0.91
N ALA G 24 54.44 -22.70 0.32
CA ALA G 24 53.24 -23.09 -0.40
C ALA G 24 53.55 -23.16 -1.89
N SER G 25 53.31 -24.31 -2.49
CA SER G 25 53.44 -24.49 -3.93
C SER G 25 52.11 -24.97 -4.51
N GLY G 26 51.76 -24.43 -5.67
CA GLY G 26 50.51 -24.78 -6.31
C GLY G 26 49.35 -23.86 -6.01
N PHE G 27 49.52 -22.88 -5.13
CA PHE G 27 48.48 -21.91 -4.84
C PHE G 27 49.12 -20.69 -4.22
N ASN G 28 48.36 -19.60 -4.18
CA ASN G 28 48.83 -18.35 -3.61
C ASN G 28 48.31 -18.22 -2.19
N ILE G 29 49.22 -17.98 -1.25
CA ILE G 29 48.82 -17.88 0.15
C ILE G 29 47.86 -16.72 0.35
N LYS G 30 47.95 -15.70 -0.50
CA LYS G 30 47.03 -14.57 -0.38
C LYS G 30 45.58 -14.98 -0.52
N ASP G 31 45.31 -16.12 -1.15
CA ASP G 31 43.95 -16.55 -1.39
C ASP G 31 43.28 -17.19 -0.17
N THR G 32 44.05 -17.53 0.86
CA THR G 32 43.50 -18.29 1.98
C THR G 32 44.19 -17.86 3.27
N TYR G 33 43.66 -18.38 4.37
CA TYR G 33 44.31 -18.27 5.67
C TYR G 33 45.29 -19.42 5.87
N MET G 34 46.34 -19.16 6.63
CA MET G 34 47.36 -20.16 6.94
C MET G 34 47.36 -20.40 8.45
N TYR G 35 47.34 -21.66 8.84
CA TYR G 35 47.20 -22.07 10.24
C TYR G 35 48.46 -22.78 10.70
N TRP G 36 48.78 -22.61 11.98
CA TRP G 36 49.86 -23.34 12.63
C TRP G 36 49.29 -24.11 13.81
N VAL G 37 49.56 -25.42 13.84
CA VAL G 37 48.99 -26.31 14.84
C VAL G 37 50.12 -27.05 15.54
N LYS G 38 49.96 -27.27 16.83
CA LYS G 38 50.94 -27.93 17.67
C LYS G 38 50.40 -29.26 18.15
N GLN G 39 51.24 -30.30 18.08
CA GLN G 39 50.87 -31.64 18.56
C GLN G 39 52.01 -32.18 19.41
N ARG G 40 51.81 -32.18 20.73
CA ARG G 40 52.72 -32.90 21.60
C ARG G 40 52.47 -34.40 21.45
N PRO G 41 53.46 -35.22 21.81
CA PRO G 41 53.28 -36.67 21.65
C PRO G 41 52.08 -37.19 22.43
N GLU G 42 51.43 -38.19 21.84
CA GLU G 42 50.25 -38.85 22.43
C GLU G 42 49.30 -37.83 23.06
N GLN G 43 48.94 -36.83 22.27
CA GLN G 43 47.99 -35.82 22.71
C GLN G 43 47.23 -35.30 21.49
N GLY G 44 46.24 -34.46 21.75
CA GLY G 44 45.46 -33.88 20.68
C GLY G 44 46.10 -32.65 20.07
N LEU G 45 45.53 -32.22 18.95
CA LEU G 45 46.05 -31.06 18.24
C LEU G 45 45.70 -29.78 18.99
N GLU G 46 46.50 -28.75 18.76
CA GLU G 46 46.34 -27.47 19.43
C GLU G 46 46.59 -26.35 18.43
N TRP G 47 45.61 -25.48 18.27
CA TRP G 47 45.74 -24.36 17.36
C TRP G 47 46.66 -23.31 17.96
N ILE G 48 47.72 -22.95 17.23
CA ILE G 48 48.66 -21.93 17.70
C ILE G 48 48.14 -20.56 17.31
N GLY G 49 48.00 -20.33 16.01
CA GLY G 49 47.58 -19.04 15.53
C GLY G 49 47.16 -19.10 14.08
N ARG G 50 46.87 -17.93 13.54
CA ARG G 50 46.34 -17.80 12.19
C ARG G 50 46.81 -16.49 11.60
N ILE G 51 46.99 -16.46 10.28
CA ILE G 51 47.39 -15.26 9.57
C ILE G 51 46.63 -15.17 8.26
N ASP G 52 46.28 -13.94 7.87
CA ASP G 52 45.69 -13.66 6.57
C ASP G 52 46.71 -12.96 5.69
N PRO G 53 47.37 -13.66 4.76
CA PRO G 53 48.47 -13.03 4.02
C PRO G 53 48.06 -11.80 3.24
N ALA G 54 46.85 -11.77 2.69
CA ALA G 54 46.43 -10.62 1.89
C ALA G 54 46.35 -9.36 2.73
N ASN G 55 45.96 -9.49 4.00
CA ASN G 55 45.88 -8.34 4.90
C ASN G 55 47.02 -8.28 5.89
N GLY G 56 47.61 -9.42 6.25
CA GLY G 56 48.71 -9.47 7.18
C GLY G 56 48.30 -9.55 8.63
N ASP G 57 47.01 -9.44 8.95
CA ASP G 57 46.61 -9.50 10.35
C ASP G 57 46.68 -10.93 10.86
N THR G 58 46.82 -11.06 12.18
CA THR G 58 47.03 -12.35 12.82
C THR G 58 46.12 -12.50 14.03
N LYS G 59 45.81 -13.75 14.34
CA LYS G 59 45.10 -14.11 15.56
C LYS G 59 45.81 -15.30 16.20
N TYR G 60 45.95 -15.25 17.52
CA TYR G 60 46.67 -16.28 18.27
C TYR G 60 45.78 -16.84 19.36
N ASP G 61 46.08 -18.08 19.75
CA ASP G 61 45.42 -18.67 20.90
C ASP G 61 45.79 -17.88 22.15
N PRO G 62 44.85 -17.69 23.09
CA PRO G 62 45.20 -16.90 24.29
C PRO G 62 46.37 -17.48 25.07
N LYS G 63 46.58 -18.78 25.03
CA LYS G 63 47.68 -19.40 25.74
C LYS G 63 48.97 -19.43 24.92
N PHE G 64 48.97 -18.86 23.72
CA PHE G 64 50.17 -18.68 22.93
C PHE G 64 50.45 -17.22 22.61
N GLN G 65 49.57 -16.31 23.02
CA GLN G 65 49.74 -14.91 22.67
C GLN G 65 51.05 -14.37 23.24
N GLY G 66 51.81 -13.69 22.39
CA GLY G 66 53.12 -13.18 22.78
C GLY G 66 54.25 -14.16 22.58
N LYS G 67 54.04 -15.41 22.97
CA LYS G 67 55.09 -16.41 22.83
C LYS G 67 55.43 -16.66 21.36
N ALA G 68 54.41 -16.73 20.51
CA ALA G 68 54.59 -17.05 19.10
C ALA G 68 54.29 -15.83 18.23
N THR G 69 54.96 -15.77 17.09
CA THR G 69 54.73 -14.73 16.09
C THR G 69 54.68 -15.37 14.72
N ILE G 70 53.63 -15.07 13.97
CA ILE G 70 53.41 -15.65 12.65
C ILE G 70 53.49 -14.55 11.61
N THR G 71 54.25 -14.81 10.54
CA THR G 71 54.39 -13.84 9.45
C THR G 71 54.53 -14.61 8.14
N THR G 72 54.26 -13.91 7.04
CA THR G 72 54.33 -14.49 5.71
C THR G 72 55.21 -13.61 4.82
N ASP G 73 55.48 -14.13 3.62
CA ASP G 73 56.17 -13.40 2.58
C ASP G 73 55.47 -13.73 1.27
N THR G 74 54.57 -12.84 0.84
CA THR G 74 53.81 -13.09 -0.38
C THR G 74 54.72 -13.35 -1.57
N PHE G 75 55.88 -12.70 -1.62
CA PHE G 75 56.77 -12.87 -2.76
C PHE G 75 57.20 -14.32 -2.91
N SER G 76 57.72 -14.91 -1.84
CA SER G 76 58.19 -16.29 -1.88
C SER G 76 57.09 -17.30 -1.62
N ASN G 77 55.89 -16.86 -1.24
CA ASN G 77 54.77 -17.76 -0.99
C ASN G 77 55.08 -18.69 0.18
N THR G 78 55.50 -18.10 1.28
CA THR G 78 55.90 -18.86 2.46
C THR G 78 55.30 -18.20 3.71
N ALA G 79 55.09 -19.02 4.73
CA ALA G 79 54.65 -18.55 6.04
C ALA G 79 55.70 -18.93 7.08
N TYR G 80 55.81 -18.10 8.11
CA TYR G 80 56.80 -18.29 9.16
C TYR G 80 56.13 -18.33 10.51
N LEU G 81 56.74 -19.08 11.44
CA LEU G 81 56.31 -19.13 12.83
C LEU G 81 57.55 -18.91 13.69
N GLN G 82 57.57 -17.78 14.40
CA GLN G 82 58.73 -17.38 15.19
C GLN G 82 58.41 -17.67 16.66
N LEU G 83 58.94 -18.78 17.17
CA LEU G 83 58.81 -19.13 18.57
C LEU G 83 59.93 -18.49 19.38
N SER G 84 59.57 -17.98 20.56
CA SER G 84 60.49 -17.26 21.41
C SER G 84 60.42 -17.82 22.83
N SER G 85 61.53 -17.68 23.55
CA SER G 85 61.63 -18.12 24.93
C SER G 85 61.17 -19.57 25.09
N LEU G 86 61.88 -20.47 24.41
CA LEU G 86 61.47 -21.86 24.39
C LEU G 86 61.69 -22.51 25.75
N THR G 87 60.77 -23.37 26.14
CA THR G 87 60.87 -24.17 27.35
C THR G 87 60.72 -25.64 27.00
N SER G 88 61.02 -26.50 27.98
CA SER G 88 61.05 -27.93 27.71
C SER G 88 59.71 -28.44 27.20
N GLU G 89 58.61 -27.80 27.57
CA GLU G 89 57.29 -28.23 27.15
C GLU G 89 56.95 -27.78 25.73
N ASP G 90 57.87 -27.10 25.04
CA ASP G 90 57.68 -26.72 23.65
C ASP G 90 58.13 -27.80 22.68
N THR G 91 58.49 -28.97 23.17
CA THR G 91 58.86 -30.07 22.29
C THR G 91 57.59 -30.69 21.73
N ALA G 92 57.44 -30.64 20.41
CA ALA G 92 56.24 -31.15 19.76
C ALA G 92 56.50 -31.16 18.25
N VAL G 93 55.48 -31.54 17.49
CA VAL G 93 55.50 -31.50 16.04
C VAL G 93 54.58 -30.37 15.59
N TYR G 94 55.12 -29.43 14.84
CA TYR G 94 54.39 -28.24 14.42
C TYR G 94 53.95 -28.40 12.97
N TYR G 95 52.65 -28.23 12.73
CA TYR G 95 52.05 -28.42 11.43
C TYR G 95 51.63 -27.08 10.83
N CYS G 96 51.72 -27.01 9.50
CA CYS G 96 51.26 -25.88 8.72
C CYS G 96 50.10 -26.33 7.84
N ALA G 97 48.98 -25.62 7.91
CA ALA G 97 47.75 -26.04 7.25
C ALA G 97 47.14 -24.88 6.48
N ARG G 98 46.31 -25.24 5.50
CA ARG G 98 45.65 -24.28 4.62
C ARG G 98 44.14 -24.40 4.79
N LYS G 99 43.47 -23.27 4.95
CA LYS G 99 42.02 -23.27 5.03
C LYS G 99 41.40 -23.52 3.66
N GLY G 100 40.27 -24.23 3.66
CA GLY G 100 39.53 -24.45 2.44
C GLY G 100 38.25 -25.25 2.64
N LEU G 101 37.22 -24.94 1.84
CA LEU G 101 35.97 -25.72 1.84
C LEU G 101 35.35 -25.75 3.23
N ARG G 102 34.85 -24.59 3.64
CA ARG G 102 34.12 -24.44 4.90
C ARG G 102 35.04 -24.51 6.10
N TRP G 103 36.26 -23.99 5.95
CA TRP G 103 37.18 -23.83 7.07
C TRP G 103 37.58 -25.18 7.65
N ALA G 104 38.02 -26.09 6.77
CA ALA G 104 38.24 -27.47 7.15
C ALA G 104 39.71 -27.85 7.24
N MET G 105 40.64 -26.96 6.90
CA MET G 105 42.08 -27.28 6.95
C MET G 105 42.37 -28.51 6.07
N ASP G 106 42.18 -28.31 4.77
CA ASP G 106 42.18 -29.45 3.86
C ASP G 106 43.60 -29.98 3.63
N TYR G 107 44.58 -29.09 3.49
CA TYR G 107 45.96 -29.49 3.24
C TYR G 107 46.83 -29.21 4.45
N TRP G 108 47.72 -30.14 4.76
CA TRP G 108 48.63 -30.04 5.89
C TRP G 108 50.05 -30.24 5.41
N GLY G 109 51.00 -29.63 6.11
CA GLY G 109 52.39 -29.90 5.87
C GLY G 109 52.83 -31.19 6.51
N GLN G 110 54.05 -31.62 6.16
CA GLN G 110 54.58 -32.85 6.72
C GLN G 110 54.89 -32.72 8.20
N GLY G 111 55.01 -31.50 8.71
CA GLY G 111 55.31 -31.30 10.11
C GLY G 111 56.79 -31.17 10.37
N THR G 112 57.13 -30.35 11.36
CA THR G 112 58.51 -30.18 11.81
C THR G 112 58.62 -30.64 13.26
N SER G 113 59.56 -31.54 13.51
CA SER G 113 59.83 -32.01 14.88
C SER G 113 60.77 -31.03 15.54
N VAL G 114 60.28 -30.34 16.58
CA VAL G 114 61.07 -29.39 17.34
C VAL G 114 61.25 -29.95 18.74
N THR G 115 62.50 -30.08 19.16
CA THR G 115 62.85 -30.56 20.49
C THR G 115 63.91 -29.66 21.10
N VAL G 116 63.79 -29.40 22.39
CA VAL G 116 64.68 -28.48 23.11
C VAL G 116 65.34 -29.25 24.23
N SER G 117 66.67 -29.30 24.22
CA SER G 117 67.43 -30.01 25.23
C SER G 117 68.08 -29.04 26.20
N ASN H 1 -34.91 -3.31 -30.15
CA ASN H 1 -35.16 -2.34 -31.26
C ASN H 1 -35.52 -0.97 -30.71
N ILE H 2 -34.90 0.06 -31.26
CA ILE H 2 -35.18 1.44 -30.89
C ILE H 2 -36.07 2.02 -32.00
N VAL H 3 -37.31 2.31 -31.67
CA VAL H 3 -38.25 2.92 -32.61
C VAL H 3 -38.18 4.43 -32.47
N MET H 4 -38.02 5.13 -33.59
CA MET H 4 -37.96 6.58 -33.62
C MET H 4 -39.26 7.13 -34.19
N THR H 5 -39.89 8.03 -33.44
CA THR H 5 -41.16 8.63 -33.84
C THR H 5 -40.91 10.03 -34.38
N GLN H 6 -41.37 10.29 -35.60
CA GLN H 6 -41.14 11.54 -36.29
C GLN H 6 -42.45 12.30 -36.40
N SER H 7 -42.43 13.58 -36.02
CA SER H 7 -43.62 14.42 -36.05
C SER H 7 -43.25 15.79 -36.58
N PRO H 8 -44.13 16.43 -37.36
CA PRO H 8 -45.42 15.94 -37.86
C PRO H 8 -45.26 15.02 -39.08
N LYS H 9 -46.26 14.19 -39.35
CA LYS H 9 -46.18 13.31 -40.50
C LYS H 9 -46.07 14.11 -41.80
N SER H 10 -46.83 15.19 -41.91
CA SER H 10 -46.77 16.07 -43.06
C SER H 10 -47.10 17.49 -42.61
N MET H 11 -46.35 18.47 -43.13
CA MET H 11 -46.62 19.90 -42.81
C MET H 11 -46.34 20.76 -44.03
N SER H 12 -47.34 21.52 -44.49
CA SER H 12 -47.24 22.42 -45.67
C SER H 12 -46.95 23.84 -45.19
N MET H 13 -45.89 24.48 -45.72
CA MET H 13 -45.48 25.83 -45.26
C MET H 13 -45.04 26.70 -46.43
N SER H 14 -44.89 28.01 -46.22
CA SER H 14 -44.52 28.97 -47.24
C SER H 14 -43.02 29.21 -47.21
N VAL H 15 -42.51 29.87 -48.25
CA VAL H 15 -41.08 30.12 -48.35
C VAL H 15 -40.65 31.11 -47.29
N GLY H 16 -39.38 31.02 -46.89
CA GLY H 16 -38.77 32.05 -46.07
C GLY H 16 -39.21 32.10 -44.63
N GLU H 17 -39.67 30.99 -44.06
CA GLU H 17 -40.12 30.95 -42.68
C GLU H 17 -39.51 29.74 -41.98
N ARG H 18 -39.23 29.91 -40.69
CA ARG H 18 -38.56 28.87 -39.91
C ARG H 18 -39.48 27.69 -39.71
N VAL H 19 -39.02 26.50 -40.13
CA VAL H 19 -39.77 25.27 -39.97
C VAL H 19 -38.89 24.27 -39.23
N THR H 20 -39.45 23.61 -38.23
CA THR H 20 -38.71 22.69 -37.37
C THR H 20 -39.34 21.32 -37.41
N LEU H 21 -38.52 20.29 -37.58
CA LEU H 21 -38.94 18.90 -37.60
C LEU H 21 -38.39 18.21 -36.35
N SER H 22 -39.23 17.44 -35.68
CA SER H 22 -38.88 16.81 -34.42
C SER H 22 -38.82 15.30 -34.58
N CYS H 23 -37.86 14.68 -33.90
CA CYS H 23 -37.72 13.24 -33.84
C CYS H 23 -37.59 12.82 -32.38
N LYS H 24 -38.26 11.73 -32.02
CA LYS H 24 -38.27 11.22 -30.66
C LYS H 24 -37.74 9.79 -30.66
N ALA H 25 -36.87 9.48 -29.70
CA ALA H 25 -36.27 8.17 -29.59
C ALA H 25 -36.93 7.37 -28.49
N SER H 26 -37.18 6.08 -28.77
CA SER H 26 -37.75 5.21 -27.76
C SER H 26 -36.83 5.08 -26.56
N GLU H 27 -35.53 4.92 -26.80
CA GLU H 27 -34.56 4.75 -25.73
C GLU H 27 -33.46 5.78 -25.86
N TYR H 28 -32.42 5.67 -25.03
CA TYR H 28 -31.29 6.57 -25.14
C TYR H 28 -30.51 6.31 -26.43
N VAL H 29 -30.28 7.37 -27.20
CA VAL H 29 -29.36 7.34 -28.33
C VAL H 29 -28.56 8.63 -28.30
N GLY H 30 -27.33 8.56 -27.78
CA GLY H 30 -26.64 9.74 -27.31
C GLY H 30 -26.67 10.91 -28.28
N THR H 31 -25.90 10.80 -29.37
CA THR H 31 -26.00 11.79 -30.44
C THR H 31 -25.88 11.15 -31.80
N TYR H 32 -26.12 9.85 -31.92
CA TYR H 32 -26.00 9.14 -33.18
C TYR H 32 -27.32 9.17 -33.95
N VAL H 33 -27.77 10.39 -34.24
CA VAL H 33 -29.02 10.63 -34.95
C VAL H 33 -28.67 11.40 -36.22
N SER H 34 -29.17 10.92 -37.35
CA SER H 34 -28.87 11.52 -38.64
C SER H 34 -30.16 11.97 -39.31
N TRP H 35 -30.05 13.00 -40.15
CA TRP H 35 -31.18 13.52 -40.91
C TRP H 35 -30.88 13.40 -42.39
N TYR H 36 -31.78 12.74 -43.12
CA TYR H 36 -31.60 12.51 -44.54
C TYR H 36 -32.71 13.19 -45.33
N GLN H 37 -32.37 13.70 -46.50
CA GLN H 37 -33.31 14.35 -47.40
C GLN H 37 -33.46 13.50 -48.65
N GLN H 38 -34.70 13.19 -49.01
CA GLN H 38 -35.00 12.34 -50.17
C GLN H 38 -35.95 13.10 -51.08
N LYS H 39 -35.43 13.60 -52.19
CA LYS H 39 -36.27 14.17 -53.23
C LYS H 39 -36.97 13.07 -54.01
N PRO H 40 -38.07 13.40 -54.69
CA PRO H 40 -38.82 12.35 -55.41
C PRO H 40 -37.94 11.65 -56.42
N GLU H 41 -38.02 10.32 -56.45
CA GLU H 41 -37.26 9.51 -57.39
C GLU H 41 -35.75 9.73 -57.22
N GLN H 42 -35.32 10.04 -56.00
CA GLN H 42 -33.91 10.23 -55.69
C GLN H 42 -33.55 9.46 -54.44
N SER H 43 -32.28 9.06 -54.36
CA SER H 43 -31.81 8.37 -53.17
C SER H 43 -31.68 9.35 -52.02
N PRO H 44 -31.74 8.87 -50.77
CA PRO H 44 -31.56 9.78 -49.63
C PRO H 44 -30.18 10.43 -49.65
N LYS H 45 -30.13 11.67 -49.16
CA LYS H 45 -28.89 12.42 -49.04
C LYS H 45 -28.70 12.81 -47.58
N LEU H 46 -27.54 12.49 -47.04
CA LEU H 46 -27.24 12.82 -45.65
C LEU H 46 -27.13 14.33 -45.48
N LEU H 47 -27.91 14.88 -44.56
CA LEU H 47 -27.86 16.30 -44.22
C LEU H 47 -27.11 16.56 -42.93
N ILE H 48 -27.50 15.90 -41.86
CA ILE H 48 -26.90 16.06 -40.54
C ILE H 48 -26.41 14.70 -40.07
N TYR H 49 -25.15 14.63 -39.68
CA TYR H 49 -24.60 13.46 -39.01
C TYR H 49 -24.27 13.84 -37.58
N GLY H 50 -24.15 12.83 -36.73
CA GLY H 50 -24.07 13.11 -35.31
C GLY H 50 -25.25 13.99 -34.93
N ALA H 51 -25.18 14.69 -33.81
CA ALA H 51 -26.17 15.69 -33.48
C ALA H 51 -25.58 17.07 -33.73
N SER H 52 -26.18 17.81 -34.67
CA SER H 52 -25.78 19.19 -34.97
C SER H 52 -24.40 19.24 -35.63
N ASN H 53 -24.22 18.47 -36.69
CA ASN H 53 -23.01 18.55 -37.51
C ASN H 53 -23.43 18.54 -38.98
N ARG H 54 -23.42 19.72 -39.60
CA ARG H 54 -23.77 19.81 -41.02
C ARG H 54 -22.78 19.02 -41.86
N TYR H 55 -23.30 18.23 -42.78
CA TYR H 55 -22.46 17.52 -43.74
C TYR H 55 -21.98 18.48 -44.83
N THR H 56 -20.86 18.12 -45.45
CA THR H 56 -20.27 18.97 -46.46
C THR H 56 -21.24 19.18 -47.61
N GLY H 57 -21.34 20.43 -48.06
CA GLY H 57 -22.26 20.77 -49.13
C GLY H 57 -23.66 21.10 -48.68
N VAL H 58 -23.95 20.99 -47.38
CA VAL H 58 -25.27 21.31 -46.85
C VAL H 58 -25.31 22.81 -46.57
N PRO H 59 -26.30 23.55 -47.07
CA PRO H 59 -26.34 24.99 -46.80
C PRO H 59 -26.44 25.27 -45.31
N ASP H 60 -25.85 26.39 -44.90
CA ASP H 60 -25.78 26.77 -43.49
C ASP H 60 -27.15 27.05 -42.89
N ARG H 61 -28.21 26.99 -43.69
CA ARG H 61 -29.55 27.21 -43.16
C ARG H 61 -30.14 25.95 -42.53
N PHE H 62 -29.57 24.78 -42.80
CA PHE H 62 -29.98 23.56 -42.12
C PHE H 62 -29.26 23.45 -40.78
N THR H 63 -30.01 23.46 -39.69
CA THR H 63 -29.45 23.40 -38.35
C THR H 63 -30.04 22.21 -37.62
N GLY H 64 -29.18 21.41 -37.01
CA GLY H 64 -29.59 20.25 -36.22
C GLY H 64 -29.37 20.51 -34.74
N SER H 65 -30.30 20.04 -33.93
CA SER H 65 -30.21 20.14 -32.48
C SER H 65 -30.61 18.80 -31.88
N GLY H 66 -29.93 18.40 -30.80
CA GLY H 66 -30.06 17.05 -30.30
C GLY H 66 -30.04 16.99 -28.79
N SER H 67 -30.27 15.80 -28.29
CA SER H 67 -30.34 15.51 -26.86
C SER H 67 -30.11 14.02 -26.68
N ALA H 68 -30.46 13.49 -25.51
CA ALA H 68 -30.38 12.05 -25.30
C ALA H 68 -31.53 11.32 -25.98
N THR H 69 -32.72 11.91 -26.01
CA THR H 69 -33.87 11.25 -26.63
C THR H 69 -34.76 12.19 -27.43
N ASP H 70 -34.43 13.47 -27.53
CA ASP H 70 -35.24 14.44 -28.27
C ASP H 70 -34.35 15.20 -29.22
N PHE H 71 -34.71 15.19 -30.50
CA PHE H 71 -33.91 15.82 -31.53
C PHE H 71 -34.81 16.63 -32.45
N THR H 72 -34.23 17.70 -33.01
CA THR H 72 -34.96 18.57 -33.92
C THR H 72 -34.06 18.97 -35.07
N LEU H 73 -34.64 19.03 -36.26
CA LEU H 73 -34.01 19.63 -37.43
C LEU H 73 -34.69 20.96 -37.73
N THR H 74 -33.91 22.03 -37.75
CA THR H 74 -34.42 23.37 -37.99
C THR H 74 -33.94 23.89 -39.33
N ILE H 75 -34.88 24.29 -40.17
CA ILE H 75 -34.59 24.99 -41.42
C ILE H 75 -34.89 26.47 -41.21
N GLY H 76 -33.98 27.33 -41.65
CA GLY H 76 -34.13 28.74 -41.40
C GLY H 76 -34.81 29.44 -42.55
N SER H 77 -34.04 30.14 -43.38
CA SER H 77 -34.60 30.74 -44.59
C SER H 77 -34.94 29.64 -45.59
N VAL H 78 -36.18 29.15 -45.54
CA VAL H 78 -36.57 28.06 -46.42
C VAL H 78 -36.57 28.54 -47.86
N GLN H 79 -36.26 27.62 -48.77
CA GLN H 79 -36.32 27.87 -50.20
C GLN H 79 -37.28 26.87 -50.84
N ALA H 80 -37.41 26.97 -52.16
CA ALA H 80 -38.34 26.12 -52.91
C ALA H 80 -37.73 24.79 -53.35
N GLU H 81 -36.43 24.61 -53.17
CA GLU H 81 -35.78 23.34 -53.45
C GLU H 81 -35.64 22.46 -52.22
N ASP H 82 -36.43 22.73 -51.18
CA ASP H 82 -36.43 21.93 -49.97
C ASP H 82 -37.64 21.01 -49.88
N LEU H 83 -38.44 20.92 -50.93
CA LEU H 83 -39.60 20.03 -50.93
C LEU H 83 -39.12 18.60 -51.07
N ALA H 84 -39.01 17.89 -49.95
CA ALA H 84 -38.53 16.52 -49.96
C ALA H 84 -38.95 15.84 -48.67
N ASP H 85 -38.91 14.52 -48.69
CA ASP H 85 -39.08 13.74 -47.46
C ASP H 85 -37.85 13.89 -46.58
N TYR H 86 -38.07 13.98 -45.27
CA TYR H 86 -37.01 14.09 -44.29
C TYR H 86 -37.14 12.95 -43.28
N HIS H 87 -36.11 12.12 -43.17
CA HIS H 87 -36.08 11.00 -42.25
C HIS H 87 -35.03 11.23 -41.17
N CYS H 88 -35.34 10.82 -39.96
CA CYS H 88 -34.37 10.76 -38.87
C CYS H 88 -34.05 9.31 -38.59
N GLY H 89 -32.77 9.00 -38.43
CA GLY H 89 -32.33 7.66 -38.13
C GLY H 89 -31.31 7.64 -37.03
N GLN H 90 -31.46 6.69 -36.11
CA GLN H 90 -30.49 6.47 -35.05
C GLN H 90 -29.43 5.48 -35.48
N SER H 91 -28.24 5.62 -34.89
CA SER H 91 -27.15 4.69 -35.12
C SER H 91 -26.48 4.24 -33.83
N TYR H 92 -27.09 4.54 -32.68
CA TYR H 92 -26.56 4.03 -31.42
C TYR H 92 -26.59 2.51 -31.39
N SER H 93 -27.65 1.93 -31.92
CA SER H 93 -27.82 0.49 -32.07
C SER H 93 -27.96 0.19 -33.55
N TYR H 94 -28.36 -1.02 -33.87
CA TYR H 94 -28.58 -1.37 -35.26
C TYR H 94 -29.57 -0.37 -35.87
N PRO H 95 -29.28 0.20 -37.03
CA PRO H 95 -29.97 1.43 -37.44
C PRO H 95 -31.46 1.22 -37.66
N THR H 96 -32.24 2.21 -37.22
CA THR H 96 -33.67 2.27 -37.46
C THR H 96 -34.03 3.67 -37.88
N PHE H 97 -35.07 3.79 -38.71
CA PHE H 97 -35.49 5.07 -39.26
C PHE H 97 -36.93 5.37 -38.83
N GLY H 98 -37.26 6.66 -38.85
CA GLY H 98 -38.62 7.10 -38.62
C GLY H 98 -39.47 7.03 -39.88
N ALA H 99 -40.74 7.34 -39.70
CA ALA H 99 -41.66 7.33 -40.84
C ALA H 99 -41.28 8.39 -41.86
N GLY H 100 -40.80 9.53 -41.41
CA GLY H 100 -40.44 10.63 -42.28
C GLY H 100 -41.48 11.74 -42.26
N THR H 101 -41.06 12.91 -42.73
CA THR H 101 -41.93 14.08 -42.85
C THR H 101 -41.94 14.54 -44.30
N LYS H 102 -43.13 14.61 -44.88
CA LYS H 102 -43.30 15.07 -46.27
C LYS H 102 -43.52 16.57 -46.25
N LEU H 103 -42.48 17.33 -46.58
CA LEU H 103 -42.60 18.78 -46.67
C LEU H 103 -43.46 19.18 -47.87
N GLU H 104 -44.30 20.20 -47.69
CA GLU H 104 -45.16 20.69 -48.75
C GLU H 104 -45.01 22.20 -48.89
N LEU H 105 -45.28 22.69 -50.10
CA LEU H 105 -45.23 24.10 -50.41
C LEU H 105 -46.63 24.71 -50.31
N LYS H 106 -46.76 25.82 -49.60
CA LYS H 106 -48.05 26.48 -49.45
C LYS H 106 -47.85 27.92 -48.98
N VAL I 2 -17.88 7.04 -52.11
CA VAL I 2 -17.50 7.97 -53.15
C VAL I 2 -18.36 7.73 -54.39
N GLN I 3 -18.56 6.46 -54.72
CA GLN I 3 -19.45 6.11 -55.83
C GLN I 3 -19.90 4.67 -55.65
N LEU I 4 -21.18 4.48 -55.36
CA LEU I 4 -21.79 3.16 -55.28
C LEU I 4 -22.67 2.94 -56.50
N GLN I 5 -22.44 1.83 -57.20
CA GLN I 5 -23.15 1.50 -58.43
C GLN I 5 -23.96 0.24 -58.20
N GLN I 6 -25.28 0.38 -58.13
CA GLN I 6 -26.17 -0.75 -57.90
C GLN I 6 -26.58 -1.39 -59.22
N SER I 7 -27.07 -2.62 -59.12
CA SER I 7 -27.55 -3.34 -60.29
C SER I 7 -28.78 -2.64 -60.88
N GLY I 8 -29.23 -3.16 -62.02
CA GLY I 8 -30.41 -2.63 -62.66
C GLY I 8 -31.70 -3.19 -62.07
N ALA I 9 -32.82 -2.65 -62.55
CA ALA I 9 -34.12 -3.11 -62.09
C ALA I 9 -34.34 -4.55 -62.52
N GLU I 10 -35.16 -5.26 -61.74
CA GLU I 10 -35.38 -6.68 -61.95
C GLU I 10 -36.84 -7.02 -61.79
N LEU I 11 -37.39 -7.80 -62.72
CA LEU I 11 -38.71 -8.39 -62.60
C LEU I 11 -38.55 -9.87 -62.29
N VAL I 12 -39.19 -10.33 -61.22
CA VAL I 12 -38.99 -11.68 -60.72
C VAL I 12 -40.34 -12.31 -60.40
N LYS I 13 -40.51 -13.57 -60.76
CA LYS I 13 -41.72 -14.28 -60.42
C LYS I 13 -41.78 -14.54 -58.92
N PRO I 14 -42.97 -14.49 -58.32
CA PRO I 14 -43.06 -14.74 -56.87
C PRO I 14 -42.57 -16.13 -56.51
N GLY I 15 -41.90 -16.22 -55.35
CA GLY I 15 -41.33 -17.45 -54.88
C GLY I 15 -39.93 -17.74 -55.36
N ALA I 16 -39.36 -16.91 -56.23
CA ALA I 16 -38.05 -17.15 -56.79
C ALA I 16 -36.98 -16.48 -55.93
N SER I 17 -35.76 -16.43 -56.44
CA SER I 17 -34.62 -15.85 -55.74
C SER I 17 -34.02 -14.72 -56.57
N VAL I 18 -33.34 -13.80 -55.89
CA VAL I 18 -32.74 -12.64 -56.53
C VAL I 18 -31.36 -12.43 -55.95
N LYS I 19 -30.52 -11.73 -56.71
CA LYS I 19 -29.13 -11.45 -56.32
C LYS I 19 -28.80 -10.04 -56.77
N LEU I 20 -28.89 -9.09 -55.83
CA LEU I 20 -28.58 -7.70 -56.11
C LEU I 20 -27.12 -7.41 -55.85
N SER I 21 -26.58 -6.45 -56.57
CA SER I 21 -25.16 -6.13 -56.53
C SER I 21 -24.94 -4.65 -56.26
N CYS I 22 -23.76 -4.34 -55.76
CA CYS I 22 -23.41 -2.98 -55.36
C CYS I 22 -21.89 -2.86 -55.44
N THR I 23 -21.41 -2.21 -56.49
CA THR I 23 -19.99 -2.07 -56.75
C THR I 23 -19.51 -0.73 -56.22
N ALA I 24 -18.55 -0.76 -55.29
CA ALA I 24 -18.01 0.44 -54.69
C ALA I 24 -16.83 0.94 -55.51
N SER I 25 -16.83 2.23 -55.82
CA SER I 25 -15.72 2.87 -56.53
C SER I 25 -15.27 4.09 -55.74
N GLY I 26 -13.96 4.19 -55.51
CA GLY I 26 -13.38 5.30 -54.77
C GLY I 26 -12.88 4.94 -53.40
N PHE I 27 -13.09 3.71 -52.94
CA PHE I 27 -12.64 3.31 -51.61
C PHE I 27 -12.67 1.79 -51.54
N ASN I 28 -12.04 1.25 -50.50
CA ASN I 28 -12.08 -0.17 -50.22
C ASN I 28 -13.23 -0.48 -49.27
N ILE I 29 -14.03 -1.48 -49.63
CA ILE I 29 -15.14 -1.88 -48.76
C ILE I 29 -14.62 -2.41 -47.42
N LYS I 30 -13.39 -2.90 -47.38
CA LYS I 30 -12.85 -3.40 -46.12
C LYS I 30 -12.83 -2.33 -45.05
N ASP I 31 -12.72 -1.06 -45.45
CA ASP I 31 -12.53 0.02 -44.49
C ASP I 31 -13.81 0.48 -43.83
N THR I 32 -14.98 -0.02 -44.24
CA THR I 32 -16.25 0.41 -43.67
C THR I 32 -17.17 -0.78 -43.52
N TYR I 33 -18.38 -0.51 -43.05
CA TYR I 33 -19.49 -1.44 -43.08
C TYR I 33 -20.39 -1.12 -44.26
N MET I 34 -21.12 -2.13 -44.73
CA MET I 34 -22.03 -2.00 -45.85
C MET I 34 -23.44 -2.29 -45.39
N TYR I 35 -24.39 -1.48 -45.85
CA TYR I 35 -25.77 -1.53 -45.39
C TYR I 35 -26.70 -1.71 -46.58
N TRP I 36 -27.73 -2.54 -46.38
CA TRP I 36 -28.80 -2.70 -47.36
C TRP I 36 -30.10 -2.22 -46.74
N VAL I 37 -30.81 -1.35 -47.44
CA VAL I 37 -32.02 -0.71 -46.92
C VAL I 37 -33.09 -0.74 -48.01
N LYS I 38 -34.26 -1.25 -47.67
CA LYS I 38 -35.40 -1.27 -48.56
C LYS I 38 -36.35 -0.13 -48.23
N GLN I 39 -37.13 0.27 -49.23
CA GLN I 39 -38.10 1.36 -49.05
C GLN I 39 -39.30 1.08 -49.92
N ARG I 40 -40.45 0.82 -49.30
CA ARG I 40 -41.67 0.63 -50.05
C ARG I 40 -42.20 1.97 -50.53
N PRO I 41 -42.99 1.99 -51.60
CA PRO I 41 -43.47 3.27 -52.13
C PRO I 41 -44.23 4.06 -51.08
N GLU I 42 -43.81 5.31 -50.90
CA GLU I 42 -44.39 6.21 -49.89
C GLU I 42 -44.41 5.53 -48.52
N GLN I 43 -43.23 5.18 -48.04
CA GLN I 43 -43.08 4.59 -46.71
C GLN I 43 -41.68 4.89 -46.20
N GLY I 44 -41.47 4.62 -44.91
CA GLY I 44 -40.20 4.88 -44.29
C GLY I 44 -39.13 3.89 -44.68
N LEU I 45 -37.88 4.27 -44.41
CA LEU I 45 -36.77 3.39 -44.70
C LEU I 45 -36.72 2.26 -43.69
N GLU I 46 -36.45 1.06 -44.19
CA GLU I 46 -36.39 -0.15 -43.37
C GLU I 46 -35.02 -0.79 -43.53
N TRP I 47 -34.36 -1.08 -42.41
CA TRP I 47 -33.02 -1.65 -42.43
C TRP I 47 -33.09 -3.16 -42.59
N ILE I 48 -32.31 -3.69 -43.52
CA ILE I 48 -32.30 -5.13 -43.79
C ILE I 48 -31.19 -5.76 -42.98
N GLY I 49 -29.95 -5.36 -43.24
CA GLY I 49 -28.80 -5.94 -42.57
C GLY I 49 -27.54 -5.24 -43.01
N ARG I 50 -26.45 -5.60 -42.35
CA ARG I 50 -25.15 -5.03 -42.66
C ARG I 50 -24.09 -6.12 -42.63
N ILE I 51 -22.97 -5.85 -43.30
CA ILE I 51 -21.84 -6.76 -43.35
C ILE I 51 -20.56 -6.00 -43.06
N ASP I 52 -19.61 -6.68 -42.43
CA ASP I 52 -18.26 -6.18 -42.26
C ASP I 52 -17.34 -6.88 -43.25
N PRO I 53 -16.95 -6.25 -44.35
CA PRO I 53 -16.13 -6.96 -45.35
C PRO I 53 -14.80 -7.42 -44.81
N ALA I 54 -14.27 -6.78 -43.76
CA ALA I 54 -12.98 -7.20 -43.23
C ALA I 54 -13.04 -8.63 -42.72
N ASN I 55 -14.13 -9.00 -42.05
CA ASN I 55 -14.28 -10.34 -41.48
C ASN I 55 -15.40 -11.15 -42.13
N GLY I 56 -16.38 -10.50 -42.75
CA GLY I 56 -17.55 -11.19 -43.23
C GLY I 56 -18.64 -11.34 -42.19
N ASP I 57 -18.46 -10.77 -41.00
CA ASP I 57 -19.50 -10.80 -39.98
C ASP I 57 -20.71 -9.98 -40.42
N THR I 58 -21.90 -10.55 -40.28
CA THR I 58 -23.12 -9.93 -40.75
C THR I 58 -24.16 -9.92 -39.65
N LYS I 59 -25.03 -8.90 -39.69
CA LYS I 59 -26.16 -8.79 -38.79
C LYS I 59 -27.39 -8.49 -39.62
N TYR I 60 -28.54 -8.98 -39.17
CA TYR I 60 -29.78 -8.84 -39.91
C TYR I 60 -30.86 -8.33 -38.99
N ASP I 61 -31.75 -7.50 -39.53
CA ASP I 61 -32.95 -7.15 -38.81
C ASP I 61 -33.77 -8.41 -38.55
N PRO I 62 -34.36 -8.56 -37.36
CA PRO I 62 -34.99 -9.85 -37.04
C PRO I 62 -36.04 -10.29 -38.04
N LYS I 63 -36.85 -9.35 -38.55
CA LYS I 63 -37.89 -9.73 -39.49
C LYS I 63 -37.34 -10.11 -40.87
N PHE I 64 -36.06 -9.88 -41.12
CA PHE I 64 -35.42 -10.35 -42.35
C PHE I 64 -34.47 -11.50 -42.10
N GLN I 65 -34.48 -12.09 -40.92
CA GLN I 65 -33.65 -13.25 -40.64
C GLN I 65 -34.12 -14.44 -41.45
N GLY I 66 -33.18 -15.15 -42.08
CA GLY I 66 -33.51 -16.29 -42.89
C GLY I 66 -33.88 -15.93 -44.32
N LYS I 67 -34.68 -14.87 -44.50
CA LYS I 67 -35.18 -14.54 -45.83
C LYS I 67 -34.11 -13.88 -46.68
N ALA I 68 -33.23 -13.08 -46.07
CA ALA I 68 -32.19 -12.36 -46.80
C ALA I 68 -30.82 -12.80 -46.31
N THR I 69 -29.86 -12.80 -47.23
CA THR I 69 -28.47 -13.07 -46.89
C THR I 69 -27.59 -12.08 -47.65
N ILE I 70 -26.58 -11.56 -46.96
CA ILE I 70 -25.69 -10.54 -47.51
C ILE I 70 -24.27 -11.10 -47.54
N THR I 71 -23.63 -10.97 -48.69
CA THR I 71 -22.27 -11.45 -48.87
C THR I 71 -21.46 -10.40 -49.62
N THR I 72 -20.15 -10.48 -49.47
CA THR I 72 -19.22 -9.52 -50.04
C THR I 72 -18.19 -10.22 -50.92
N ASP I 73 -17.44 -9.42 -51.66
CA ASP I 73 -16.35 -9.92 -52.52
C ASP I 73 -15.24 -8.89 -52.47
N THR I 74 -14.28 -9.11 -51.58
CA THR I 74 -13.20 -8.16 -51.39
C THR I 74 -12.43 -7.92 -52.67
N PHE I 75 -12.31 -8.93 -53.53
CA PHE I 75 -11.53 -8.77 -54.76
C PHE I 75 -12.15 -7.75 -55.68
N SER I 76 -13.46 -7.86 -55.93
CA SER I 76 -14.14 -6.98 -56.86
C SER I 76 -14.71 -5.73 -56.19
N ASN I 77 -14.60 -5.62 -54.86
CA ASN I 77 -15.08 -4.45 -54.15
C ASN I 77 -16.60 -4.31 -54.30
N THR I 78 -17.31 -5.41 -54.17
CA THR I 78 -18.75 -5.45 -54.39
C THR I 78 -19.42 -6.11 -53.18
N ALA I 79 -20.66 -5.68 -52.92
CA ALA I 79 -21.51 -6.29 -51.91
C ALA I 79 -22.73 -6.88 -52.58
N TYR I 80 -23.19 -8.02 -52.06
CA TYR I 80 -24.27 -8.78 -52.69
C TYR I 80 -25.40 -8.96 -51.68
N LEU I 81 -26.62 -8.67 -52.12
CA LEU I 81 -27.82 -8.99 -51.36
C LEU I 81 -28.60 -10.05 -52.10
N GLN I 82 -28.90 -11.15 -51.42
CA GLN I 82 -29.58 -12.30 -52.02
C GLN I 82 -30.83 -12.59 -51.22
N LEU I 83 -31.98 -12.60 -51.90
CA LEU I 83 -33.29 -12.82 -51.28
C LEU I 83 -33.76 -14.21 -51.66
N SER I 84 -33.77 -15.12 -50.68
CA SER I 84 -34.04 -16.53 -50.95
C SER I 84 -35.43 -16.77 -51.50
N SER I 85 -36.45 -16.50 -50.70
CA SER I 85 -37.85 -16.78 -51.06
C SER I 85 -38.67 -15.55 -50.72
N LEU I 86 -39.23 -14.91 -51.74
CA LEU I 86 -39.90 -13.63 -51.58
C LEU I 86 -41.32 -13.70 -52.12
N THR I 87 -42.25 -13.10 -51.39
CA THR I 87 -43.63 -12.99 -51.82
C THR I 87 -43.80 -11.68 -52.59
N SER I 88 -45.04 -11.27 -52.81
CA SER I 88 -45.30 -10.01 -53.50
C SER I 88 -45.15 -8.80 -52.60
N GLU I 89 -45.15 -8.98 -51.28
CA GLU I 89 -45.15 -7.84 -50.38
C GLU I 89 -43.86 -7.03 -50.48
N ASP I 90 -42.74 -7.71 -50.69
CA ASP I 90 -41.43 -7.03 -50.77
C ASP I 90 -41.10 -6.59 -52.19
N THR I 91 -42.05 -5.89 -52.81
CA THR I 91 -41.84 -5.31 -54.14
C THR I 91 -41.34 -3.87 -54.04
N ALA I 92 -40.28 -3.66 -53.28
CA ALA I 92 -39.79 -2.32 -52.96
C ALA I 92 -38.43 -2.07 -53.57
N VAL I 93 -38.04 -0.79 -53.60
CA VAL I 93 -36.69 -0.42 -53.98
C VAL I 93 -35.73 -0.83 -52.88
N TYR I 94 -34.49 -1.16 -53.27
CA TYR I 94 -33.45 -1.58 -52.34
C TYR I 94 -32.24 -0.69 -52.51
N TYR I 95 -31.71 -0.19 -51.40
CA TYR I 95 -30.62 0.78 -51.41
C TYR I 95 -29.38 0.17 -50.79
N CYS I 96 -28.23 0.51 -51.37
CA CYS I 96 -26.92 0.12 -50.87
C CYS I 96 -26.25 1.36 -50.31
N ALA I 97 -25.86 1.31 -49.03
CA ALA I 97 -25.21 2.44 -48.39
C ALA I 97 -24.03 1.96 -47.57
N ARG I 98 -23.11 2.89 -47.31
CA ARG I 98 -21.92 2.63 -46.52
C ARG I 98 -21.90 3.51 -45.27
N LYS I 99 -21.22 3.01 -44.24
CA LYS I 99 -21.11 3.74 -42.98
C LYS I 99 -20.31 5.02 -43.20
N GLY I 100 -20.69 6.07 -42.48
CA GLY I 100 -20.05 7.36 -42.61
C GLY I 100 -19.31 7.78 -41.35
N LEU I 101 -19.24 9.10 -41.11
CA LEU I 101 -18.36 9.60 -40.06
C LEU I 101 -18.82 9.19 -38.68
N ARG I 102 -19.98 9.67 -38.24
CA ARG I 102 -20.52 9.32 -36.93
C ARG I 102 -21.52 8.18 -37.04
N TRP I 103 -21.10 7.09 -37.68
CA TRP I 103 -21.96 5.95 -37.97
C TRP I 103 -23.18 6.35 -38.79
N ALA I 104 -23.09 7.47 -39.50
CA ALA I 104 -24.15 7.86 -40.42
C ALA I 104 -23.92 7.19 -41.77
N MET I 105 -24.96 7.23 -42.61
CA MET I 105 -24.96 6.54 -43.89
C MET I 105 -24.75 7.61 -44.97
N ASP I 106 -23.49 7.94 -45.21
CA ASP I 106 -23.15 9.13 -45.98
C ASP I 106 -23.32 8.95 -47.49
N TYR I 107 -23.14 7.74 -48.00
CA TYR I 107 -23.24 7.50 -49.43
C TYR I 107 -24.22 6.37 -49.70
N TRP I 108 -25.22 6.65 -50.54
CA TRP I 108 -26.23 5.69 -50.93
C TRP I 108 -26.07 5.32 -52.40
N GLY I 109 -26.55 4.13 -52.75
CA GLY I 109 -26.66 3.74 -54.13
C GLY I 109 -27.88 4.35 -54.79
N GLN I 110 -27.97 4.17 -56.11
CA GLN I 110 -29.07 4.76 -56.85
C GLN I 110 -30.38 4.03 -56.60
N GLY I 111 -30.33 2.77 -56.17
CA GLY I 111 -31.54 2.02 -55.87
C GLY I 111 -31.94 1.07 -56.98
N THR I 112 -32.13 -0.19 -56.64
CA THR I 112 -32.61 -1.20 -57.58
C THR I 112 -34.10 -1.44 -57.33
N SER I 113 -34.92 -1.21 -58.37
CA SER I 113 -36.35 -1.38 -58.25
C SER I 113 -36.68 -2.85 -58.47
N VAL I 114 -37.03 -3.56 -57.41
CA VAL I 114 -37.43 -4.97 -57.50
C VAL I 114 -38.95 -5.01 -57.54
N THR I 115 -39.50 -5.38 -58.68
CA THR I 115 -40.93 -5.58 -58.86
C THR I 115 -41.18 -7.04 -59.15
N VAL I 116 -42.21 -7.61 -58.52
CA VAL I 116 -42.52 -9.03 -58.63
C VAL I 116 -43.99 -9.17 -59.02
N SER I 117 -44.24 -10.00 -60.02
CA SER I 117 -45.59 -10.24 -60.53
C SER I 117 -45.50 -11.44 -61.47
N THR I 118 -46.60 -11.70 -62.18
CA THR I 118 -46.64 -12.79 -63.15
C THR I 118 -47.22 -12.29 -64.47
C1 NAG J . 30.15 32.86 -11.37
C2 NAG J . 29.88 34.36 -11.35
C3 NAG J . 30.81 35.06 -10.38
C4 NAG J . 30.72 34.44 -9.00
C5 NAG J . 30.95 32.93 -9.07
C6 NAG J . 30.71 32.21 -7.77
C7 NAG J . 29.08 35.69 -13.26
C8 NAG J . 29.39 36.19 -14.63
N2 NAG J . 30.01 34.93 -12.69
O3 NAG J . 30.48 36.44 -10.30
O4 NAG J . 31.72 35.02 -8.15
O5 NAG J . 30.05 32.33 -10.04
O6 NAG J . 30.30 30.87 -7.98
O7 NAG J . 28.02 35.96 -12.69
C1 NAG J . 31.32 35.02 -6.78
C2 NAG J . 32.45 35.66 -5.98
C3 NAG J . 32.08 35.71 -4.50
C4 NAG J . 30.77 36.46 -4.33
C5 NAG J . 29.69 35.81 -5.18
C6 NAG J . 28.37 36.55 -5.14
C7 NAG J . 33.84 33.64 -5.85
C8 NAG J . 35.20 33.05 -6.13
N2 NAG J . 33.69 34.94 -6.16
O3 NAG J . 33.11 36.36 -3.77
O4 NAG J . 30.37 36.44 -2.97
O5 NAG J . 30.11 35.76 -6.55
O6 NAG J . 28.51 37.85 -5.70
O7 NAG J . 32.92 32.98 -5.38
C1 NAG K . 21.85 -30.22 -18.85
C2 NAG K . 22.73 -31.32 -18.25
C3 NAG K . 22.12 -32.69 -18.53
C4 NAG K . 20.67 -32.73 -18.07
C5 NAG K . 19.89 -31.57 -18.67
C6 NAG K . 18.47 -31.48 -18.17
C7 NAG K . 25.13 -31.80 -18.18
C8 NAG K . 26.45 -31.63 -18.87
N2 NAG K . 24.08 -31.24 -18.78
O3 NAG K . 22.88 -33.69 -17.86
O4 NAG K . 20.06 -33.96 -18.46
O5 NAG K . 20.53 -30.33 -18.32
O6 NAG K . 18.42 -31.60 -16.76
O7 NAG K . 25.02 -32.41 -17.13
C1 NAG K . 19.69 -34.67 -17.27
C2 NAG K . 18.46 -35.54 -17.58
C3 NAG K . 18.09 -36.39 -16.37
C4 NAG K . 19.30 -37.16 -15.86
C5 NAG K . 20.46 -36.20 -15.59
C6 NAG K . 21.72 -36.89 -15.16
C7 NAG K . 16.74 -34.85 -19.19
C8 NAG K . 15.60 -33.93 -19.45
N2 NAG K . 17.34 -34.73 -18.00
O3 NAG K . 17.05 -37.29 -16.72
O4 NAG K . 18.98 -37.86 -14.66
O5 NAG K . 20.77 -35.50 -16.80
O6 NAG K . 22.60 -37.12 -16.26
O7 NAG K . 17.13 -35.68 -20.02
C1 NAG L . 22.35 15.41 19.43
C2 NAG L . 23.20 16.43 20.18
C3 NAG L . 24.58 16.55 19.55
C4 NAG L . 25.22 15.17 19.48
C5 NAG L . 24.31 14.19 18.76
C6 NAG L . 24.83 12.77 18.79
C7 NAG L . 22.15 18.38 19.13
C8 NAG L . 21.50 19.71 19.36
N2 NAG L . 22.55 17.73 20.23
O3 NAG L . 25.38 17.42 20.32
O4 NAG L . 26.46 15.25 18.77
O5 NAG L . 23.02 14.16 19.40
O6 NAG L . 25.10 12.35 20.12
O7 NAG L . 22.29 17.91 18.01
C1 NAG L . 27.50 15.60 19.70
C2 NAG L . 28.79 14.93 19.25
C3 NAG L . 29.94 15.33 20.16
C4 NAG L . 30.05 16.84 20.23
C5 NAG L . 28.72 17.44 20.65
C6 NAG L . 28.72 18.95 20.63
C7 NAG L . 28.63 12.75 18.12
C8 NAG L . 28.46 11.28 18.30
N2 NAG L . 28.64 13.48 19.24
O3 NAG L . 31.16 14.78 19.66
O4 NAG L . 31.05 17.21 21.18
O5 NAG L . 27.69 17.02 19.74
O6 NAG L . 28.60 19.46 19.31
O7 NAG L . 28.75 13.26 17.01
C1 BMA L . 32.23 17.63 20.46
C2 BMA L . 32.93 18.69 21.32
C3 BMA L . 34.19 19.13 20.58
C4 BMA L . 35.07 17.92 20.23
C5 BMA L . 34.26 16.86 19.46
C6 BMA L . 35.02 15.57 19.22
O2 BMA L . 33.33 18.11 22.56
O3 BMA L . 34.92 20.15 21.28
O4 BMA L . 36.17 18.34 19.43
O5 BMA L . 33.08 16.53 20.22
O6 BMA L . 35.77 15.26 20.39
C1 MAN L . 35.59 19.65 22.46
C2 MAN L . 34.97 20.36 23.68
C3 MAN L . 35.29 21.84 23.61
C4 MAN L . 36.80 22.05 23.49
C5 MAN L . 37.34 21.28 22.26
C6 MAN L . 38.85 21.36 22.13
O2 MAN L . 35.55 19.90 24.90
O3 MAN L . 34.79 22.55 24.74
O4 MAN L . 37.10 23.43 23.36
O5 MAN L . 36.97 19.89 22.37
O6 MAN L . 39.43 20.69 23.23
C1 MAN L . 36.61 14.12 20.10
C2 MAN L . 36.90 13.42 21.44
C3 MAN L . 37.78 14.30 22.31
C4 MAN L . 38.99 14.88 21.56
C5 MAN L . 38.57 15.48 20.20
C6 MAN L . 39.77 15.77 19.33
O2 MAN L . 37.62 12.21 21.25
O3 MAN L . 38.29 13.56 23.42
O4 MAN L . 39.54 15.93 22.31
O5 MAN L . 37.79 14.54 19.47
O6 MAN L . 39.34 15.81 17.98
C1 NAG M . 17.04 5.13 -8.02
C2 NAG M . 17.09 6.38 -8.91
C3 NAG M . 15.72 6.65 -9.53
C4 NAG M . 15.20 5.41 -10.24
C5 NAG M . 15.18 4.24 -9.26
C6 NAG M . 14.75 2.94 -9.91
C7 NAG M . 18.74 8.11 -8.36
C8 NAG M . 19.05 9.30 -7.50
N2 NAG M . 17.55 7.53 -8.16
O3 NAG M . 15.82 7.72 -10.45
O4 NAG M . 13.89 5.63 -10.73
O5 NAG M . 16.51 4.02 -8.75
O6 NAG M . 15.71 2.49 -10.85
O7 NAG M . 19.53 7.69 -9.19
C1 NAG M . 13.92 5.47 -12.16
C2 NAG M . 12.51 5.18 -12.66
C3 NAG M . 12.51 5.05 -14.18
C4 NAG M . 13.13 6.29 -14.81
C5 NAG M . 14.51 6.54 -14.22
C6 NAG M . 15.14 7.82 -14.71
C7 NAG M . 11.19 3.97 -10.97
C8 NAG M . 10.75 2.63 -10.49
N2 NAG M . 11.98 3.96 -12.05
O3 NAG M . 11.17 4.90 -14.64
O4 NAG M . 13.28 6.08 -16.21
O5 NAG M . 14.42 6.65 -12.79
O6 NAG M . 14.32 8.95 -14.43
O7 NAG M . 10.86 5.01 -10.42
C1 BMA M . 12.66 7.15 -16.95
C2 BMA M . 13.27 7.10 -18.36
C3 BMA M . 12.49 7.99 -19.33
C4 BMA M . 10.98 7.89 -19.17
C5 BMA M . 10.58 7.99 -17.69
C6 BMA M . 9.10 7.76 -17.48
O2 BMA M . 13.18 5.79 -18.88
O3 BMA M . 12.84 7.64 -20.65
O4 BMA M . 10.35 8.92 -19.89
O5 BMA M . 11.26 6.97 -16.98
O6 BMA M . 8.80 8.05 -16.13
C1 MAN M . 12.98 8.80 -21.49
C2 MAN M . 13.15 8.27 -22.92
C3 MAN M . 14.48 7.55 -23.03
C4 MAN M . 15.59 8.51 -22.66
C5 MAN M . 15.40 8.99 -21.22
C6 MAN M . 16.41 10.04 -20.81
O2 MAN M . 13.22 9.34 -23.86
O3 MAN M . 14.68 7.00 -24.32
O4 MAN M . 16.85 7.87 -22.78
O5 MAN M . 14.08 9.58 -21.07
O6 MAN M . 16.00 11.28 -21.38
C1 MAN M . 12.45 9.00 -25.02
C2 MAN M . 12.81 10.03 -26.11
C3 MAN M . 12.24 11.40 -25.73
C4 MAN M . 10.76 11.28 -25.38
C5 MAN M . 10.56 10.26 -24.26
C6 MAN M . 9.11 10.06 -23.91
O2 MAN M . 12.22 9.70 -27.36
O3 MAN M . 12.41 12.34 -26.77
O4 MAN M . 10.28 12.54 -24.95
O5 MAN M . 11.08 9.00 -24.71
O6 MAN M . 8.58 11.33 -23.53
C1 MAN M . 13.17 8.90 -28.09
C2 MAN M . 12.75 8.94 -29.57
C3 MAN M . 11.38 8.32 -29.71
C4 MAN M . 11.34 6.91 -29.09
C5 MAN M . 11.90 6.92 -27.65
C6 MAN M . 12.10 5.54 -27.09
O2 MAN M . 13.63 8.15 -30.38
O3 MAN M . 10.97 8.27 -31.07
O4 MAN M . 10.00 6.44 -29.06
O5 MAN M . 13.18 7.58 -27.63
O6 MAN M . 12.43 5.66 -25.71
C1 MAN M . 7.40 7.74 -15.89
C2 MAN M . 7.14 7.91 -14.36
C3 MAN M . 7.78 6.79 -13.56
C4 MAN M . 7.47 5.43 -14.17
C5 MAN M . 7.90 5.44 -15.62
C6 MAN M . 7.66 4.15 -16.36
O2 MAN M . 5.74 7.82 -14.08
O3 MAN M . 7.37 6.83 -12.20
O4 MAN M . 8.19 4.42 -13.49
O5 MAN M . 7.13 6.43 -16.30
O6 MAN M . 8.22 4.30 -17.66
C1 MAN M . 7.49 3.50 -18.61
C2 MAN M . 8.51 3.01 -19.65
C3 MAN M . 9.05 4.18 -20.42
C4 MAN M . 7.89 4.93 -21.09
C5 MAN M . 6.89 5.38 -20.02
C6 MAN M . 5.65 6.00 -20.61
O2 MAN M . 7.89 2.18 -20.63
O3 MAN M . 10.01 3.80 -21.39
O4 MAN M . 8.38 6.05 -21.80
O5 MAN M . 6.46 4.27 -19.21
O6 MAN M . 4.54 5.19 -20.24
C1 MAN M . 8.16 0.79 -20.34
C2 MAN M . 7.86 0.04 -21.66
C3 MAN M . 6.37 0.06 -21.93
C4 MAN M . 5.60 -0.45 -20.71
C5 MAN M . 5.94 0.42 -19.51
C6 MAN M . 5.25 -0.04 -18.24
O2 MAN M . 8.21 -1.34 -21.54
O3 MAN M . 6.03 -0.67 -23.09
O4 MAN M . 4.20 -0.40 -20.96
O5 MAN M . 7.36 0.35 -19.28
O6 MAN M . 5.35 1.01 -17.28
C1 MAN M . 8.56 6.96 -11.39
C2 MAN M . 8.15 6.76 -9.92
C3 MAN M . 7.24 7.90 -9.50
C4 MAN M . 7.94 9.24 -9.74
C5 MAN M . 8.34 9.36 -11.21
C6 MAN M . 9.16 10.60 -11.48
O2 MAN M . 9.28 6.82 -9.05
O3 MAN M . 6.84 7.79 -8.14
O4 MAN M . 7.05 10.30 -9.41
O5 MAN M . 9.15 8.23 -11.58
O6 MAN M . 8.38 11.73 -11.11
C1 NAG N . -12.21 -23.80 -7.32
C2 NAG N . -12.56 -25.26 -7.54
C3 NAG N . -12.15 -25.69 -8.95
C4 NAG N . -12.79 -24.76 -9.98
C5 NAG N . -12.45 -23.32 -9.66
C6 NAG N . -13.15 -22.34 -10.57
C7 NAG N . -10.63 -26.07 -6.27
C8 NAG N . -10.15 -27.03 -5.22
N2 NAG N . -11.94 -26.11 -6.55
O3 NAG N . -12.57 -27.03 -9.18
O4 NAG N . -12.30 -25.08 -11.28
O5 NAG N . -12.84 -23.00 -8.32
O6 NAG N . -14.53 -22.67 -10.71
O7 NAG N . -9.87 -25.29 -6.84
C1 NAG N . -13.20 -25.97 -11.93
C2 NAG N . -13.29 -25.54 -13.40
C3 NAG N . -14.20 -26.49 -14.18
C4 NAG N . -13.72 -27.92 -14.00
C5 NAG N . -13.63 -28.26 -12.52
C6 NAG N . -13.06 -29.63 -12.26
C7 NAG N . -13.58 -23.42 -14.61
C8 NAG N . -14.14 -22.04 -14.56
N2 NAG N . -13.77 -24.17 -13.52
O3 NAG N . -14.18 -26.14 -15.55
O4 NAG N . -14.62 -28.81 -14.64
O5 NAG N . -12.77 -27.33 -11.86
O6 NAG N . -12.00 -29.58 -11.33
O7 NAG N . -12.99 -23.86 -15.60
C1 BMA N . -13.90 -29.60 -15.61
C2 BMA N . -14.27 -31.07 -15.39
C3 BMA N . -13.51 -31.90 -16.44
C4 BMA N . -13.87 -31.41 -17.84
C5 BMA N . -13.50 -29.93 -17.95
C6 BMA N . -13.82 -29.34 -19.31
O2 BMA N . -15.66 -31.26 -15.61
O3 BMA N . -13.70 -33.32 -16.29
O4 BMA N . -13.17 -32.16 -18.81
O5 BMA N . -14.22 -29.20 -16.94
O6 BMA N . -15.23 -29.36 -19.49
C1 MAN N . -15.06 -33.72 -16.59
C2 MAN N . -15.69 -34.24 -15.28
C3 MAN N . -14.96 -35.49 -14.84
C4 MAN N . -14.98 -36.54 -15.97
C5 MAN N . -14.35 -35.93 -17.23
C6 MAN N . -14.43 -36.87 -18.42
O2 MAN N . -17.05 -34.62 -15.47
O3 MAN N . -15.53 -36.05 -13.66
O4 MAN N . -14.25 -37.68 -15.57
O5 MAN N . -15.06 -34.72 -17.59
O6 MAN N . -13.57 -37.98 -18.17
C1 MAN N . -15.50 -29.72 -20.87
C2 MAN N . -16.05 -28.47 -21.57
C3 MAN N . -17.39 -28.11 -20.95
C4 MAN N . -18.34 -29.30 -21.03
C5 MAN N . -17.70 -30.51 -20.31
C6 MAN N . -18.55 -31.77 -20.41
O2 MAN N . -16.31 -28.72 -22.95
O3 MAN N . -17.99 -26.98 -21.60
O4 MAN N . -19.57 -28.99 -20.40
O5 MAN N . -16.42 -30.79 -20.93
O6 MAN N . -17.85 -32.82 -19.76
C1 NAG O . -2.32 37.84 -14.05
C2 NAG O . -3.20 38.89 -13.41
C3 NAG O . -3.45 40.02 -14.41
C4 NAG O . -2.13 40.53 -14.99
C5 NAG O . -1.21 39.39 -15.43
C6 NAG O . 0.19 39.86 -15.75
C7 NAG O . -5.08 38.63 -11.82
C8 NAG O . -4.41 39.64 -10.95
N2 NAG O . -4.46 38.31 -12.97
O3 NAG O . -4.13 41.08 -13.76
O4 NAG O . -2.41 41.33 -16.13
O5 NAG O . -1.09 38.41 -14.40
O6 NAG O . 0.83 40.39 -14.59
O7 NAG O . -6.15 38.10 -11.50
C1 NAG O . -2.54 42.71 -15.75
C2 NAG O . -2.31 43.57 -17.00
C3 NAG O . -2.50 45.04 -16.67
C4 NAG O . -3.86 45.27 -16.00
C5 NAG O . -4.02 44.33 -14.81
C6 NAG O . -5.40 44.40 -14.19
C7 NAG O . -0.76 42.55 -18.60
C8 NAG O . 0.68 42.43 -19.03
N2 NAG O . -0.98 43.34 -17.54
O3 NAG O . -2.43 45.80 -17.87
O4 NAG O . -3.95 46.62 -15.55
O5 NAG O . -3.84 42.97 -15.23
O6 NAG O . -5.40 43.94 -12.85
O7 NAG O . -1.66 41.96 -19.18
C1 NAG P . 8.30 -3.14 -17.86
C2 NAG P . 9.45 -2.20 -17.55
C3 NAG P . 10.33 -2.02 -18.77
C4 NAG P . 10.80 -3.37 -19.29
C5 NAG P . 9.61 -4.29 -19.52
C6 NAG P . 10.02 -5.70 -19.91
C7 NAG P . 8.83 -0.65 -15.75
C8 NAG P . 8.33 0.71 -15.43
N2 NAG P . 8.97 -0.93 -17.06
O3 NAG P . 11.45 -1.21 -18.43
O4 NAG P . 11.52 -3.20 -20.51
O5 NAG P . 8.82 -4.40 -18.33
O6 NAG P . 11.30 -6.01 -19.40
O7 NAG P . 9.09 -1.48 -14.89
C1 NAG P . 12.94 -3.28 -20.30
C2 NAG P . 13.58 -3.62 -21.63
C3 NAG P . 15.10 -3.72 -21.47
C4 NAG P . 15.62 -2.42 -20.90
C5 NAG P . 14.91 -2.13 -19.58
C6 NAG P . 15.33 -0.83 -18.95
C7 NAG P . 13.16 -5.22 -23.45
C8 NAG P . 12.55 -6.54 -23.83
N2 NAG P . 13.05 -4.87 -22.16
O3 NAG P . 15.70 -3.97 -22.73
O4 NAG P . 17.03 -2.52 -20.68
O5 NAG P . 13.50 -2.05 -19.80
O6 NAG P . 15.43 0.21 -19.92
O7 NAG P . 13.71 -4.50 -24.28
C1 BMA P . 17.73 -1.47 -21.38
C2 BMA P . 18.76 -0.87 -20.46
C3 BMA P . 19.37 0.36 -21.13
C4 BMA P . 19.71 0.13 -22.64
C5 BMA P . 18.81 -0.90 -23.37
C6 BMA P . 19.50 -1.48 -24.60
O2 BMA P . 19.81 -1.78 -20.22
O3 BMA P . 20.56 0.75 -20.46
O4 BMA P . 19.61 1.37 -23.32
O5 BMA P . 18.43 -1.97 -22.49
O6 BMA P . 20.21 -2.65 -24.23
C1 MAN P . 20.24 1.84 -19.57
C2 MAN P . 21.03 3.07 -20.01
C3 MAN P . 22.53 2.77 -19.97
C4 MAN P . 22.96 2.06 -18.64
C5 MAN P . 21.93 1.00 -18.18
C6 MAN P . 22.15 0.53 -16.75
O2 MAN P . 20.83 4.18 -19.13
O3 MAN P . 23.31 3.94 -20.13
O4 MAN P . 24.21 1.43 -18.81
O5 MAN P . 20.61 1.54 -18.25
O6 MAN P . 23.53 0.15 -16.62
C1 MAN P . 20.69 -3.31 -25.42
C2 MAN P . 21.62 -4.48 -24.99
C3 MAN P . 22.94 -3.95 -24.43
C4 MAN P . 23.56 -2.86 -25.32
C5 MAN P . 22.55 -1.79 -25.71
C6 MAN P . 23.07 -0.90 -26.81
O2 MAN P . 21.99 -5.29 -26.11
O3 MAN P . 23.89 -4.99 -24.31
O4 MAN P . 24.58 -2.19 -24.58
O5 MAN P . 21.38 -2.41 -26.27
O6 MAN P . 22.38 0.33 -26.76
N ABU Q . 30.26 4.15 3.65
CD ABU Q . 31.30 3.16 3.48
CB ABU Q . 30.66 1.78 3.38
CG ABU Q . 31.75 0.72 3.46
C ABU Q . 31.12 -0.66 3.58
O ABU Q . 29.86 -0.78 3.57
OXT ABU Q . 31.85 -1.68 3.67
CAA A1ADG R . -5.19 4.00 34.07
CAB A1ADG R . -4.12 3.35 33.45
CAC A1ADG R . -3.07 4.09 32.95
CAD A1ADG R . -1.99 3.46 32.34
CAE A1ADG R . -1.99 2.08 32.20
CAF A1ADG R . -3.05 1.33 32.69
CAG A1ADG R . -4.12 1.97 33.32
CAI A1ADG R . -5.16 0.83 35.07
CAK A1ADG R . -7.21 -0.23 34.73
CAL A1ADG R . -8.27 -0.99 35.22
CAM A1ADG R . -9.32 -1.33 34.37
CAN A1ADG R . -9.31 -0.91 33.05
CAO A1ADG R . -8.24 -0.15 32.57
CAP A1ADG R . -7.20 0.18 33.42
CAQ A1ADG R . -6.13 0.93 32.95
CAS A1ADG R . -4.12 1.14 35.94
NAH A1ADG R . -5.14 1.24 33.79
NAJ A1ADG R . -6.19 0.10 35.53
OAR A1ADG R . -6.09 1.32 31.79
C1 PTY S . 9.44 3.34 37.22
C2 PTY S . 13.91 0.03 34.89
C3 PTY S . 13.16 1.26 35.33
O4 PTY S . 10.89 3.37 37.15
C5 PTY S . 9.37 0.84 36.80
C6 PTY S . 9.03 1.98 37.74
O7 PTY S . 7.59 1.97 37.95
C8 PTY S . 7.08 2.90 38.78
O10 PTY S . 7.73 3.43 39.64
C11 PTY S . 5.63 3.20 38.51
C12 PTY S . 5.08 4.31 39.34
C13 PTY S . 3.68 4.02 39.85
C14 PTY S . 3.23 4.94 40.97
C15 PTY S . 1.82 5.44 40.83
C16 PTY S . 1.64 6.90 41.17
C17 PTY S . 1.71 7.21 42.64
C18 PTY S . 0.43 6.92 43.39
C19 PTY S . -0.07 8.08 44.21
C20 PTY S . -0.29 7.77 45.67
C21 PTY S . -1.59 8.27 46.24
C30 PTY S . 11.45 4.58 37.13
C31 PTY S . 10.42 5.67 37.01
O30 PTY S . 12.64 4.74 37.19
C32 PTY S . 10.63 6.78 37.99
C33 PTY S . 9.87 8.04 37.62
C34 PTY S . 9.58 8.95 38.79
C35 PTY S . 8.12 9.28 38.98
C36 PTY S . 7.83 10.72 39.31
C37 PTY S . 6.46 10.97 39.87
C38 PTY S . 6.43 11.26 41.34
C39 PTY S . 6.50 10.02 42.22
C40 PTY S . 5.99 10.22 43.61
C41 PTY S . 4.69 10.99 43.70
C42 PTY S . 3.69 10.42 44.66
C43 PTY S . 3.66 11.10 46.01
P1 PTY S . 10.65 1.38 34.54
O11 PTY S . 11.78 0.91 35.59
O12 PTY S . 10.90 2.81 34.18
O13 PTY S . 10.54 0.33 33.47
O14 PTY S . 9.30 1.32 35.43
N1 PTY S . 13.47 -1.16 35.62
C1 PTY T . 9.07 -6.67 35.23
C2 PTY T . 12.56 -8.10 33.19
C3 PTY T . 12.60 -6.60 33.25
O4 PTY T . 8.64 -7.92 34.66
C5 PTY T . 9.47 -5.18 33.22
C6 PTY T . 8.55 -5.55 34.36
O7 PTY T . 8.34 -4.37 35.20
C8 PTY T . 7.41 -3.48 34.82
O10 PTY T . 7.27 -3.13 33.68
C11 PTY T . 6.61 -2.96 35.97
C12 PTY T . 6.08 -1.58 35.76
C13 PTY T . 4.68 -1.39 36.28
C14 PTY T . 4.34 -2.27 37.46
C15 PTY T . 4.05 -1.51 38.74
C16 PTY T . 3.48 -0.13 38.52
C17 PTY T . 2.74 0.42 39.71
C18 PTY T . 1.35 -0.13 39.88
C19 PTY T . 0.79 0.07 41.27
C20 PTY T . -0.71 0.04 41.33
C21 PTY T . -1.41 0.85 40.26
C30 PTY T . 8.21 -8.83 35.53
C31 PTY T . 6.82 -8.54 36.01
O30 PTY T . 8.88 -9.77 35.87
C32 PTY T . 5.99 -9.76 36.21
C33 PTY T . 5.01 -9.62 37.36
C34 PTY T . 3.63 -9.20 36.93
C35 PTY T . 2.80 -8.61 38.04
C36 PTY T . 2.63 -9.49 39.24
C37 PTY T . 1.57 -9.03 40.21
C38 PTY T . 0.68 -10.14 40.72
C39 PTY T . 0.12 -9.90 42.10
C40 PTY T . -1.37 -10.12 42.21
C41 PTY T . -1.78 -10.98 43.37
C42 PTY T . -3.25 -10.93 43.69
C43 PTY T . -3.60 -10.02 44.84
C44 PTY T . -4.96 -10.30 45.44
P1 PTY T . 10.89 -6.26 31.27
O11 PTY T . 12.34 -6.05 31.93
O12 PTY T . 10.51 -5.00 30.53
O13 PTY T . 10.88 -7.58 30.55
O14 PTY T . 9.94 -6.39 32.56
N1 PTY T . 11.22 -8.62 33.51
N ABU U . -5.81 -12.01 -23.58
CD ABU U . -5.40 -11.09 -24.63
CB ABU U . -6.50 -10.05 -24.85
CG ABU U . -6.25 -9.33 -26.17
C ABU U . -7.29 -8.22 -26.34
O ABU U . -8.52 -8.50 -26.36
OXT ABU U . -6.91 -7.03 -26.47
CAA A1ADG V . -25.81 -6.06 17.81
CAB A1ADG V . -25.89 -5.95 16.43
CAC A1ADG V . -25.32 -6.94 15.63
CAD A1ADG V . -25.40 -6.85 14.25
CAE A1ADG V . -26.02 -5.75 13.67
CAF A1ADG V . -26.58 -4.76 14.47
CAG A1ADG V . -26.51 -4.86 15.85
CAI A1ADG V . -28.32 -4.00 17.04
CAK A1ADG V . -28.12 -1.99 18.18
CAL A1ADG V . -28.68 -1.00 18.99
CAM A1ADG V . -27.91 0.10 19.36
CAN A1ADG V . -26.59 0.19 18.94
CAO A1ADG V . -26.05 -0.79 18.14
CAP A1ADG V . -26.81 -1.88 17.77
CAQ A1ADG V . -26.29 -2.87 16.97
CAS A1ADG V . -29.12 -5.08 16.66
NAH A1ADG V . -27.05 -3.91 16.62
NAJ A1ADG V . -28.86 -3.04 17.81
OAR A1ADG V . -25.12 -2.81 16.57
C1 PTY W . -30.77 -14.41 5.92
C2 PTY W . -30.44 -10.30 0.33
C3 PTY W . -31.60 -11.25 0.48
O4 PTY W . -31.12 -15.78 5.62
C5 PTY W . -31.95 -12.88 4.29
C6 PTY W . -31.98 -13.54 5.65
O7 PTY W . -32.10 -12.52 6.66
C8 PTY W . -32.38 -12.89 7.92
O10 PTY W . -32.62 -14.02 8.23
C11 PTY W . -32.37 -11.73 8.88
C12 PTY W . -31.57 -11.99 10.12
C13 PTY W . -32.41 -11.94 11.37
C14 PTY W . -32.15 -13.07 12.34
C15 PTY W . -32.74 -12.88 13.71
C16 PTY W . -32.31 -13.92 14.70
C17 PTY W . -33.41 -14.44 15.59
C18 PTY W . -33.08 -14.45 17.06
C19 PTY W . -33.29 -15.79 17.73
C20 PTY W . -34.69 -16.02 18.21
C21 PTY W . -35.08 -15.25 19.44
C30 PTY W . -30.54 -16.72 6.36
C31 PTY W . -31.14 -16.79 7.73
O30 PTY W . -29.64 -17.41 5.96
C32 PTY W . -31.96 -18.01 7.95
C33 PTY W . -31.12 -19.26 8.13
C34 PTY W . -29.87 -19.05 8.95
C35 PTY W . -29.36 -20.30 9.61
C36 PTY W . -29.72 -20.43 11.06
C37 PTY W . -29.77 -19.12 11.80
C38 PTY W . -30.39 -19.21 13.17
C39 PTY W . -31.74 -19.87 13.18
C40 PTY W . -32.36 -19.98 14.56
C41 PTY W . -33.66 -19.24 14.71
C42 PTY W . -34.76 -20.04 15.37
C43 PTY W . -34.58 -20.24 16.85
P1 PTY W . -30.33 -11.43 2.78
O11 PTY W . -31.54 -11.83 1.81
O12 PTY W . -29.09 -12.13 2.29
O13 PTY W . -30.33 -9.93 2.90
O14 PTY W . -30.75 -12.05 4.19
N1 PTY W . -30.31 -9.79 -1.04
C10 Q3G X . -27.51 -17.69 36.23
C13 Q3G X . -28.19 -18.03 39.99
C15 Q3G X . -28.94 -18.75 42.30
C17 Q3G X . -30.14 -20.92 42.73
C21 Q3G X . -31.67 -23.09 43.19
C22 Q3G X . -32.72 -24.02 43.72
C09 Q3G X . -28.72 -18.47 35.77
C11 Q3G X . -27.17 -17.88 37.69
C12 Q3G X . -28.30 -18.38 38.54
C14 Q3G X . -29.31 -18.58 40.85
C16 Q3G X . -28.82 -20.21 42.76
C18 Q3G X . -30.73 -21.12 44.09
C23 Q3G X . -32.18 -25.13 44.58
C29 Q3G X . -28.92 -24.56 45.66
C30 Q3G X . -27.67 -24.75 46.50
C31 Q3G X . -26.56 -23.78 46.10
C36 Q3G X . -34.88 -22.98 43.94
C38 Q3G X . -35.34 -24.03 42.98
C39 Q3G X . -36.17 -23.48 41.86
C40 Q3G X . -35.33 -23.00 40.69
C41 Q3G X . -34.07 -23.79 40.47
C42 Q3G X . -33.29 -23.39 39.24
C43 Q3G X . -33.51 -24.31 38.07
C44 Q3G X . -34.14 -23.66 36.87
C45 Q3G X . -33.15 -23.19 35.82
N34 Q3G X . -27.19 -26.16 46.37
O19 Q3G X . -30.90 -20.26 44.90
O20 Q3G X . -31.05 -22.40 44.30
O24 Q3G X . -32.20 -24.73 45.98
O26 Q3G X . -31.55 -26.60 47.56
O27 Q3G X . -30.67 -24.17 47.89
O28 Q3G X . -29.85 -25.62 45.99
O32 Q3G X . -25.46 -23.90 46.68
O33 Q3G X . -26.84 -22.94 45.22
O35 Q3G X . -33.68 -23.25 44.50
O37 Q3G X . -35.51 -22.00 44.21
P25 Q3G X . -31.08 -25.30 46.97
C8 Q3G X . -28.39 -19.69 34.95
C46 Q3G X . -32.03 -24.16 35.57
C47 Q3G X . -31.19 -23.82 34.36
C48 Q3G X . -31.36 -24.76 33.20
C49 Q3G X . -30.07 -25.40 32.72
C50 Q3G X . -30.07 -25.76 31.26
C51 Q3G X . -28.88 -25.27 30.49
C52 Q3G X . -28.37 -26.24 29.45
C10 Q3G Y . -40.18 18.45 22.33
C13 Q3G Y . -42.66 15.85 23.41
C15 Q3G Y . -43.10 15.78 25.90
C17 Q3G Y . -45.52 16.28 26.38
C21 Q3G Y . -47.85 18.09 27.73
C22 Q3G Y . -49.07 17.80 28.57
C09 Q3G Y . -39.68 18.02 20.99
C11 Q3G Y . -41.60 18.01 22.64
C12 Q3G Y . -41.68 16.95 23.72
C14 Q3G Y . -43.66 15.59 24.51
C16 Q3G Y . -44.17 15.98 26.97
C18 Q3G Y . -46.65 16.09 27.35
C23 Q3G Y . -50.04 18.96 28.65
C29 Q3G Y . -54.53 17.35 30.24
C30 Q3G Y . -55.82 17.98 29.78
C31 Q3G Y . -55.92 18.04 28.26
C36 Q3G Y . -49.93 16.57 26.70
C38 Q3G Y . -49.91 15.15 26.18
C39 Q3G Y . -49.45 15.05 24.76
C40 Q3G Y . -47.94 15.01 24.62
C41 Q3G Y . -47.35 13.63 24.78
C42 Q3G Y . -47.77 12.65 23.71
C43 Q3G Y . -47.28 12.99 22.33
C44 Q3G Y . -45.93 13.67 22.30
C45 Q3G Y . -44.84 12.86 21.65
N34 Q3G Y . -55.93 19.36 30.35
O19 Q3G Y . -47.33 15.11 27.44
O20 Q3G Y . -46.81 17.17 28.12
O24 Q3G Y . -51.39 18.53 28.34
O26 Q3G Y . -51.22 17.16 30.44
O27 Q3G Y . -52.50 16.27 28.35
O28 Q3G Y . -53.44 18.15 29.74
O32 Q3G Y . -56.71 17.24 27.70
O33 Q3G Y . -55.20 18.87 27.67
O35 Q3G Y . -49.74 16.62 28.03
O37 Q3G Y . -50.13 17.54 26.03
P25 Q3G Y . -52.10 17.41 29.24
C8 Q3G Y . -38.53 18.84 20.46
C7 Q3G Y . -37.28 18.05 20.17
C6 Q3G Y . -36.01 18.74 20.57
C5 Q3G Y . -34.75 17.99 20.19
C4 Q3G Y . -34.03 18.54 18.99
C3 Q3G Y . -33.13 17.55 18.29
C2 Q3G Y . -32.83 17.91 16.86
C46 Q3G Y . -45.03 12.65 20.17
C47 Q3G Y . -44.24 13.59 19.30
C48 Q3G Y . -42.74 13.43 19.40
C49 Q3G Y . -42.05 13.28 18.07
C50 Q3G Y . -40.72 13.99 17.99
C51 Q3G Y . -40.65 15.01 16.87
C1 Q3G Y . -31.53 17.33 16.34
C52 Q3G Y . -41.07 14.47 15.53
C1 PTY Z . -33.81 -5.05 2.19
C2 PTY Z . -32.29 -7.64 -1.16
C3 PTY Z . -31.47 -6.90 -2.18
O4 PTY Z . -33.88 -3.69 1.72
C5 PTY Z . -31.40 -5.53 1.57
C6 PTY Z . -32.40 -5.33 2.68
O7 PTY Z . -32.46 -6.51 3.53
C8 PTY Z . -31.34 -6.93 4.13
O10 PTY Z . -30.49 -7.56 3.56
C11 PTY Z . -31.28 -6.57 5.58
C12 PTY Z . -32.32 -7.27 6.40
C13 PTY Z . -32.30 -6.85 7.86
C14 PTY Z . -32.21 -8.00 8.84
C15 PTY Z . -33.25 -7.95 9.93
C16 PTY Z . -32.88 -8.78 11.15
C17 PTY Z . -34.07 -9.12 12.03
C18 PTY Z . -34.51 -8.00 12.93
C19 PTY Z . -34.37 -8.28 14.40
C20 PTY Z . -33.36 -7.41 15.10
C21 PTY Z . -32.24 -8.15 15.78
C30 PTY Z . -35.07 -3.11 1.81
C31 PTY Z . -35.51 -2.98 3.24
O30 PTY Z . -35.70 -2.74 0.86
C32 PTY Z . -35.65 -1.57 3.70
C33 PTY Z . -36.67 -1.41 4.80
C34 PTY Z . -36.18 -0.65 6.00
C35 PTY Z . -36.42 -1.33 7.32
C36 PTY Z . -37.87 -1.39 7.72
C37 PTY Z . -38.09 -1.45 9.21
C38 PTY Z . -38.72 -0.20 9.79
C39 PTY Z . -40.10 -0.41 10.36
C40 PTY Z . -40.50 0.61 11.40
C41 PTY Z . -40.67 0.02 12.79
C42 PTY Z . -41.67 0.76 13.64
C43 PTY Z . -41.96 0.10 14.96
C44 PTY Z . -42.48 1.06 16.02
P1 PTY Z . -30.82 -4.70 -0.86
O11 PTY Z . -31.65 -5.46 -2.01
O12 PTY Z . -29.60 -5.51 -0.56
O13 PTY Z . -30.68 -3.27 -1.29
O14 PTY Z . -31.81 -4.78 0.40
N1 PTY Z . -33.44 -6.87 -0.69
CAA A1ADG AA . -9.87 18.97 -20.10
CAB A1ADG AA . -10.12 20.26 -20.54
CAC A1ADG AA . -10.98 21.00 -19.74
CAD A1ADG AA . -11.32 22.30 -20.08
CAE A1ADG AA . -10.80 22.87 -21.22
CAF A1ADG AA . -9.95 22.13 -22.02
CAG A1ADG AA . -9.59 20.84 -21.70
CAI A1ADG AA . -9.28 19.34 -23.46
CAK A1ADG AA . -7.20 18.89 -24.38
CAL A1ADG AA . -6.43 18.19 -25.30
CAM A1ADG AA . -5.05 18.38 -25.33
CAN A1ADG AA . -4.47 19.27 -24.44
CAO A1ADG AA . -5.25 19.96 -23.52
CAP A1ADG AA . -6.62 19.76 -23.48
CAQ A1ADG AA . -7.45 20.44 -22.57
CAS A1ADG AA . -10.63 19.09 -23.52
NAH A1ADG AA . -8.77 20.20 -22.57
NAJ A1ADG AA . -8.52 18.69 -24.36
OAR A1ADG AA . -6.99 21.23 -21.76
#